data_5LRR
#
_entry.id   5LRR
#
_cell.length_a   116.265
_cell.length_b   184.227
_cell.length_c   100.457
_cell.angle_alpha   90.00
_cell.angle_beta   90.00
_cell.angle_gamma   90.00
#
_symmetry.space_group_name_H-M   'P 21 21 2'
#
loop_
_entity.id
_entity.type
_entity.pdbx_description
1 polymer 'Listeriolysin positive regulatory factor A'
2 non-polymer GLUTATHIONE
3 non-polymer 'SODIUM ION'
4 non-polymer 'HYDROGENPHOSPHATE ION'
5 water water
#
_entity_poly.entity_id   1
_entity_poly.type   'polypeptide(L)'
_entity_poly.pdbx_seq_one_letter_code
;MNAQAEEFKKYLETNGIKPKQFHKKELIFNQWDPQEYCIFLYDGITKLTSISENGTIMNLQYYKGAFVIMSGFIDTETSV
GYYNLEVISEQATAYVIKINELKELLSKNLTHFFYVFQTLQKQVSYSLAKFNDFSINGKLGSICGQLLILTYVYGKETPD
GIKITLDNLTMQELGYSSGIAHSSAVSRIISKLKQEKVIVYKNSCFYVQNLDYLKRYAPKLDEWFYLACPATWGKLN
;
_entity_poly.pdbx_strand_id   A,B,C,D,E,F,G,H
#
loop_
_chem_comp.id
_chem_comp.type
_chem_comp.name
_chem_comp.formula
GSH non-polymer GLUTATHIONE 'C10 H17 N3 O6 S'
NA non-polymer 'SODIUM ION' 'Na 1'
PI non-polymer 'HYDROGENPHOSPHATE ION' 'H O4 P -2'
#
# COMPACT_ATOMS: atom_id res chain seq x y z
N ASN A 2 -21.32 2.66 13.21
CA ASN A 2 -20.32 2.41 14.23
C ASN A 2 -19.81 0.96 14.12
N ALA A 3 -20.74 0.01 14.22
CA ALA A 3 -20.36 -1.40 14.10
C ALA A 3 -19.81 -1.70 12.70
N GLN A 4 -20.55 -1.30 11.66
CA GLN A 4 -20.07 -1.53 10.30
C GLN A 4 -18.74 -0.82 10.05
N ALA A 5 -18.57 0.36 10.66
CA ALA A 5 -17.31 1.07 10.49
C ALA A 5 -16.16 0.35 11.21
N GLU A 6 -16.44 -0.18 12.40
CA GLU A 6 -15.42 -0.93 13.11
C GLU A 6 -14.94 -2.14 12.31
N GLU A 7 -15.88 -2.87 11.71
CA GLU A 7 -15.50 -4.02 10.89
C GLU A 7 -14.70 -3.59 9.68
N PHE A 8 -15.07 -2.46 9.06
CA PHE A 8 -14.32 -1.96 7.92
C PHE A 8 -12.91 -1.55 8.33
N LYS A 9 -12.79 -0.95 9.52
CA LYS A 9 -11.48 -0.59 10.05
C LYS A 9 -10.60 -1.83 10.21
N LYS A 10 -11.14 -2.86 10.89
CA LYS A 10 -10.39 -4.11 11.02
C LYS A 10 -10.01 -4.67 9.67
N TYR A 11 -10.93 -4.65 8.71
CA TYR A 11 -10.66 -5.17 7.37
C TYR A 11 -9.52 -4.41 6.70
N LEU A 12 -9.50 -3.10 6.89
CA LEU A 12 -8.44 -2.27 6.30
C LEU A 12 -7.07 -2.60 6.87
N GLU A 13 -6.99 -2.81 8.19
CA GLU A 13 -5.71 -3.14 8.81
C GLU A 13 -5.26 -4.55 8.46
N THR A 14 -6.21 -5.45 8.18
CA THR A 14 -5.85 -6.80 7.74
C THR A 14 -5.22 -6.77 6.35
N ASN A 15 -5.58 -5.81 5.52
CA ASN A 15 -5.04 -5.68 4.17
C ASN A 15 -3.88 -4.69 4.10
N GLY A 16 -3.32 -4.31 5.25
CA GLY A 16 -2.11 -3.51 5.27
C GLY A 16 -2.33 -2.01 5.20
N ILE A 17 -3.57 -1.53 5.17
CA ILE A 17 -3.84 -0.10 5.19
C ILE A 17 -3.66 0.39 6.62
N LYS A 18 -2.70 1.33 6.82
CA LYS A 18 -2.38 1.77 8.17
C LYS A 18 -3.15 3.05 8.52
N PRO A 19 -3.50 3.25 9.79
CA PRO A 19 -4.08 4.53 10.19
C PRO A 19 -3.05 5.64 10.14
N LYS A 20 -3.53 6.86 9.90
CA LYS A 20 -2.67 8.04 9.85
C LYS A 20 -3.29 9.13 10.70
N GLN A 21 -2.47 9.74 11.54
CA GLN A 21 -2.91 10.85 12.38
C GLN A 21 -2.70 12.17 11.64
N PHE A 22 -3.70 13.04 11.76
CA PHE A 22 -3.63 14.39 11.22
C PHE A 22 -3.98 15.37 12.33
N HIS A 23 -3.38 16.56 12.26
N HIS A 23 -3.38 16.56 12.26
CA HIS A 23 -3.61 17.59 13.26
CA HIS A 23 -3.58 17.60 13.25
C HIS A 23 -4.39 18.75 12.65
C HIS A 23 -4.40 18.74 12.64
N LYS A 24 -4.98 19.54 13.52
CA LYS A 24 -5.82 20.67 13.11
C LYS A 24 -5.14 21.51 12.03
N LYS A 25 -5.92 21.86 11.00
CA LYS A 25 -5.51 22.71 9.88
C LYS A 25 -4.85 21.92 8.75
N GLU A 26 -4.31 20.74 9.04
CA GLU A 26 -3.72 19.93 7.99
C GLU A 26 -4.78 19.50 6.98
N LEU A 27 -4.35 19.27 5.74
CA LEU A 27 -5.22 18.87 4.65
C LEU A 27 -4.96 17.40 4.32
N ILE A 28 -5.96 16.56 4.53
CA ILE A 28 -5.82 15.14 4.19
C ILE A 28 -5.65 14.99 2.68
N PHE A 29 -6.40 15.77 1.90
CA PHE A 29 -6.08 15.99 0.51
C PHE A 29 -6.43 17.43 0.17
N ASN A 30 -5.82 17.94 -0.90
CA ASN A 30 -5.98 19.34 -1.27
C ASN A 30 -6.39 19.44 -2.73
N GLN A 31 -6.83 20.64 -3.11
CA GLN A 31 -7.44 20.88 -4.42
C GLN A 31 -6.42 21.09 -5.54
N TRP A 32 -5.13 21.11 -5.24
CA TRP A 32 -4.10 21.13 -6.29
C TRP A 32 -3.35 19.82 -6.39
N ASP A 33 -3.62 18.86 -5.50
CA ASP A 33 -3.00 17.52 -5.59
C ASP A 33 -3.50 16.81 -6.85
N PRO A 34 -2.62 16.23 -7.67
CA PRO A 34 -3.10 15.41 -8.80
C PRO A 34 -3.53 14.00 -8.42
N GLN A 35 -3.20 13.52 -7.23
CA GLN A 35 -3.54 12.17 -6.81
C GLN A 35 -4.90 12.16 -6.12
N GLU A 36 -5.70 11.13 -6.40
CA GLU A 36 -7.03 10.96 -5.83
C GLU A 36 -7.07 9.75 -4.91
N TYR A 37 -7.99 9.79 -3.95
CA TYR A 37 -8.01 8.82 -2.86
C TYR A 37 -9.44 8.41 -2.53
N CYS A 38 -9.54 7.33 -1.77
CA CYS A 38 -10.68 7.05 -0.92
C CYS A 38 -10.22 7.26 0.52
N ILE A 39 -10.83 8.20 1.22
CA ILE A 39 -10.49 8.50 2.60
C ILE A 39 -11.53 7.86 3.50
N PHE A 40 -11.10 6.93 4.33
CA PHE A 40 -11.94 6.41 5.41
C PHE A 40 -11.59 7.21 6.65
N LEU A 41 -12.37 8.27 6.90
CA LEU A 41 -12.22 9.06 8.10
C LEU A 41 -12.77 8.25 9.28
N TYR A 42 -11.88 7.74 10.13
CA TYR A 42 -12.30 6.89 11.23
C TYR A 42 -12.73 7.71 12.44
N ASP A 43 -11.97 8.75 12.77
CA ASP A 43 -12.21 9.54 13.98
C ASP A 43 -11.78 10.97 13.72
N GLY A 44 -12.55 11.91 14.27
CA GLY A 44 -12.25 13.33 14.17
C GLY A 44 -13.27 14.05 13.32
N ILE A 45 -13.03 15.36 13.17
CA ILE A 45 -13.94 16.24 12.45
C ILE A 45 -13.14 16.96 11.37
N THR A 46 -13.70 17.00 10.16
CA THR A 46 -13.07 17.65 9.03
C THR A 46 -14.10 18.49 8.30
N LYS A 47 -13.62 19.37 7.43
CA LYS A 47 -14.49 20.13 6.54
C LYS A 47 -13.97 20.03 5.11
N LEU A 48 -14.91 19.93 4.18
CA LEU A 48 -14.62 19.89 2.76
C LEU A 48 -14.79 21.30 2.19
N THR A 49 -13.72 21.86 1.64
CA THR A 49 -13.70 23.25 1.22
C THR A 49 -13.31 23.38 -0.25
N SER A 50 -13.60 24.56 -0.79
CA SER A 50 -13.17 24.95 -2.11
C SER A 50 -12.72 26.41 -2.05
N ILE A 51 -11.52 26.68 -2.55
CA ILE A 51 -10.94 28.02 -2.52
C ILE A 51 -10.89 28.56 -3.94
N SER A 52 -11.57 29.68 -4.16
CA SER A 52 -11.58 30.30 -5.47
C SER A 52 -10.27 31.03 -5.75
N GLU A 53 -10.13 31.52 -6.98
CA GLU A 53 -8.89 32.20 -7.38
C GLU A 53 -8.58 33.38 -6.48
N ASN A 54 -9.59 34.14 -6.05
CA ASN A 54 -9.37 35.32 -5.24
C ASN A 54 -9.26 35.02 -3.75
N GLY A 55 -9.27 33.76 -3.36
CA GLY A 55 -9.16 33.39 -1.97
C GLY A 55 -10.48 33.28 -1.23
N THR A 56 -11.61 33.37 -1.94
CA THR A 56 -12.90 33.15 -1.30
C THR A 56 -13.06 31.68 -0.95
N ILE A 57 -13.65 31.41 0.22
CA ILE A 57 -13.73 30.06 0.78
C ILE A 57 -15.19 29.63 0.82
N MET A 58 -15.47 28.47 0.25
CA MET A 58 -16.77 27.82 0.38
C MET A 58 -16.59 26.56 1.23
N ASN A 59 -17.37 26.48 2.31
CA ASN A 59 -17.46 25.25 3.11
C ASN A 59 -18.60 24.41 2.55
N LEU A 60 -18.25 23.30 1.89
CA LEU A 60 -19.28 22.46 1.30
C LEU A 60 -20.02 21.66 2.37
N GLN A 61 -19.31 21.22 3.40
CA GLN A 61 -19.91 20.52 4.53
C GLN A 61 -18.78 20.10 5.46
N TYR A 62 -19.15 19.62 6.65
CA TYR A 62 -18.23 18.90 7.52
C TYR A 62 -18.41 17.40 7.33
N TYR A 63 -17.40 16.65 7.80
CA TYR A 63 -17.47 15.21 7.94
C TYR A 63 -17.00 14.85 9.34
N LYS A 64 -17.78 14.04 10.03
CA LYS A 64 -17.42 13.53 11.35
C LYS A 64 -17.28 12.01 11.24
N GLY A 65 -16.11 11.50 11.62
CA GLY A 65 -15.85 10.08 11.50
C GLY A 65 -16.81 9.29 12.37
N ALA A 66 -17.22 8.09 11.94
CA ALA A 66 -16.68 7.42 10.76
C ALA A 66 -17.48 7.80 9.51
N PHE A 67 -16.78 7.94 8.38
CA PHE A 67 -17.44 8.18 7.10
C PHE A 67 -16.43 7.97 5.99
N VAL A 68 -16.93 7.99 4.75
CA VAL A 68 -16.11 7.77 3.56
C VAL A 68 -16.17 9.03 2.69
N ILE A 69 -15.00 9.52 2.28
CA ILE A 69 -14.90 10.69 1.40
C ILE A 69 -14.08 10.30 0.18
N MET A 70 -14.66 10.44 -1.01
CA MET A 70 -14.03 10.06 -2.26
C MET A 70 -13.56 11.31 -3.00
N SER A 71 -12.31 11.29 -3.48
CA SER A 71 -11.79 12.36 -4.33
C SER A 71 -11.55 11.88 -5.76
N GLY A 72 -11.82 10.62 -6.06
CA GLY A 72 -11.70 10.11 -7.42
C GLY A 72 -12.75 9.05 -7.69
N PHE A 73 -13.00 8.82 -8.98
CA PHE A 73 -13.95 7.79 -9.40
C PHE A 73 -13.29 6.43 -9.39
N ILE A 74 -14.03 5.43 -8.90
CA ILE A 74 -13.48 4.07 -8.83
C ILE A 74 -13.30 3.50 -10.23
N ASP A 75 -14.26 3.74 -11.12
CA ASP A 75 -14.25 3.08 -12.43
C ASP A 75 -13.26 3.69 -13.40
N THR A 76 -13.00 5.00 -13.31
CA THR A 76 -12.08 5.67 -14.21
C THR A 76 -10.77 6.09 -13.53
N GLU A 77 -10.73 6.13 -12.20
CA GLU A 77 -9.57 6.65 -11.47
C GLU A 77 -9.30 8.10 -11.85
N THR A 78 -10.38 8.83 -12.14
CA THR A 78 -10.34 10.26 -12.45
C THR A 78 -10.86 11.05 -11.26
N SER A 79 -10.40 12.29 -11.14
CA SER A 79 -10.89 13.16 -10.09
C SER A 79 -12.40 13.37 -10.21
N VAL A 80 -13.06 13.50 -9.06
CA VAL A 80 -14.49 13.83 -9.03
C VAL A 80 -14.74 15.32 -8.96
N GLY A 81 -13.69 16.12 -8.87
CA GLY A 81 -13.80 17.53 -8.52
C GLY A 81 -12.75 17.81 -7.48
N TYR A 82 -12.26 19.06 -7.47
CA TYR A 82 -11.09 19.43 -6.69
C TYR A 82 -11.52 20.16 -5.43
N TYR A 83 -11.21 19.55 -4.28
CA TYR A 83 -11.60 20.09 -2.99
C TYR A 83 -10.47 19.85 -1.99
N ASN A 84 -10.57 20.52 -0.86
CA ASN A 84 -9.67 20.30 0.27
C ASN A 84 -10.45 19.60 1.38
N LEU A 85 -9.78 18.70 2.08
CA LEU A 85 -10.35 18.05 3.26
C LEU A 85 -9.48 18.47 4.46
N GLU A 86 -9.97 19.43 5.22
CA GLU A 86 -9.21 20.09 6.26
C GLU A 86 -9.65 19.59 7.63
N VAL A 87 -8.70 19.28 8.49
CA VAL A 87 -8.98 18.84 9.85
C VAL A 87 -9.34 20.05 10.70
N ILE A 88 -10.43 19.96 11.45
CA ILE A 88 -10.79 21.03 12.38
C ILE A 88 -10.81 20.56 13.83
N SER A 89 -10.96 19.27 14.10
CA SER A 89 -10.69 18.78 15.44
C SER A 89 -9.19 18.86 15.73
N GLU A 90 -8.83 18.77 17.01
CA GLU A 90 -7.42 18.80 17.37
C GLU A 90 -6.65 17.67 16.70
N GLN A 91 -7.28 16.52 16.54
CA GLN A 91 -6.67 15.40 15.85
C GLN A 91 -7.75 14.65 15.07
N ALA A 92 -7.32 14.00 13.99
CA ALA A 92 -8.18 13.13 13.22
C ALA A 92 -7.40 11.89 12.83
N THR A 93 -8.12 10.77 12.72
CA THR A 93 -7.54 9.49 12.33
C THR A 93 -8.23 9.06 11.05
N ALA A 94 -7.44 8.82 10.00
CA ALA A 94 -7.98 8.50 8.70
C ALA A 94 -7.12 7.44 8.03
N TYR A 95 -7.77 6.60 7.23
CA TYR A 95 -7.10 5.59 6.42
C TYR A 95 -7.10 6.08 4.98
N VAL A 96 -5.92 6.31 4.43
CA VAL A 96 -5.76 6.93 3.12
C VAL A 96 -5.56 5.82 2.10
N ILE A 97 -6.58 5.55 1.31
CA ILE A 97 -6.59 4.47 0.34
C ILE A 97 -6.46 5.08 -1.05
N LYS A 98 -5.40 4.71 -1.76
CA LYS A 98 -5.26 5.12 -3.14
C LYS A 98 -6.42 4.58 -3.97
N ILE A 99 -6.95 5.42 -4.84
CA ILE A 99 -8.22 5.10 -5.50
C ILE A 99 -8.10 3.84 -6.35
N ASN A 100 -6.91 3.58 -6.89
CA ASN A 100 -6.68 2.42 -7.75
C ASN A 100 -6.61 1.11 -6.97
N GLU A 101 -6.64 1.15 -5.64
CA GLU A 101 -6.68 -0.05 -4.82
C GLU A 101 -8.07 -0.35 -4.27
N LEU A 102 -8.99 0.61 -4.35
CA LEU A 102 -10.28 0.44 -3.70
C LEU A 102 -11.13 -0.63 -4.39
N LYS A 103 -11.06 -0.71 -5.71
CA LYS A 103 -11.90 -1.66 -6.44
C LYS A 103 -11.64 -3.08 -5.97
N GLU A 104 -10.38 -3.46 -5.78
CA GLU A 104 -10.09 -4.82 -5.33
C GLU A 104 -10.56 -5.04 -3.90
N LEU A 105 -10.36 -4.05 -3.02
CA LEU A 105 -10.77 -4.19 -1.63
C LEU A 105 -12.27 -4.43 -1.50
N LEU A 106 -13.07 -3.74 -2.31
CA LEU A 106 -14.51 -3.91 -2.23
C LEU A 106 -14.98 -5.15 -2.98
N SER A 107 -14.33 -5.49 -4.09
CA SER A 107 -14.68 -6.72 -4.79
C SER A 107 -14.53 -7.95 -3.91
N LYS A 108 -13.54 -7.94 -3.02
CA LYS A 108 -13.22 -9.11 -2.21
C LYS A 108 -14.13 -9.30 -1.02
N ASN A 109 -15.04 -8.37 -0.75
CA ASN A 109 -15.89 -8.47 0.44
C ASN A 109 -17.13 -7.62 0.23
N LEU A 110 -18.26 -8.28 -0.03
CA LEU A 110 -19.49 -7.56 -0.31
C LEU A 110 -20.02 -6.83 0.91
N THR A 111 -19.80 -7.37 2.11
CA THR A 111 -20.23 -6.68 3.32
C THR A 111 -19.70 -5.25 3.36
N HIS A 112 -18.43 -5.07 3.00
CA HIS A 112 -17.84 -3.75 3.04
C HIS A 112 -18.20 -2.94 1.81
N PHE A 113 -18.33 -3.58 0.66
CA PHE A 113 -18.87 -2.90 -0.51
C PHE A 113 -20.20 -2.25 -0.18
N PHE A 114 -21.10 -3.00 0.46
CA PHE A 114 -22.40 -2.44 0.84
C PHE A 114 -22.28 -1.38 1.92
N TYR A 115 -21.27 -1.48 2.79
CA TYR A 115 -21.04 -0.40 3.76
C TYR A 115 -20.67 0.90 3.05
N VAL A 116 -19.71 0.84 2.13
CA VAL A 116 -19.30 2.05 1.40
C VAL A 116 -20.45 2.57 0.55
N PHE A 117 -21.17 1.67 -0.11
CA PHE A 117 -22.35 2.07 -0.88
C PHE A 117 -23.36 2.78 0.00
N GLN A 118 -23.61 2.25 1.18
CA GLN A 118 -24.53 2.88 2.13
C GLN A 118 -24.10 4.30 2.47
N THR A 119 -22.80 4.50 2.70
CA THR A 119 -22.33 5.83 3.09
C THR A 119 -22.52 6.83 1.95
N LEU A 120 -22.29 6.38 0.70
CA LEU A 120 -22.53 7.27 -0.43
C LEU A 120 -24.02 7.59 -0.59
N GLN A 121 -24.90 6.63 -0.27
CA GLN A 121 -26.33 6.93 -0.29
C GLN A 121 -26.67 7.99 0.75
N LYS A 122 -26.07 7.92 1.93
CA LYS A 122 -26.33 8.93 2.95
C LYS A 122 -25.79 10.29 2.52
N GLN A 123 -24.65 10.30 1.83
CA GLN A 123 -24.13 11.54 1.25
C GLN A 123 -25.12 12.12 0.25
N VAL A 124 -25.63 11.30 -0.66
CA VAL A 124 -26.57 11.77 -1.66
C VAL A 124 -27.79 12.39 -1.00
N SER A 125 -28.42 11.66 -0.07
CA SER A 125 -29.65 12.15 0.55
C SER A 125 -29.38 13.35 1.45
N TYR A 126 -28.20 13.43 2.07
CA TYR A 126 -27.84 14.62 2.83
C TYR A 126 -27.78 15.84 1.93
N SER A 127 -27.09 15.73 0.78
CA SER A 127 -26.92 16.87 -0.10
C SER A 127 -28.24 17.34 -0.67
N LEU A 128 -29.12 16.41 -1.04
CA LEU A 128 -30.42 16.78 -1.60
C LEU A 128 -31.25 17.53 -0.58
N ALA A 129 -31.38 16.98 0.63
CA ALA A 129 -32.10 17.67 1.69
C ALA A 129 -31.49 19.04 1.96
N LYS A 130 -30.17 19.10 2.12
CA LYS A 130 -29.49 20.37 2.35
C LYS A 130 -29.79 21.36 1.23
N PHE A 131 -29.71 20.89 -0.02
CA PHE A 131 -29.99 21.77 -1.15
C PHE A 131 -31.40 22.33 -1.09
N ASN A 132 -32.36 21.51 -0.67
CA ASN A 132 -33.75 21.97 -0.56
C ASN A 132 -33.87 23.08 0.48
N ASP A 133 -33.34 22.86 1.68
CA ASP A 133 -33.53 23.82 2.76
C ASP A 133 -32.74 25.10 2.51
N PHE A 134 -31.49 24.99 2.04
CA PHE A 134 -30.65 26.15 1.86
C PHE A 134 -31.12 27.05 0.72
N SER A 135 -31.95 26.53 -0.19
CA SER A 135 -32.39 27.29 -1.35
C SER A 135 -33.72 28.01 -1.16
N ILE A 136 -34.55 27.57 -0.22
CA ILE A 136 -35.97 27.94 -0.20
C ILE A 136 -36.20 29.25 0.53
N ASN A 137 -35.62 29.43 1.72
CA ASN A 137 -35.93 30.56 2.59
C ASN A 137 -34.80 31.58 2.64
N GLY A 138 -34.02 31.70 1.57
CA GLY A 138 -33.01 32.74 1.51
C GLY A 138 -31.91 32.54 2.54
N LYS A 139 -31.39 33.67 3.02
CA LYS A 139 -30.24 33.63 3.93
C LYS A 139 -30.64 33.10 5.30
N LEU A 140 -31.82 33.47 5.80
CA LEU A 140 -32.26 32.97 7.09
C LEU A 140 -32.38 31.45 7.07
N GLY A 141 -33.01 30.90 6.03
CA GLY A 141 -33.10 29.46 5.91
C GLY A 141 -31.74 28.78 5.83
N SER A 142 -30.76 29.46 5.21
CA SER A 142 -29.42 28.90 5.09
C SER A 142 -28.75 28.83 6.46
N ILE A 143 -28.83 29.90 7.25
CA ILE A 143 -28.24 29.88 8.58
C ILE A 143 -28.97 28.88 9.47
N CYS A 144 -30.30 28.92 9.46
CA CYS A 144 -31.06 28.01 10.30
C CYS A 144 -30.80 26.56 9.92
N GLY A 145 -30.67 26.28 8.63
CA GLY A 145 -30.34 24.93 8.20
C GLY A 145 -28.95 24.52 8.63
N GLN A 146 -27.97 25.42 8.49
CA GLN A 146 -26.63 25.12 8.94
C GLN A 146 -26.60 24.92 10.45
N LEU A 147 -27.28 25.79 11.20
CA LEU A 147 -27.35 25.62 12.64
C LEU A 147 -28.01 24.29 13.02
N LEU A 148 -29.07 23.91 12.29
CA LEU A 148 -29.74 22.65 12.60
C LEU A 148 -28.81 21.47 12.38
N ILE A 149 -28.07 21.47 11.26
CA ILE A 149 -27.08 20.42 11.01
C ILE A 149 -26.10 20.34 12.18
N LEU A 150 -25.55 21.49 12.59
CA LEU A 150 -24.58 21.50 13.66
C LEU A 150 -25.21 21.08 14.99
N THR A 151 -26.48 21.41 15.19
CA THR A 151 -27.15 21.01 16.41
C THR A 151 -27.27 19.50 16.51
N TYR A 152 -27.66 18.84 15.42
CA TYR A 152 -27.84 17.39 15.45
C TYR A 152 -26.51 16.66 15.52
N VAL A 153 -25.51 17.11 14.76
CA VAL A 153 -24.29 16.33 14.63
C VAL A 153 -23.34 16.58 15.80
N TYR A 154 -23.30 17.82 16.30
CA TYR A 154 -22.36 18.20 17.35
C TYR A 154 -23.05 18.73 18.60
N GLY A 155 -24.36 18.56 18.72
CA GLY A 155 -25.08 19.12 19.85
C GLY A 155 -25.06 18.21 21.07
N LYS A 156 -25.06 18.84 22.23
CA LYS A 156 -25.12 18.14 23.51
C LYS A 156 -26.18 18.78 24.38
N GLU A 157 -27.13 17.97 24.86
CA GLU A 157 -28.16 18.47 25.76
C GLU A 157 -27.55 19.00 27.04
N THR A 158 -27.98 20.18 27.46
CA THR A 158 -27.56 20.74 28.73
C THR A 158 -28.74 21.53 29.31
N PRO A 159 -28.65 21.93 30.58
CA PRO A 159 -29.73 22.75 31.14
C PRO A 159 -29.91 24.07 30.42
N ASP A 160 -28.87 24.59 29.77
CA ASP A 160 -28.95 25.86 29.06
C ASP A 160 -29.41 25.71 27.61
N GLY A 161 -29.52 24.49 27.11
CA GLY A 161 -29.97 24.25 25.75
C GLY A 161 -29.08 23.22 25.10
N ILE A 162 -29.22 23.09 23.79
CA ILE A 162 -28.41 22.15 23.01
C ILE A 162 -27.11 22.86 22.66
N LYS A 163 -26.02 22.45 23.33
CA LYS A 163 -24.73 23.09 23.15
C LYS A 163 -24.07 22.55 21.90
N ILE A 164 -23.79 23.43 20.94
CA ILE A 164 -23.00 23.06 19.76
C ILE A 164 -21.55 22.94 20.21
N THR A 165 -21.04 21.70 20.25
CA THR A 165 -19.74 21.41 20.87
C THR A 165 -18.64 21.44 19.81
N LEU A 166 -18.42 22.63 19.27
CA LEU A 166 -17.30 22.90 18.37
C LEU A 166 -16.41 23.96 19.01
N ASP A 167 -15.10 23.79 18.86
CA ASP A 167 -14.13 24.63 19.55
C ASP A 167 -14.42 26.11 19.38
N ASN A 168 -14.21 26.64 18.18
CA ASN A 168 -14.33 28.08 17.93
C ASN A 168 -15.21 28.29 16.69
N LEU A 169 -16.50 28.05 16.84
CA LEU A 169 -17.46 28.32 15.78
C LEU A 169 -17.65 29.82 15.65
N THR A 170 -17.18 30.40 14.54
CA THR A 170 -17.16 31.84 14.34
C THR A 170 -18.24 32.26 13.35
N MET A 171 -18.38 33.58 13.23
CA MET A 171 -19.35 34.15 12.29
C MET A 171 -18.89 33.94 10.85
N GLN A 172 -17.60 34.08 10.59
CA GLN A 172 -17.10 33.82 9.25
C GLN A 172 -17.29 32.35 8.87
N GLU A 173 -17.04 31.44 9.81
CA GLU A 173 -17.19 30.02 9.53
C GLU A 173 -18.64 29.69 9.14
N LEU A 174 -19.61 30.25 9.86
CA LEU A 174 -21.01 30.07 9.48
C LEU A 174 -21.26 30.65 8.09
N GLY A 175 -20.67 31.80 7.79
CA GLY A 175 -20.81 32.36 6.45
C GLY A 175 -20.26 31.43 5.38
N TYR A 176 -19.06 30.89 5.63
CA TYR A 176 -18.49 29.94 4.69
C TYR A 176 -19.42 28.74 4.48
N SER A 177 -20.10 28.31 5.54
CA SER A 177 -20.94 27.13 5.47
C SER A 177 -22.33 27.40 4.92
N SER A 178 -22.82 28.64 5.01
CA SER A 178 -24.15 28.99 4.54
C SER A 178 -24.15 29.64 3.16
N GLY A 179 -22.97 29.90 2.60
CA GLY A 179 -22.89 30.56 1.30
C GLY A 179 -23.27 32.03 1.34
N ILE A 180 -22.81 32.74 2.36
CA ILE A 180 -23.15 34.15 2.57
C ILE A 180 -21.86 34.96 2.49
N ALA A 181 -21.89 36.03 1.69
CA ALA A 181 -20.68 36.76 1.33
C ALA A 181 -19.99 37.37 2.55
N HIS A 182 -20.67 38.30 3.22
CA HIS A 182 -20.06 39.11 4.26
C HIS A 182 -20.58 38.73 5.63
N SER A 183 -19.70 38.84 6.64
CA SER A 183 -20.11 38.64 8.02
C SER A 183 -21.20 39.62 8.43
N SER A 184 -21.37 40.72 7.69
CA SER A 184 -22.39 41.71 8.01
C SER A 184 -23.76 41.05 8.10
N ALA A 185 -24.21 40.41 7.01
CA ALA A 185 -25.53 39.81 7.00
C ALA A 185 -25.62 38.64 7.98
N VAL A 186 -24.51 37.95 8.23
CA VAL A 186 -24.53 36.84 9.19
C VAL A 186 -24.74 37.38 10.60
N SER A 187 -24.02 38.44 10.97
CA SER A 187 -24.24 39.08 12.26
C SER A 187 -25.67 39.61 12.36
N ARG A 188 -26.20 40.14 11.25
N ARG A 188 -26.20 40.15 11.26
CA ARG A 188 -27.58 40.63 11.27
CA ARG A 188 -27.57 40.63 11.26
C ARG A 188 -28.56 39.51 11.59
C ARG A 188 -28.55 39.51 11.60
N ILE A 189 -28.34 38.32 11.03
CA ILE A 189 -29.24 37.20 11.27
C ILE A 189 -29.04 36.65 12.67
N ILE A 190 -27.77 36.43 13.06
CA ILE A 190 -27.48 35.85 14.38
C ILE A 190 -28.02 36.76 15.47
N SER A 191 -27.88 38.08 15.31
CA SER A 191 -28.43 39.01 16.29
C SER A 191 -29.92 38.77 16.47
N LYS A 192 -30.66 38.70 15.35
CA LYS A 192 -32.11 38.53 15.43
C LYS A 192 -32.47 37.20 16.08
N LEU A 193 -31.69 36.15 15.80
CA LEU A 193 -31.99 34.84 16.39
C LEU A 193 -31.73 34.85 17.89
N LYS A 194 -30.68 35.54 18.34
CA LYS A 194 -30.45 35.67 19.78
C LYS A 194 -31.55 36.50 20.43
N GLN A 195 -32.03 37.53 19.74
CA GLN A 195 -33.10 38.36 20.26
C GLN A 195 -34.37 37.54 20.49
N GLU A 196 -34.71 36.67 19.55
CA GLU A 196 -35.92 35.87 19.64
C GLU A 196 -35.78 34.65 20.53
N LYS A 197 -34.70 34.54 21.31
CA LYS A 197 -34.49 33.44 22.24
C LYS A 197 -34.23 32.12 21.54
N VAL A 198 -33.91 32.14 20.24
CA VAL A 198 -33.66 30.89 19.53
C VAL A 198 -32.31 30.31 19.91
N ILE A 199 -31.31 31.17 20.15
CA ILE A 199 -29.96 30.73 20.49
C ILE A 199 -29.37 31.71 21.49
N VAL A 200 -28.27 31.30 22.11
CA VAL A 200 -27.47 32.17 22.96
C VAL A 200 -26.00 31.81 22.77
N TYR A 201 -25.13 32.77 23.04
CA TYR A 201 -23.69 32.58 22.95
C TYR A 201 -23.10 32.72 24.34
N LYS A 202 -22.64 31.60 24.91
CA LYS A 202 -21.98 31.63 26.20
C LYS A 202 -20.94 30.52 26.25
N ASN A 203 -19.91 30.72 27.08
CA ASN A 203 -18.81 29.76 27.19
C ASN A 203 -18.17 29.51 25.83
N SER A 204 -18.12 30.55 25.00
CA SER A 204 -17.54 30.49 23.66
C SER A 204 -18.21 29.42 22.80
N CYS A 205 -19.49 29.16 23.04
CA CYS A 205 -20.25 28.19 22.27
C CYS A 205 -21.67 28.69 22.06
N PHE A 206 -22.30 28.20 21.00
CA PHE A 206 -23.70 28.50 20.71
C PHE A 206 -24.58 27.41 21.33
N TYR A 207 -25.61 27.83 22.06
CA TYR A 207 -26.60 26.94 22.65
C TYR A 207 -27.93 27.18 21.94
N VAL A 208 -28.52 26.11 21.41
CA VAL A 208 -29.82 26.21 20.75
C VAL A 208 -30.90 26.02 21.80
N GLN A 209 -31.76 27.04 21.95
CA GLN A 209 -32.82 27.02 22.95
C GLN A 209 -34.20 26.79 22.37
N ASN A 210 -34.39 26.98 21.07
CA ASN A 210 -35.67 26.70 20.41
C ASN A 210 -35.37 25.92 19.14
N LEU A 211 -35.26 24.59 19.27
CA LEU A 211 -34.97 23.75 18.13
C LEU A 211 -36.08 23.77 17.09
N ASP A 212 -37.34 23.97 17.52
CA ASP A 212 -38.46 23.93 16.59
C ASP A 212 -38.41 25.09 15.61
N TYR A 213 -37.91 26.26 16.04
CA TYR A 213 -37.73 27.36 15.11
C TYR A 213 -36.80 26.98 13.97
N LEU A 214 -35.74 26.22 14.28
CA LEU A 214 -34.81 25.78 13.24
C LEU A 214 -35.45 24.72 12.35
N LYS A 215 -36.22 23.80 12.95
CA LYS A 215 -36.93 22.81 12.16
C LYS A 215 -37.86 23.47 11.14
N ARG A 216 -38.45 24.60 11.51
CA ARG A 216 -39.40 25.26 10.62
C ARG A 216 -38.74 25.73 9.34
N TYR A 217 -37.50 26.20 9.43
CA TYR A 217 -36.78 26.69 8.26
C TYR A 217 -35.91 25.63 7.61
N ALA A 218 -35.79 24.44 8.20
CA ALA A 218 -35.02 23.35 7.62
C ALA A 218 -35.79 22.05 7.77
N PRO A 219 -37.00 21.98 7.21
CA PRO A 219 -37.79 20.75 7.38
C PRO A 219 -37.20 19.56 6.66
N LYS A 220 -36.55 19.75 5.51
CA LYS A 220 -36.05 18.62 4.75
C LYS A 220 -34.82 18.01 5.42
N LEU A 221 -33.97 18.85 6.02
CA LEU A 221 -32.83 18.32 6.77
C LEU A 221 -33.30 17.63 8.06
N ASP A 222 -34.27 18.22 8.76
CA ASP A 222 -34.85 17.54 9.91
C ASP A 222 -35.41 16.18 9.50
N GLU A 223 -36.13 16.14 8.37
CA GLU A 223 -36.60 14.87 7.84
C GLU A 223 -35.45 13.90 7.60
N TRP A 224 -34.32 14.41 7.10
CA TRP A 224 -33.21 13.52 6.72
C TRP A 224 -32.53 12.93 7.96
N PHE A 225 -32.37 13.73 9.02
CA PHE A 225 -31.76 13.19 10.24
C PHE A 225 -32.67 12.16 10.90
N TYR A 226 -33.99 12.32 10.75
CA TYR A 226 -34.92 11.35 11.32
C TYR A 226 -34.96 10.07 10.50
N LEU A 227 -34.72 10.15 9.19
CA LEU A 227 -34.79 8.97 8.32
C LEU A 227 -33.45 8.26 8.15
N ALA A 228 -32.34 9.01 8.13
CA ALA A 228 -31.03 8.44 7.86
C ALA A 228 -30.15 8.31 9.08
N CYS A 229 -30.40 9.10 10.13
CA CYS A 229 -29.62 9.05 11.37
C CYS A 229 -30.58 9.04 12.56
N PRO A 230 -31.50 8.07 12.60
CA PRO A 230 -32.52 8.08 13.67
C PRO A 230 -31.94 8.16 15.06
N ALA A 231 -30.88 7.39 15.35
CA ALA A 231 -30.24 7.48 16.66
C ALA A 231 -29.75 8.90 16.93
N THR A 232 -29.03 9.49 15.97
CA THR A 232 -28.63 10.89 16.10
C THR A 232 -29.84 11.79 16.29
N TRP A 233 -30.89 11.57 15.50
CA TRP A 233 -32.10 12.37 15.64
C TRP A 233 -32.76 12.16 17.00
N GLY A 234 -32.86 10.90 17.44
CA GLY A 234 -33.48 10.60 18.72
C GLY A 234 -32.77 11.24 19.90
N LYS A 235 -31.49 11.57 19.74
CA LYS A 235 -30.74 12.23 20.81
C LYS A 235 -31.44 13.48 21.29
N LEU A 236 -32.11 14.21 20.39
CA LEU A 236 -32.69 15.50 20.71
C LEU A 236 -34.21 15.54 20.58
N ASN A 237 -34.86 14.41 20.30
CA ASN A 237 -36.31 14.38 20.18
C ASN A 237 -36.88 13.18 20.93
N ASN B 2 -23.99 4.47 -24.34
CA ASN B 2 -23.66 4.08 -22.98
C ASN B 2 -23.58 2.55 -22.88
N ALA B 3 -22.36 2.02 -22.93
CA ALA B 3 -22.16 0.58 -22.94
C ALA B 3 -22.55 -0.04 -21.60
N GLN B 4 -22.05 0.53 -20.50
CA GLN B 4 -22.32 -0.04 -19.18
C GLN B 4 -23.81 -0.02 -18.86
N ALA B 5 -24.53 1.00 -19.33
CA ALA B 5 -25.98 1.06 -19.11
C ALA B 5 -26.71 0.05 -19.96
N GLU B 6 -26.18 -0.27 -21.15
CA GLU B 6 -26.83 -1.25 -22.02
C GLU B 6 -26.74 -2.64 -21.42
N GLU B 7 -25.56 -3.03 -20.93
N GLU B 7 -25.56 -3.03 -20.93
CA GLU B 7 -25.42 -4.33 -20.30
CA GLU B 7 -25.39 -4.33 -20.29
C GLU B 7 -26.27 -4.44 -19.04
C GLU B 7 -26.27 -4.44 -19.05
N PHE B 8 -26.41 -3.34 -18.30
CA PHE B 8 -27.22 -3.36 -17.09
C PHE B 8 -28.69 -3.53 -17.43
N LYS B 9 -29.12 -3.09 -18.62
CA LYS B 9 -30.51 -3.28 -19.03
C LYS B 9 -30.78 -4.74 -19.34
N LYS B 10 -29.93 -5.35 -20.16
CA LYS B 10 -30.07 -6.78 -20.47
C LYS B 10 -30.10 -7.60 -19.19
N TYR B 11 -29.20 -7.30 -18.26
CA TYR B 11 -29.12 -8.05 -17.01
C TYR B 11 -30.45 -8.01 -16.26
N LEU B 12 -31.10 -6.85 -16.23
CA LEU B 12 -32.37 -6.74 -15.52
C LEU B 12 -33.47 -7.52 -16.25
N GLU B 13 -33.44 -7.52 -17.58
CA GLU B 13 -34.45 -8.27 -18.33
C GLU B 13 -34.23 -9.78 -18.18
N THR B 14 -32.96 -10.22 -18.21
CA THR B 14 -32.66 -11.61 -17.91
C THR B 14 -33.26 -12.03 -16.57
N ASN B 15 -33.10 -11.19 -15.56
CA ASN B 15 -33.61 -11.48 -14.22
C ASN B 15 -35.08 -11.12 -14.04
N GLY B 16 -35.81 -10.90 -15.13
CA GLY B 16 -37.25 -10.78 -15.05
C GLY B 16 -37.78 -9.41 -14.71
N ILE B 17 -36.97 -8.36 -14.78
CA ILE B 17 -37.44 -7.00 -14.57
C ILE B 17 -37.86 -6.44 -15.92
N LYS B 18 -39.14 -6.09 -16.06
CA LYS B 18 -39.66 -5.64 -17.35
C LYS B 18 -39.61 -4.11 -17.43
N PRO B 19 -39.42 -3.56 -18.62
CA PRO B 19 -39.52 -2.10 -18.77
C PRO B 19 -40.94 -1.63 -18.49
N LYS B 20 -41.04 -0.43 -17.90
CA LYS B 20 -42.33 0.20 -17.64
C LYS B 20 -42.38 1.52 -18.41
N GLN B 21 -43.50 1.75 -19.10
CA GLN B 21 -43.70 2.99 -19.83
C GLN B 21 -44.41 3.99 -18.92
N PHE B 22 -43.81 5.16 -18.76
CA PHE B 22 -44.41 6.26 -18.02
C PHE B 22 -44.63 7.43 -18.96
N HIS B 23 -45.59 8.28 -18.60
CA HIS B 23 -46.03 9.36 -19.48
C HIS B 23 -45.87 10.70 -18.78
N LYS B 24 -45.75 11.74 -19.60
CA LYS B 24 -45.59 13.10 -19.11
C LYS B 24 -46.54 13.38 -17.95
N LYS B 25 -45.98 13.95 -16.88
CA LYS B 25 -46.66 14.38 -15.66
C LYS B 25 -46.96 13.22 -14.73
N GLU B 26 -46.75 11.96 -15.12
CA GLU B 26 -46.91 10.86 -14.20
C GLU B 26 -45.77 10.85 -13.18
N LEU B 27 -46.07 10.36 -11.99
CA LEU B 27 -45.09 10.26 -10.91
C LEU B 27 -44.64 8.81 -10.78
N ILE B 28 -43.35 8.56 -11.00
CA ILE B 28 -42.80 7.22 -10.82
C ILE B 28 -42.79 6.86 -9.34
N PHE B 29 -42.49 7.84 -8.48
CA PHE B 29 -42.78 7.72 -7.06
C PHE B 29 -43.09 9.11 -6.53
N ASN B 30 -43.63 9.17 -5.33
CA ASN B 30 -44.11 10.43 -4.78
C ASN B 30 -43.78 10.52 -3.30
N GLN B 31 -43.72 11.76 -2.81
CA GLN B 31 -43.31 12.03 -1.44
C GLN B 31 -44.36 11.65 -0.41
N TRP B 32 -45.58 11.34 -0.85
CA TRP B 32 -46.66 10.99 0.06
C TRP B 32 -46.88 9.48 0.15
N ASP B 33 -46.03 8.69 -0.49
CA ASP B 33 -46.12 7.24 -0.49
C ASP B 33 -44.84 6.65 0.09
N PRO B 34 -44.94 5.71 1.14
CA PRO B 34 -43.72 5.07 1.69
C PRO B 34 -43.24 3.91 0.84
N GLN B 35 -42.76 4.22 -0.36
CA GLN B 35 -42.29 3.22 -1.31
C GLN B 35 -40.81 3.43 -1.58
N GLU B 36 -40.03 2.38 -1.36
CA GLU B 36 -38.59 2.40 -1.59
C GLU B 36 -38.29 1.62 -2.86
N TYR B 37 -37.59 2.26 -3.79
CA TYR B 37 -37.35 1.68 -5.11
C TYR B 37 -35.91 1.93 -5.51
N CYS B 38 -35.49 1.24 -6.57
CA CYS B 38 -34.31 1.58 -7.35
C CYS B 38 -34.79 1.73 -8.79
N ILE B 39 -34.90 2.97 -9.25
CA ILE B 39 -35.37 3.25 -10.60
C ILE B 39 -34.15 3.38 -11.50
N PHE B 40 -33.98 2.42 -12.39
CA PHE B 40 -33.00 2.54 -13.47
C PHE B 40 -33.74 3.23 -14.62
N LEU B 41 -33.69 4.56 -14.62
CA LEU B 41 -34.22 5.35 -15.72
C LEU B 41 -33.37 5.07 -16.96
N TYR B 42 -33.97 4.41 -17.95
CA TYR B 42 -33.23 4.01 -19.14
C TYR B 42 -33.37 5.00 -20.29
N ASP B 43 -34.50 5.69 -20.40
CA ASP B 43 -34.74 6.61 -21.49
C ASP B 43 -35.81 7.61 -21.07
N GLY B 44 -35.61 8.87 -21.46
CA GLY B 44 -36.53 9.93 -21.12
C GLY B 44 -35.91 10.90 -20.12
N ILE B 45 -36.72 11.89 -19.75
CA ILE B 45 -36.28 12.96 -18.86
C ILE B 45 -37.28 13.06 -17.71
N THR B 46 -36.74 13.25 -16.51
CA THR B 46 -37.53 13.36 -15.30
C THR B 46 -37.00 14.51 -14.45
N LYS B 47 -37.77 14.88 -13.44
CA LYS B 47 -37.32 15.84 -12.44
C LYS B 47 -37.65 15.32 -11.05
N LEU B 48 -36.67 15.42 -10.15
CA LEU B 48 -36.86 15.11 -8.74
C LEU B 48 -37.34 16.38 -8.04
N THR B 49 -38.50 16.30 -7.39
CA THR B 49 -39.12 17.47 -6.80
C THR B 49 -39.53 17.19 -5.37
N SER B 50 -39.69 18.27 -4.62
CA SER B 50 -40.21 18.25 -3.26
C SER B 50 -41.18 19.42 -3.10
N ILE B 51 -42.32 19.17 -2.48
CA ILE B 51 -43.33 20.20 -2.23
C ILE B 51 -43.42 20.44 -0.73
N SER B 52 -43.37 21.70 -0.33
CA SER B 52 -43.48 22.07 1.06
C SER B 52 -44.93 21.95 1.53
N GLU B 53 -45.10 21.96 2.86
CA GLU B 53 -46.45 22.00 3.42
C GLU B 53 -47.22 23.24 2.99
N ASN B 54 -46.55 24.25 2.42
CA ASN B 54 -47.21 25.49 2.01
C ASN B 54 -47.23 25.67 0.50
N GLY B 55 -46.92 24.62 -0.27
CA GLY B 55 -46.99 24.68 -1.71
C GLY B 55 -45.72 25.11 -2.42
N THR B 56 -44.67 25.48 -1.70
CA THR B 56 -43.41 25.82 -2.34
C THR B 56 -42.87 24.60 -3.08
N ILE B 57 -42.68 24.74 -4.39
CA ILE B 57 -42.15 23.67 -5.22
C ILE B 57 -40.64 23.85 -5.35
N MET B 58 -39.90 22.76 -5.18
CA MET B 58 -38.46 22.75 -5.35
C MET B 58 -38.10 21.66 -6.34
N ASN B 59 -37.44 22.04 -7.43
CA ASN B 59 -36.82 21.09 -8.34
C ASN B 59 -35.40 20.81 -7.84
N LEU B 60 -35.17 19.62 -7.29
CA LEU B 60 -33.83 19.29 -6.81
C LEU B 60 -32.87 19.10 -7.99
N GLN B 61 -33.36 18.52 -9.08
CA GLN B 61 -32.56 18.33 -10.29
C GLN B 61 -33.44 17.57 -11.29
N TYR B 62 -32.94 17.49 -12.53
CA TYR B 62 -33.50 16.57 -13.51
C TYR B 62 -32.63 15.33 -13.61
N TYR B 63 -33.22 14.26 -14.14
CA TYR B 63 -32.48 13.05 -14.48
C TYR B 63 -32.79 12.72 -15.93
N LYS B 64 -31.75 12.41 -16.70
CA LYS B 64 -31.88 12.02 -18.10
C LYS B 64 -31.26 10.64 -18.25
N GLY B 65 -32.08 9.66 -18.62
CA GLY B 65 -31.59 8.30 -18.75
C GLY B 65 -30.43 8.23 -19.72
N ALA B 66 -29.50 7.29 -19.54
CA ALA B 66 -29.53 6.27 -18.49
C ALA B 66 -28.99 6.82 -17.16
N PHE B 67 -29.62 6.43 -16.06
CA PHE B 67 -29.13 6.79 -14.73
C PHE B 67 -29.96 6.03 -13.70
N VAL B 68 -29.44 6.01 -12.47
CA VAL B 68 -30.09 5.31 -11.36
C VAL B 68 -30.54 6.34 -10.35
N ILE B 69 -31.80 6.22 -9.91
CA ILE B 69 -32.37 7.05 -8.87
C ILE B 69 -32.82 6.11 -7.76
N MET B 70 -32.37 6.37 -6.53
CA MET B 70 -32.70 5.56 -5.38
C MET B 70 -33.62 6.34 -4.45
N SER B 71 -34.67 5.68 -3.96
CA SER B 71 -35.56 6.25 -2.96
C SER B 71 -35.47 5.54 -1.62
N GLY B 72 -34.70 4.46 -1.53
CA GLY B 72 -34.49 3.79 -0.27
C GLY B 72 -33.04 3.32 -0.14
N PHE B 73 -32.64 3.10 1.10
CA PHE B 73 -31.29 2.60 1.38
C PHE B 73 -31.20 1.11 1.09
N ILE B 74 -30.06 0.69 0.54
CA ILE B 74 -29.89 -0.70 0.15
C ILE B 74 -29.80 -1.61 1.36
N ASP B 75 -29.27 -1.11 2.48
CA ASP B 75 -29.06 -1.94 3.66
C ASP B 75 -30.28 -1.97 4.58
N THR B 76 -30.77 -0.80 4.99
CA THR B 76 -31.91 -0.73 5.89
C THR B 76 -33.25 -0.78 5.17
N GLU B 77 -33.26 -0.65 3.84
CA GLU B 77 -34.48 -0.66 3.04
C GLU B 77 -35.48 0.42 3.47
N THR B 78 -35.00 1.47 4.13
CA THR B 78 -35.83 2.60 4.54
C THR B 78 -35.66 3.77 3.57
N SER B 79 -36.49 4.78 3.77
CA SER B 79 -36.54 5.89 2.83
C SER B 79 -35.32 6.80 2.96
N VAL B 80 -34.81 7.24 1.81
CA VAL B 80 -33.72 8.23 1.79
C VAL B 80 -34.24 9.65 1.93
N GLY B 81 -35.55 9.83 2.08
CA GLY B 81 -36.16 11.14 1.99
C GLY B 81 -37.34 11.08 1.04
N TYR B 82 -38.30 11.98 1.20
CA TYR B 82 -39.56 11.90 0.49
C TYR B 82 -39.53 12.86 -0.70
N TYR B 83 -39.43 12.30 -1.90
CA TYR B 83 -39.37 13.08 -3.12
C TYR B 83 -40.30 12.48 -4.17
N ASN B 84 -40.62 13.30 -5.17
CA ASN B 84 -41.38 12.87 -6.33
C ASN B 84 -40.45 12.79 -7.53
N LEU B 85 -40.59 11.72 -8.32
CA LEU B 85 -39.88 11.58 -9.58
C LEU B 85 -40.92 11.69 -10.69
N GLU B 86 -41.03 12.89 -11.25
CA GLU B 86 -42.03 13.19 -12.26
C GLU B 86 -41.41 13.14 -13.65
N VAL B 87 -42.13 12.56 -14.59
CA VAL B 87 -41.69 12.52 -15.99
C VAL B 87 -42.06 13.84 -16.64
N ILE B 88 -41.10 14.44 -17.34
CA ILE B 88 -41.36 15.66 -18.10
C ILE B 88 -41.19 15.47 -19.59
N SER B 89 -40.40 14.50 -20.04
CA SER B 89 -40.47 14.10 -21.44
C SER B 89 -41.81 13.43 -21.73
N GLU B 90 -42.13 13.31 -23.01
CA GLU B 90 -43.42 12.71 -23.39
C GLU B 90 -43.49 11.26 -22.93
N GLN B 91 -42.44 10.49 -23.21
CA GLN B 91 -42.38 9.09 -22.80
C GLN B 91 -41.07 8.83 -22.07
N ALA B 92 -41.13 7.93 -21.09
CA ALA B 92 -39.95 7.54 -20.30
C ALA B 92 -39.97 6.04 -20.10
N THR B 93 -38.80 5.41 -20.24
CA THR B 93 -38.63 3.97 -20.05
C THR B 93 -37.84 3.77 -18.75
N ALA B 94 -38.50 3.19 -17.75
CA ALA B 94 -37.91 3.04 -16.43
C ALA B 94 -38.06 1.59 -15.97
N TYR B 95 -36.98 1.03 -15.43
CA TYR B 95 -37.00 -0.29 -14.81
C TYR B 95 -37.16 -0.10 -13.31
N VAL B 96 -38.34 -0.45 -12.79
CA VAL B 96 -38.65 -0.28 -11.38
C VAL B 96 -38.24 -1.54 -10.63
N ILE B 97 -37.47 -1.37 -9.56
CA ILE B 97 -36.96 -2.46 -8.74
C ILE B 97 -37.31 -2.19 -7.29
N LYS B 98 -37.90 -3.18 -6.63
CA LYS B 98 -38.10 -3.08 -5.20
C LYS B 98 -36.75 -3.07 -4.49
N ILE B 99 -36.65 -2.25 -3.44
CA ILE B 99 -35.37 -2.10 -2.76
C ILE B 99 -34.97 -3.40 -2.08
N ASN B 100 -35.95 -4.22 -1.70
CA ASN B 100 -35.68 -5.48 -1.01
C ASN B 100 -35.05 -6.52 -1.92
N GLU B 101 -35.06 -6.31 -3.25
CA GLU B 101 -34.48 -7.25 -4.19
C GLU B 101 -33.25 -6.69 -4.90
N LEU B 102 -32.82 -5.46 -4.56
CA LEU B 102 -31.66 -4.87 -5.22
C LEU B 102 -30.35 -5.47 -4.71
N LYS B 103 -30.24 -5.67 -3.40
CA LYS B 103 -29.00 -6.17 -2.82
C LYS B 103 -28.59 -7.47 -3.48
N GLU B 104 -29.56 -8.34 -3.75
CA GLU B 104 -29.26 -9.63 -4.36
C GLU B 104 -28.91 -9.48 -5.83
N LEU B 105 -29.61 -8.60 -6.54
CA LEU B 105 -29.31 -8.40 -7.96
C LEU B 105 -27.88 -7.94 -8.16
N LEU B 106 -27.38 -7.09 -7.28
CA LEU B 106 -26.04 -6.52 -7.47
C LEU B 106 -24.95 -7.45 -6.96
N SER B 107 -25.17 -8.09 -5.81
CA SER B 107 -24.15 -8.99 -5.27
C SER B 107 -23.80 -10.09 -6.27
N LYS B 108 -24.76 -10.52 -7.08
CA LYS B 108 -24.51 -11.60 -8.03
C LYS B 108 -23.50 -11.19 -9.10
N ASN B 109 -23.45 -9.91 -9.46
CA ASN B 109 -22.67 -9.46 -10.59
C ASN B 109 -22.01 -8.14 -10.22
N LEU B 110 -20.70 -8.17 -9.96
CA LEU B 110 -20.01 -6.98 -9.49
C LEU B 110 -19.91 -5.91 -10.58
N THR B 111 -19.84 -6.32 -11.85
CA THR B 111 -19.73 -5.34 -12.92
C THR B 111 -20.90 -4.36 -12.88
N HIS B 112 -22.09 -4.90 -12.68
CA HIS B 112 -23.30 -4.10 -12.52
C HIS B 112 -23.26 -3.32 -11.20
N PHE B 113 -22.77 -3.96 -10.14
CA PHE B 113 -22.64 -3.30 -8.85
C PHE B 113 -21.74 -2.07 -8.94
N PHE B 114 -20.64 -2.18 -9.68
CA PHE B 114 -19.74 -1.03 -9.83
C PHE B 114 -20.32 0.03 -10.76
N TYR B 115 -21.20 -0.36 -11.69
CA TYR B 115 -21.89 0.62 -12.51
C TYR B 115 -22.82 1.48 -11.65
N VAL B 116 -23.64 0.84 -10.82
CA VAL B 116 -24.51 1.60 -9.92
C VAL B 116 -23.68 2.45 -8.97
N PHE B 117 -22.56 1.91 -8.50
CA PHE B 117 -21.68 2.67 -7.62
C PHE B 117 -21.10 3.89 -8.33
N GLN B 118 -20.68 3.71 -9.58
CA GLN B 118 -20.22 4.84 -10.39
C GLN B 118 -21.31 5.90 -10.51
N THR B 119 -22.53 5.48 -10.85
CA THR B 119 -23.65 6.40 -10.93
C THR B 119 -23.80 7.21 -9.64
N LEU B 120 -23.67 6.54 -8.49
CA LEU B 120 -23.81 7.24 -7.21
C LEU B 120 -22.66 8.21 -6.96
N GLN B 121 -21.45 7.87 -7.41
CA GLN B 121 -20.33 8.79 -7.27
C GLN B 121 -20.55 10.06 -8.08
N LYS B 122 -21.03 9.91 -9.32
CA LYS B 122 -21.36 11.08 -10.12
C LYS B 122 -22.45 11.92 -9.45
N GLN B 123 -23.45 11.27 -8.85
CA GLN B 123 -24.49 12.01 -8.14
C GLN B 123 -23.90 12.80 -6.97
N VAL B 124 -23.02 12.17 -6.19
CA VAL B 124 -22.41 12.85 -5.04
C VAL B 124 -21.68 14.12 -5.48
N SER B 125 -20.82 14.00 -6.49
CA SER B 125 -19.99 15.12 -6.88
C SER B 125 -20.78 16.16 -7.67
N TYR B 126 -21.82 15.74 -8.38
CA TYR B 126 -22.72 16.68 -9.02
C TYR B 126 -23.37 17.60 -7.99
N SER B 127 -23.90 17.02 -6.91
CA SER B 127 -24.58 17.81 -5.89
C SER B 127 -23.61 18.76 -5.19
N LEU B 128 -22.38 18.32 -4.96
CA LEU B 128 -21.39 19.18 -4.32
C LEU B 128 -21.06 20.38 -5.19
N ALA B 129 -20.74 20.14 -6.46
CA ALA B 129 -20.47 21.23 -7.38
C ALA B 129 -21.65 22.18 -7.46
N LYS B 130 -22.86 21.63 -7.58
CA LYS B 130 -24.07 22.45 -7.63
C LYS B 130 -24.20 23.31 -6.38
N PHE B 131 -24.00 22.71 -5.21
CA PHE B 131 -24.10 23.47 -3.96
C PHE B 131 -23.09 24.61 -3.93
N ASN B 132 -21.86 24.37 -4.38
CA ASN B 132 -20.86 25.43 -4.41
C ASN B 132 -21.31 26.57 -5.33
N ASP B 133 -21.63 26.27 -6.58
CA ASP B 133 -21.92 27.30 -7.56
C ASP B 133 -23.20 28.07 -7.20
N PHE B 134 -24.20 27.37 -6.67
CA PHE B 134 -25.47 28.02 -6.32
C PHE B 134 -25.37 28.85 -5.05
N SER B 135 -24.29 28.74 -4.30
CA SER B 135 -24.15 29.45 -3.03
C SER B 135 -23.28 30.70 -3.13
N ILE B 136 -22.21 30.67 -3.93
CA ILE B 136 -21.18 31.70 -3.82
C ILE B 136 -21.54 33.02 -4.52
N ASN B 137 -22.44 33.00 -5.50
CA ASN B 137 -22.79 34.20 -6.26
C ASN B 137 -24.29 34.49 -6.16
N GLY B 138 -24.88 34.24 -5.00
CA GLY B 138 -26.28 34.53 -4.80
C GLY B 138 -27.15 33.90 -5.86
N LYS B 139 -28.23 34.60 -6.22
CA LYS B 139 -29.19 34.07 -7.18
C LYS B 139 -28.71 34.19 -8.61
N LEU B 140 -27.79 35.12 -8.90
CA LEU B 140 -27.21 35.18 -10.23
C LEU B 140 -26.46 33.90 -10.56
N GLY B 141 -25.64 33.43 -9.62
CA GLY B 141 -24.92 32.18 -9.82
C GLY B 141 -25.85 30.98 -9.87
N SER B 142 -26.94 31.00 -9.10
CA SER B 142 -27.89 29.90 -9.15
C SER B 142 -28.51 29.80 -10.54
N ILE B 143 -28.90 30.94 -11.12
CA ILE B 143 -29.49 30.92 -12.45
C ILE B 143 -28.44 30.51 -13.48
N CYS B 144 -27.23 31.08 -13.39
CA CYS B 144 -26.18 30.72 -14.33
C CYS B 144 -25.79 29.25 -14.16
N GLY B 145 -25.71 28.77 -12.92
CA GLY B 145 -25.42 27.35 -12.72
C GLY B 145 -26.45 26.45 -13.36
N GLN B 146 -27.73 26.77 -13.14
CA GLN B 146 -28.80 25.97 -13.72
C GLN B 146 -28.79 26.05 -15.24
N LEU B 147 -28.51 27.24 -15.79
CA LEU B 147 -28.46 27.37 -17.24
C LEU B 147 -27.30 26.59 -17.82
N LEU B 148 -26.18 26.52 -17.10
CA LEU B 148 -25.03 25.76 -17.59
C LEU B 148 -25.35 24.28 -17.61
N ILE B 149 -25.91 23.75 -16.51
CA ILE B 149 -26.38 22.37 -16.50
C ILE B 149 -27.30 22.11 -17.69
N LEU B 150 -28.31 22.96 -17.87
CA LEU B 150 -29.27 22.76 -18.96
C LEU B 150 -28.57 22.83 -20.32
N THR B 151 -27.59 23.72 -20.46
CA THR B 151 -26.87 23.84 -21.72
C THR B 151 -26.09 22.58 -22.04
N TYR B 152 -25.47 21.97 -21.04
CA TYR B 152 -24.64 20.79 -21.32
C TYR B 152 -25.51 19.55 -21.55
N VAL B 153 -26.55 19.36 -20.74
CA VAL B 153 -27.29 18.10 -20.79
C VAL B 153 -28.33 18.09 -21.91
N TYR B 154 -28.87 19.26 -22.28
CA TYR B 154 -29.92 19.33 -23.30
C TYR B 154 -29.60 20.30 -24.42
N GLY B 155 -28.38 20.80 -24.49
CA GLY B 155 -28.04 21.79 -25.51
C GLY B 155 -27.51 21.17 -26.78
N LYS B 156 -27.73 21.87 -27.90
CA LYS B 156 -27.21 21.48 -29.19
C LYS B 156 -26.70 22.71 -29.92
N GLU B 157 -25.55 22.56 -30.57
CA GLU B 157 -24.92 23.67 -31.26
C GLU B 157 -25.75 24.14 -32.45
N THR B 158 -25.88 25.45 -32.59
CA THR B 158 -26.57 26.06 -33.72
C THR B 158 -25.89 27.38 -34.02
N PRO B 159 -26.25 28.01 -35.15
CA PRO B 159 -25.70 29.36 -35.39
C PRO B 159 -26.24 30.41 -34.43
N ASP B 160 -27.50 30.31 -34.04
CA ASP B 160 -28.07 31.23 -33.06
C ASP B 160 -27.45 31.08 -31.67
N GLY B 161 -26.65 30.03 -31.46
CA GLY B 161 -26.06 29.75 -30.17
C GLY B 161 -26.31 28.30 -29.79
N ILE B 162 -26.22 28.03 -28.49
CA ILE B 162 -26.46 26.69 -27.98
C ILE B 162 -27.93 26.61 -27.55
N LYS B 163 -28.72 25.85 -28.30
CA LYS B 163 -30.15 25.78 -28.07
C LYS B 163 -30.45 24.77 -26.97
N ILE B 164 -31.11 25.22 -25.90
CA ILE B 164 -31.55 24.34 -24.83
C ILE B 164 -32.88 23.74 -25.25
N THR B 165 -32.86 22.45 -25.63
CA THR B 165 -34.02 21.80 -26.22
C THR B 165 -34.83 21.13 -25.11
N LEU B 166 -35.70 21.91 -24.48
CA LEU B 166 -36.66 21.42 -23.51
C LEU B 166 -38.01 22.05 -23.82
N ASP B 167 -39.07 21.25 -23.77
CA ASP B 167 -40.40 21.75 -24.04
C ASP B 167 -40.89 22.59 -22.88
N ASN B 168 -41.17 23.86 -23.15
CA ASN B 168 -41.74 24.78 -22.16
C ASN B 168 -40.84 24.87 -20.91
N LEU B 169 -39.66 25.42 -21.14
CA LEU B 169 -38.78 25.81 -20.03
C LEU B 169 -39.16 27.23 -19.65
N THR B 170 -39.96 27.35 -18.61
CA THR B 170 -40.56 28.62 -18.21
C THR B 170 -39.72 29.28 -17.12
N MET B 171 -39.95 30.59 -16.96
CA MET B 171 -39.38 31.30 -15.81
C MET B 171 -39.73 30.58 -14.51
N GLN B 172 -40.96 30.06 -14.43
CA GLN B 172 -41.41 29.38 -13.22
C GLN B 172 -40.56 28.15 -12.93
N GLU B 173 -40.31 27.32 -13.95
CA GLU B 173 -39.48 26.13 -13.77
C GLU B 173 -38.08 26.51 -13.34
N LEU B 174 -37.43 27.42 -14.08
CA LEU B 174 -36.11 27.91 -13.69
C LEU B 174 -36.11 28.34 -12.23
N GLY B 175 -37.17 29.01 -11.79
CA GLY B 175 -37.25 29.40 -10.40
C GLY B 175 -37.26 28.21 -9.45
N TYR B 176 -38.04 27.17 -9.81
CA TYR B 176 -38.11 25.99 -8.95
C TYR B 176 -36.77 25.28 -8.89
N SER B 177 -36.00 25.30 -9.98
CA SER B 177 -34.67 24.70 -9.97
C SER B 177 -33.63 25.56 -9.29
N SER B 178 -33.92 26.84 -9.05
CA SER B 178 -32.94 27.79 -8.54
C SER B 178 -33.25 28.30 -7.14
N GLY B 179 -34.32 27.83 -6.51
CA GLY B 179 -34.70 28.38 -5.23
C GLY B 179 -35.26 29.79 -5.32
N ILE B 180 -35.94 30.10 -6.42
CA ILE B 180 -36.58 31.40 -6.62
C ILE B 180 -38.05 31.12 -6.86
N ALA B 181 -38.89 31.46 -5.88
CA ALA B 181 -40.31 31.12 -5.94
C ALA B 181 -41.09 32.03 -6.88
N HIS B 182 -40.68 33.29 -7.03
CA HIS B 182 -41.42 34.26 -7.81
C HIS B 182 -40.89 34.28 -9.23
N SER B 183 -41.76 33.98 -10.20
CA SER B 183 -41.37 33.99 -11.60
C SER B 183 -40.82 35.34 -12.03
N SER B 184 -41.33 36.42 -11.44
CA SER B 184 -40.87 37.75 -11.82
C SER B 184 -39.43 38.00 -11.37
N ALA B 185 -39.04 37.43 -10.23
CA ALA B 185 -37.65 37.53 -9.80
C ALA B 185 -36.73 36.80 -10.76
N VAL B 186 -37.17 35.66 -11.29
CA VAL B 186 -36.38 34.97 -12.30
C VAL B 186 -36.23 35.84 -13.53
N SER B 187 -37.33 36.46 -13.97
CA SER B 187 -37.29 37.30 -15.16
C SER B 187 -36.29 38.44 -15.01
N ARG B 188 -36.20 39.01 -13.80
CA ARG B 188 -35.28 40.12 -13.59
C ARG B 188 -33.84 39.70 -13.84
N ILE B 189 -33.47 38.48 -13.44
CA ILE B 189 -32.13 37.97 -13.70
C ILE B 189 -31.96 37.60 -15.17
N ILE B 190 -32.93 36.85 -15.72
CA ILE B 190 -32.88 36.46 -17.12
C ILE B 190 -32.82 37.70 -18.01
N SER B 191 -33.56 38.75 -17.64
CA SER B 191 -33.56 39.97 -18.43
C SER B 191 -32.17 40.60 -18.47
N LYS B 192 -31.49 40.65 -17.33
CA LYS B 192 -30.13 41.17 -17.31
C LYS B 192 -29.21 40.33 -18.18
N LEU B 193 -29.33 39.01 -18.11
CA LEU B 193 -28.53 38.16 -18.98
C LEU B 193 -28.86 38.40 -20.45
N LYS B 194 -30.11 38.78 -20.74
CA LYS B 194 -30.49 39.06 -22.12
C LYS B 194 -29.85 40.36 -22.61
N GLN B 195 -29.84 41.40 -21.78
CA GLN B 195 -29.28 42.67 -22.22
C GLN B 195 -27.78 42.55 -22.44
N GLU B 196 -27.09 41.76 -21.63
CA GLU B 196 -25.67 41.49 -21.85
C GLU B 196 -25.45 40.48 -22.96
N LYS B 197 -26.53 39.96 -23.56
CA LYS B 197 -26.45 39.07 -24.72
C LYS B 197 -25.76 37.75 -24.36
N VAL B 198 -25.85 37.35 -23.09
CA VAL B 198 -25.39 36.02 -22.70
C VAL B 198 -26.35 34.96 -23.24
N ILE B 199 -27.64 35.28 -23.30
CA ILE B 199 -28.69 34.36 -23.75
C ILE B 199 -29.69 35.13 -24.60
N VAL B 200 -30.41 34.39 -25.44
CA VAL B 200 -31.52 34.95 -26.22
C VAL B 200 -32.66 33.96 -26.18
N TYR B 201 -33.89 34.49 -26.21
CA TYR B 201 -35.10 33.68 -26.14
C TYR B 201 -35.77 33.72 -27.51
N LYS B 202 -35.64 32.63 -28.27
CA LYS B 202 -36.24 32.51 -29.59
C LYS B 202 -36.85 31.13 -29.75
N ASN B 203 -37.92 31.04 -30.54
CA ASN B 203 -38.53 29.77 -30.90
C ASN B 203 -38.99 29.01 -29.66
N SER B 204 -39.50 29.72 -28.67
CA SER B 204 -39.92 29.13 -27.40
C SER B 204 -38.78 28.35 -26.73
N CYS B 205 -37.54 28.69 -27.07
CA CYS B 205 -36.37 28.01 -26.52
C CYS B 205 -35.32 29.04 -26.13
N PHE B 206 -34.44 28.64 -25.22
CA PHE B 206 -33.34 29.48 -24.78
C PHE B 206 -32.09 29.12 -25.56
N TYR B 207 -31.43 30.15 -26.11
CA TYR B 207 -30.17 30.00 -26.84
C TYR B 207 -29.08 30.67 -26.02
N VAL B 208 -28.07 29.90 -25.64
CA VAL B 208 -26.92 30.44 -24.93
C VAL B 208 -25.89 30.91 -25.95
N GLN B 209 -25.55 32.21 -25.91
CA GLN B 209 -24.63 32.80 -26.85
C GLN B 209 -23.25 33.08 -26.26
N ASN B 210 -23.12 33.15 -24.93
CA ASN B 210 -21.84 33.39 -24.26
C ASN B 210 -21.69 32.33 -23.17
N LEU B 211 -21.19 31.16 -23.55
CA LEU B 211 -21.01 30.08 -22.59
C LEU B 211 -19.97 30.44 -21.54
N ASP B 212 -18.90 31.14 -21.95
CA ASP B 212 -17.85 31.50 -21.00
C ASP B 212 -18.41 32.33 -19.85
N TYR B 213 -19.41 33.17 -20.11
CA TYR B 213 -20.03 33.92 -19.02
C TYR B 213 -20.64 32.98 -17.99
N LEU B 214 -21.41 31.99 -18.45
CA LEU B 214 -21.98 31.01 -17.53
C LEU B 214 -20.90 30.29 -16.75
N LYS B 215 -19.82 29.87 -17.42
CA LYS B 215 -18.74 29.16 -16.74
C LYS B 215 -18.18 30.00 -15.60
N ARG B 216 -18.08 31.31 -15.78
CA ARG B 216 -17.48 32.15 -14.76
C ARG B 216 -18.32 32.17 -13.49
N TYR B 217 -19.63 32.07 -13.61
CA TYR B 217 -20.52 32.02 -12.45
C TYR B 217 -20.91 30.61 -12.05
N ALA B 218 -20.42 29.59 -12.76
CA ALA B 218 -20.64 28.20 -12.39
C ALA B 218 -19.35 27.41 -12.65
N PRO B 219 -18.27 27.73 -11.90
CA PRO B 219 -16.98 27.12 -12.23
C PRO B 219 -16.87 25.66 -11.80
N LYS B 220 -17.40 25.28 -10.64
CA LYS B 220 -17.30 23.88 -10.23
C LYS B 220 -18.20 22.97 -11.06
N LEU B 221 -19.33 23.48 -11.53
CA LEU B 221 -20.18 22.69 -12.41
C LEU B 221 -19.53 22.49 -13.78
N ASP B 222 -18.90 23.52 -14.33
CA ASP B 222 -18.16 23.30 -15.57
C ASP B 222 -17.01 22.33 -15.33
N GLU B 223 -16.30 22.48 -14.21
CA GLU B 223 -15.27 21.52 -13.84
C GLU B 223 -15.84 20.11 -13.75
N TRP B 224 -17.01 19.96 -13.15
CA TRP B 224 -17.58 18.63 -12.98
C TRP B 224 -17.94 18.00 -14.32
N PHE B 225 -18.59 18.76 -15.22
CA PHE B 225 -18.88 18.21 -16.53
C PHE B 225 -17.60 17.80 -17.25
N TYR B 226 -16.54 18.61 -17.12
CA TYR B 226 -15.27 18.27 -17.77
C TYR B 226 -14.70 16.97 -17.22
N LEU B 227 -14.70 16.82 -15.89
CA LEU B 227 -14.12 15.64 -15.26
C LEU B 227 -15.04 14.42 -15.37
N ALA B 228 -16.32 14.60 -15.07
CA ALA B 228 -17.23 13.47 -14.90
C ALA B 228 -17.96 13.09 -16.18
N CYS B 229 -18.24 14.03 -17.07
CA CYS B 229 -18.94 13.77 -18.32
C CYS B 229 -18.13 14.34 -19.48
N PRO B 230 -16.92 13.81 -19.70
CA PRO B 230 -16.04 14.40 -20.73
C PRO B 230 -16.66 14.45 -22.11
N ALA B 231 -17.50 13.47 -22.46
CA ALA B 231 -18.15 13.50 -23.77
C ALA B 231 -19.20 14.61 -23.84
N THR B 232 -19.98 14.79 -22.78
CA THR B 232 -20.96 15.88 -22.75
C THR B 232 -20.27 17.23 -22.83
N TRP B 233 -19.17 17.40 -22.10
CA TRP B 233 -18.47 18.67 -22.07
C TRP B 233 -17.84 18.99 -23.43
N GLY B 234 -17.29 17.98 -24.10
CA GLY B 234 -16.57 18.20 -25.34
C GLY B 234 -17.45 18.58 -26.50
N LYS B 235 -18.75 18.26 -26.44
CA LYS B 235 -19.64 18.60 -27.55
C LYS B 235 -19.77 20.10 -27.74
N LEU B 236 -19.66 20.86 -26.66
CA LEU B 236 -19.86 22.31 -26.70
C LEU B 236 -18.56 23.08 -26.44
N ASN B 237 -17.41 22.42 -26.61
CA ASN B 237 -16.13 23.07 -26.39
C ASN B 237 -15.14 22.73 -27.52
N ASN C 2 16.14 -15.66 -17.26
CA ASN C 2 15.96 -16.04 -18.65
C ASN C 2 15.35 -14.88 -19.45
N ALA C 3 14.15 -14.47 -19.04
CA ALA C 3 13.45 -13.39 -19.73
C ALA C 3 14.11 -12.04 -19.45
N GLN C 4 14.18 -11.68 -18.17
CA GLN C 4 14.79 -10.40 -17.80
C GLN C 4 16.28 -10.38 -18.14
N ALA C 5 16.95 -11.54 -18.09
CA ALA C 5 18.38 -11.58 -18.38
C ALA C 5 18.66 -11.19 -19.83
N GLU C 6 17.75 -11.50 -20.75
CA GLU C 6 17.94 -11.12 -22.14
C GLU C 6 17.87 -9.61 -22.31
N GLU C 7 16.95 -8.95 -21.60
CA GLU C 7 16.87 -7.49 -21.67
C GLU C 7 18.15 -6.86 -21.14
N PHE C 8 18.73 -7.46 -20.09
CA PHE C 8 19.97 -6.94 -19.53
C PHE C 8 21.13 -7.11 -20.52
N LYS C 9 21.16 -8.21 -21.25
CA LYS C 9 22.20 -8.42 -22.25
C LYS C 9 22.13 -7.37 -23.34
N LYS C 10 20.95 -7.20 -23.94
CA LYS C 10 20.78 -6.18 -24.98
C LYS C 10 21.10 -4.79 -24.44
N TYR C 11 20.74 -4.53 -23.18
CA TYR C 11 20.98 -3.22 -22.58
C TYR C 11 22.48 -2.97 -22.40
N LEU C 12 23.24 -4.01 -22.07
CA LEU C 12 24.69 -3.85 -21.94
C LEU C 12 25.32 -3.53 -23.28
N GLU C 13 24.93 -4.25 -24.33
CA GLU C 13 25.50 -4.00 -25.65
C GLU C 13 25.06 -2.66 -26.20
N THR C 14 23.85 -2.20 -25.86
CA THR C 14 23.44 -0.84 -26.21
C THR C 14 24.46 0.17 -25.73
N ASN C 15 25.01 -0.03 -24.53
CA ASN C 15 25.99 0.87 -23.95
C ASN C 15 27.42 0.45 -24.29
N GLY C 16 27.62 -0.28 -25.38
CA GLY C 16 28.95 -0.56 -25.89
C GLY C 16 29.77 -1.55 -25.09
N ILE C 17 29.15 -2.29 -24.18
CA ILE C 17 29.85 -3.32 -23.42
C ILE C 17 29.81 -4.60 -24.26
N LYS C 18 30.98 -5.05 -24.69
CA LYS C 18 31.10 -6.14 -25.65
C LYS C 18 31.13 -7.49 -24.94
N PRO C 19 30.58 -8.54 -25.55
CA PRO C 19 30.67 -9.87 -24.94
C PRO C 19 32.06 -10.46 -25.09
N LYS C 20 32.65 -10.84 -23.97
CA LYS C 20 33.93 -11.54 -23.97
C LYS C 20 33.71 -13.05 -24.01
N GLN C 21 34.58 -13.74 -24.73
CA GLN C 21 34.53 -15.20 -24.82
C GLN C 21 35.62 -15.80 -23.95
N PHE C 22 35.26 -16.85 -23.21
CA PHE C 22 36.20 -17.56 -22.35
C PHE C 22 36.13 -19.04 -22.66
N HIS C 23 37.15 -19.77 -22.20
CA HIS C 23 37.26 -21.20 -22.46
C HIS C 23 37.59 -21.92 -21.16
N LYS C 24 37.41 -23.24 -21.19
CA LYS C 24 37.65 -24.07 -20.02
C LYS C 24 39.01 -23.77 -19.41
N LYS C 25 39.05 -23.70 -18.07
CA LYS C 25 40.22 -23.49 -17.22
C LYS C 25 40.62 -22.02 -17.14
N GLU C 26 40.11 -21.14 -17.99
CA GLU C 26 40.50 -19.73 -17.90
C GLU C 26 39.84 -19.07 -16.69
N LEU C 27 40.57 -18.17 -16.06
CA LEU C 27 40.07 -17.43 -14.90
C LEU C 27 39.52 -16.09 -15.36
N ILE C 28 38.22 -15.89 -15.18
CA ILE C 28 37.60 -14.61 -15.51
C ILE C 28 38.10 -13.52 -14.57
N PHE C 29 38.20 -13.83 -13.28
CA PHE C 29 38.98 -13.03 -12.35
C PHE C 29 39.64 -13.98 -11.36
N ASN C 30 40.69 -13.51 -10.68
CA ASN C 30 41.46 -14.33 -9.78
C ASN C 30 41.63 -13.63 -8.44
N GLN C 31 41.96 -14.43 -7.43
CA GLN C 31 42.03 -13.95 -6.05
C GLN C 31 43.30 -13.15 -5.77
N TRP C 32 44.22 -13.06 -6.71
CA TRP C 32 45.45 -12.29 -6.54
C TRP C 32 45.40 -10.96 -7.30
N ASP C 33 44.22 -10.55 -7.77
CA ASP C 33 44.08 -9.31 -8.52
C ASP C 33 43.35 -8.28 -7.66
N PRO C 34 43.96 -7.12 -7.37
CA PRO C 34 43.24 -6.10 -6.57
C PRO C 34 42.03 -5.50 -7.29
N GLN C 35 41.93 -5.65 -8.60
CA GLN C 35 40.84 -5.04 -9.35
C GLN C 35 39.56 -5.84 -9.15
N GLU C 36 38.43 -5.12 -9.01
CA GLU C 36 37.12 -5.72 -8.84
C GLU C 36 36.27 -5.49 -10.08
N TYR C 37 35.39 -6.43 -10.37
CA TYR C 37 34.54 -6.38 -11.55
C TYR C 37 33.13 -6.81 -11.17
N CYS C 38 32.21 -6.56 -12.09
CA CYS C 38 30.88 -7.17 -12.08
C CYS C 38 30.77 -8.04 -13.33
N ILE C 39 30.59 -9.34 -13.13
CA ILE C 39 30.50 -10.29 -14.22
C ILE C 39 29.04 -10.61 -14.44
N PHE C 40 28.56 -10.36 -15.64
CA PHE C 40 27.25 -10.87 -16.08
C PHE C 40 27.54 -12.09 -16.94
N LEU C 41 27.66 -13.24 -16.28
CA LEU C 41 27.77 -14.50 -16.99
C LEU C 41 26.47 -14.75 -17.76
N TYR C 42 26.58 -14.86 -19.07
CA TYR C 42 25.42 -15.01 -19.95
C TYR C 42 25.22 -16.44 -20.43
N ASP C 43 26.30 -17.15 -20.71
CA ASP C 43 26.22 -18.52 -21.20
C ASP C 43 27.46 -19.27 -20.74
N GLY C 44 27.27 -20.49 -20.26
CA GLY C 44 28.34 -21.35 -19.81
C GLY C 44 28.25 -21.65 -18.33
N ILE C 45 29.22 -22.43 -17.88
CA ILE C 45 29.29 -22.90 -16.50
C ILE C 45 30.64 -22.49 -15.91
N THR C 46 30.61 -22.04 -14.66
CA THR C 46 31.81 -21.58 -13.98
C THR C 46 31.76 -22.03 -12.53
N LYS C 47 32.89 -21.87 -11.83
CA LYS C 47 32.95 -22.18 -10.41
C LYS C 47 33.74 -21.10 -9.69
N LEU C 48 33.27 -20.74 -8.51
CA LEU C 48 33.91 -19.76 -7.65
C LEU C 48 34.78 -20.51 -6.64
N THR C 49 36.08 -20.24 -6.67
CA THR C 49 37.03 -21.01 -5.87
C THR C 49 37.88 -20.09 -5.00
N SER C 50 38.46 -20.70 -3.96
CA SER C 50 39.41 -20.03 -3.10
C SER C 50 40.52 -21.01 -2.74
N ILE C 51 41.76 -20.59 -2.91
CA ILE C 51 42.93 -21.43 -2.68
C ILE C 51 43.67 -20.90 -1.46
N SER C 52 43.91 -21.77 -0.48
CA SER C 52 44.60 -21.39 0.74
C SER C 52 46.10 -21.24 0.48
N GLU C 53 46.80 -20.72 1.49
CA GLU C 53 48.24 -20.59 1.40
C GLU C 53 48.92 -21.94 1.17
N ASN C 54 48.35 -23.02 1.71
CA ASN C 54 48.93 -24.34 1.58
C ASN C 54 48.36 -25.11 0.39
N GLY C 55 47.68 -24.44 -0.53
CA GLY C 55 47.18 -25.08 -1.73
C GLY C 55 45.83 -25.76 -1.60
N THR C 56 45.19 -25.68 -0.43
CA THR C 56 43.86 -26.26 -0.26
C THR C 56 42.85 -25.51 -1.15
N ILE C 57 42.21 -26.24 -2.06
CA ILE C 57 41.19 -25.68 -2.94
C ILE C 57 39.83 -25.84 -2.29
N MET C 58 39.01 -24.78 -2.39
CA MET C 58 37.63 -24.81 -1.92
C MET C 58 36.73 -24.36 -3.06
N ASN C 59 35.71 -25.16 -3.36
CA ASN C 59 34.66 -24.79 -4.30
C ASN C 59 33.52 -24.17 -3.52
N LEU C 60 33.34 -22.86 -3.65
CA LEU C 60 32.26 -22.20 -2.93
C LEU C 60 30.91 -22.45 -3.60
N GLN C 61 30.88 -22.54 -4.93
CA GLN C 61 29.67 -22.89 -5.68
C GLN C 61 30.00 -22.81 -7.16
N TYR C 62 29.06 -23.28 -7.99
CA TYR C 62 29.10 -23.06 -9.43
C TYR C 62 28.12 -21.97 -9.82
N TYR C 63 28.36 -21.37 -10.98
CA TYR C 63 27.45 -20.41 -11.59
C TYR C 63 27.17 -20.86 -13.02
N LYS C 64 25.89 -21.02 -13.34
CA LYS C 64 25.46 -21.32 -14.70
C LYS C 64 24.75 -20.10 -15.27
N GLY C 65 25.13 -19.69 -16.47
CA GLY C 65 24.53 -18.51 -17.07
C GLY C 65 23.06 -18.72 -17.35
N ALA C 66 22.22 -17.68 -17.27
CA ALA C 66 22.65 -16.32 -16.96
C ALA C 66 22.66 -16.06 -15.45
N PHE C 67 23.60 -15.24 -14.99
CA PHE C 67 23.66 -14.86 -13.58
C PHE C 67 24.73 -13.78 -13.43
N VAL C 68 24.73 -13.13 -12.27
CA VAL C 68 25.63 -12.02 -11.98
C VAL C 68 26.51 -12.39 -10.79
N ILE C 69 27.82 -12.24 -10.97
CA ILE C 69 28.81 -12.43 -9.90
C ILE C 69 29.58 -11.14 -9.74
N MET C 70 29.67 -10.64 -8.50
CA MET C 70 30.33 -9.38 -8.22
C MET C 70 31.51 -9.62 -7.29
N SER C 71 32.70 -9.18 -7.71
CA SER C 71 33.89 -9.29 -6.89
C SER C 71 34.18 -8.04 -6.09
N GLY C 72 33.32 -7.03 -6.18
CA GLY C 72 33.52 -5.80 -5.43
C GLY C 72 32.21 -5.16 -5.05
N PHE C 73 32.22 -4.40 -3.97
CA PHE C 73 31.02 -3.73 -3.49
C PHE C 73 30.64 -2.57 -4.41
N ILE C 74 29.34 -2.34 -4.52
CA ILE C 74 28.83 -1.39 -5.52
C ILE C 74 29.03 0.05 -5.06
N ASP C 75 28.93 0.31 -3.75
CA ASP C 75 29.11 1.66 -3.22
C ASP C 75 30.57 1.93 -2.85
N THR C 76 31.22 0.98 -2.16
CA THR C 76 32.59 1.18 -1.70
C THR C 76 33.62 0.91 -2.78
N GLU C 77 33.26 0.14 -3.81
CA GLU C 77 34.18 -0.26 -4.87
C GLU C 77 35.39 -1.04 -4.33
N THR C 78 35.25 -1.66 -3.16
CA THR C 78 36.29 -2.49 -2.58
C THR C 78 35.90 -3.97 -2.71
N SER C 79 36.81 -4.84 -2.29
CA SER C 79 36.67 -6.27 -2.53
C SER C 79 35.66 -6.90 -1.58
N VAL C 80 34.81 -7.77 -2.14
CA VAL C 80 33.89 -8.58 -1.34
C VAL C 80 34.59 -9.78 -0.72
N GLY C 81 35.88 -9.97 -0.99
CA GLY C 81 36.58 -11.20 -0.67
C GLY C 81 37.30 -11.61 -1.94
N TYR C 82 38.44 -12.26 -1.78
CA TYR C 82 39.30 -12.61 -2.89
C TYR C 82 39.00 -14.02 -3.35
N TYR C 83 38.49 -14.14 -4.57
CA TYR C 83 38.05 -15.41 -5.14
C TYR C 83 38.49 -15.51 -6.58
N ASN C 84 38.47 -16.73 -7.10
CA ASN C 84 38.66 -17.00 -8.52
C ASN C 84 37.33 -17.39 -9.14
N LEU C 85 37.11 -16.98 -10.38
CA LEU C 85 35.97 -17.45 -11.17
C LEU C 85 36.56 -18.19 -12.37
N GLU C 86 36.49 -19.51 -12.35
CA GLU C 86 37.10 -20.36 -13.36
C GLU C 86 36.02 -20.98 -14.24
N VAL C 87 36.29 -21.02 -15.55
CA VAL C 87 35.36 -21.63 -16.49
C VAL C 87 35.55 -23.14 -16.46
N ILE C 88 34.45 -23.88 -16.45
CA ILE C 88 34.49 -25.33 -16.49
C ILE C 88 33.76 -25.91 -17.69
N SER C 89 32.85 -25.19 -18.33
CA SER C 89 32.38 -25.58 -19.65
C SER C 89 33.46 -25.28 -20.69
N GLU C 90 33.24 -25.81 -21.91
CA GLU C 90 34.23 -25.60 -22.96
C GLU C 90 34.31 -24.14 -23.36
N GLN C 91 33.16 -23.47 -23.45
CA GLN C 91 33.09 -22.04 -23.73
C GLN C 91 32.17 -21.36 -22.73
N ALA C 92 32.32 -20.05 -22.60
CA ALA C 92 31.47 -19.27 -21.74
C ALA C 92 31.47 -17.83 -22.25
N THR C 93 30.29 -17.20 -22.21
CA THR C 93 30.11 -15.82 -22.67
C THR C 93 29.80 -14.96 -21.46
N ALA C 94 30.74 -14.07 -21.12
CA ALA C 94 30.60 -13.21 -19.96
C ALA C 94 30.79 -11.75 -20.37
N TYR C 95 30.07 -10.87 -19.70
CA TYR C 95 30.22 -9.43 -19.85
C TYR C 95 30.94 -8.91 -18.61
N VAL C 96 32.14 -8.36 -18.82
CA VAL C 96 32.97 -7.85 -17.73
C VAL C 96 32.74 -6.36 -17.61
N ILE C 97 32.36 -5.92 -16.42
CA ILE C 97 32.04 -4.52 -16.15
C ILE C 97 32.93 -4.03 -15.02
N LYS C 98 33.52 -2.86 -15.20
CA LYS C 98 34.23 -2.21 -14.11
C LYS C 98 33.24 -1.84 -13.01
N ILE C 99 33.65 -2.05 -11.76
CA ILE C 99 32.72 -1.87 -10.65
C ILE C 99 32.17 -0.45 -10.62
N ASN C 100 32.99 0.53 -11.00
CA ASN C 100 32.54 1.92 -10.96
C ASN C 100 31.48 2.19 -12.01
N GLU C 101 31.60 1.57 -13.18
CA GLU C 101 30.61 1.78 -14.25
C GLU C 101 29.25 1.20 -13.87
N LEU C 102 29.23 0.12 -13.08
CA LEU C 102 27.97 -0.54 -12.78
C LEU C 102 26.98 0.41 -12.11
N LYS C 103 27.43 1.11 -11.06
CA LYS C 103 26.56 2.01 -10.32
C LYS C 103 25.84 2.97 -11.26
N GLU C 104 26.59 3.60 -12.16
CA GLU C 104 25.99 4.53 -13.11
C GLU C 104 25.11 3.82 -14.13
N LEU C 105 25.46 2.59 -14.49
CA LEU C 105 24.71 1.87 -15.52
C LEU C 105 23.36 1.36 -15.00
N LEU C 106 23.29 0.99 -13.72
CA LEU C 106 22.03 0.53 -13.14
C LEU C 106 21.13 1.70 -12.75
N SER C 107 21.71 2.85 -12.46
CA SER C 107 20.91 4.02 -12.09
C SER C 107 20.07 4.51 -13.26
N LYS C 108 20.53 4.29 -14.49
CA LYS C 108 19.77 4.72 -15.66
C LYS C 108 18.43 3.99 -15.74
N ASN C 109 18.43 2.68 -15.53
CA ASN C 109 17.27 1.84 -15.81
C ASN C 109 17.00 0.94 -14.60
N LEU C 110 15.88 1.20 -13.91
CA LEU C 110 15.56 0.43 -12.72
C LEU C 110 15.26 -1.03 -13.06
N THR C 111 14.62 -1.28 -14.21
CA THR C 111 14.25 -2.64 -14.57
C THR C 111 15.44 -3.58 -14.45
N HIS C 112 16.60 -3.15 -14.93
CA HIS C 112 17.80 -3.99 -14.85
C HIS C 112 18.47 -3.86 -13.49
N PHE C 113 18.34 -2.71 -12.84
CA PHE C 113 18.73 -2.60 -11.44
C PHE C 113 18.04 -3.68 -10.61
N PHE C 114 16.74 -3.87 -10.83
CA PHE C 114 15.99 -4.85 -10.05
C PHE C 114 16.34 -6.28 -10.45
N TYR C 115 16.64 -6.52 -11.73
CA TYR C 115 17.10 -7.84 -12.13
C TYR C 115 18.37 -8.22 -11.37
N VAL C 116 19.37 -7.32 -11.37
CA VAL C 116 20.59 -7.58 -10.63
C VAL C 116 20.30 -7.80 -9.16
N PHE C 117 19.36 -7.02 -8.60
CA PHE C 117 18.97 -7.22 -7.21
C PHE C 117 18.29 -8.57 -7.00
N GLN C 118 17.58 -9.06 -8.01
CA GLN C 118 16.95 -10.38 -7.92
C GLN C 118 18.01 -11.47 -7.81
N THR C 119 19.04 -11.40 -8.65
CA THR C 119 20.10 -12.40 -8.61
C THR C 119 20.81 -12.36 -7.28
N LEU C 120 21.01 -11.17 -6.72
CA LEU C 120 21.64 -11.05 -5.42
C LEU C 120 20.76 -11.66 -4.34
N GLN C 121 19.45 -11.49 -4.43
CA GLN C 121 18.55 -12.10 -3.46
C GLN C 121 18.62 -13.62 -3.55
N LYS C 122 18.64 -14.17 -4.77
CA LYS C 122 18.77 -15.62 -4.90
C LYS C 122 20.10 -16.11 -4.36
N GLN C 123 21.16 -15.30 -4.50
CA GLN C 123 22.46 -15.67 -3.95
C GLN C 123 22.39 -15.78 -2.43
N VAL C 124 21.76 -14.80 -1.78
CA VAL C 124 21.69 -14.80 -0.32
C VAL C 124 20.97 -16.04 0.18
N SER C 125 19.76 -16.28 -0.32
CA SER C 125 18.94 -17.38 0.17
C SER C 125 19.57 -18.73 -0.16
N TYR C 126 20.18 -18.83 -1.34
CA TYR C 126 20.88 -20.06 -1.72
C TYR C 126 21.94 -20.42 -0.70
N SER C 127 22.79 -19.46 -0.35
CA SER C 127 23.87 -19.73 0.62
C SER C 127 23.30 -20.10 1.97
N LEU C 128 22.20 -19.47 2.39
CA LEU C 128 21.58 -19.83 3.66
C LEU C 128 21.09 -21.26 3.65
N ALA C 129 20.29 -21.63 2.66
CA ALA C 129 19.83 -23.01 2.53
C ALA C 129 21.01 -23.97 2.48
N LYS C 130 22.00 -23.66 1.65
CA LYS C 130 23.18 -24.50 1.55
C LYS C 130 23.89 -24.63 2.88
N PHE C 131 23.99 -23.53 3.63
CA PHE C 131 24.62 -23.58 4.94
C PHE C 131 23.82 -24.44 5.90
N ASN C 132 22.49 -24.33 5.87
CA ASN C 132 21.64 -25.18 6.70
C ASN C 132 21.88 -26.65 6.40
N ASP C 133 21.74 -27.05 5.12
CA ASP C 133 21.77 -28.47 4.78
C ASP C 133 23.17 -29.06 4.96
N PHE C 134 24.21 -28.30 4.61
CA PHE C 134 25.58 -28.77 4.76
C PHE C 134 26.03 -28.84 6.22
N SER C 135 25.18 -28.45 7.16
CA SER C 135 25.53 -28.44 8.58
C SER C 135 24.66 -29.35 9.43
N ILE C 136 23.35 -29.39 9.18
CA ILE C 136 22.43 -30.09 10.07
C ILE C 136 22.70 -31.60 10.06
N ASN C 137 23.24 -32.13 8.97
CA ASN C 137 23.43 -33.57 8.83
C ASN C 137 24.88 -33.92 8.51
N GLY C 138 25.81 -33.07 8.91
CA GLY C 138 27.22 -33.34 8.75
C GLY C 138 27.62 -33.59 7.30
N LYS C 139 28.58 -34.48 7.13
CA LYS C 139 29.12 -34.75 5.79
C LYS C 139 28.08 -35.40 4.89
N LEU C 140 27.17 -36.21 5.46
CA LEU C 140 26.14 -36.84 4.64
C LEU C 140 25.26 -35.79 3.97
N GLY C 141 24.82 -34.79 4.73
CA GLY C 141 24.02 -33.73 4.16
C GLY C 141 24.79 -32.86 3.17
N SER C 142 26.07 -32.64 3.43
CA SER C 142 26.89 -31.86 2.50
C SER C 142 26.95 -32.54 1.14
N ILE C 143 27.19 -33.84 1.11
CA ILE C 143 27.25 -34.57 -0.16
C ILE C 143 25.86 -34.62 -0.79
N CYS C 144 24.84 -34.94 0.01
CA CYS C 144 23.49 -35.01 -0.53
C CYS C 144 23.02 -33.64 -1.02
N GLY C 145 23.32 -32.59 -0.26
CA GLY C 145 22.99 -31.25 -0.72
C GLY C 145 23.66 -30.92 -2.03
N GLN C 146 24.96 -31.20 -2.13
CA GLN C 146 25.67 -30.92 -3.36
C GLN C 146 25.11 -31.74 -4.52
N LEU C 147 24.82 -33.03 -4.29
CA LEU C 147 24.27 -33.86 -5.35
C LEU C 147 22.89 -33.35 -5.76
N LEU C 148 22.09 -32.89 -4.80
CA LEU C 148 20.78 -32.34 -5.13
C LEU C 148 20.92 -31.09 -5.98
N ILE C 149 21.85 -30.21 -5.64
CA ILE C 149 22.12 -29.02 -6.46
C ILE C 149 22.47 -29.45 -7.88
N LEU C 150 23.46 -30.34 -8.02
CA LEU C 150 23.90 -30.75 -9.34
C LEU C 150 22.78 -31.41 -10.13
N THR C 151 21.85 -32.08 -9.44
CA THR C 151 20.78 -32.78 -10.14
C THR C 151 19.79 -31.80 -10.74
N TYR C 152 19.36 -30.81 -9.96
CA TYR C 152 18.38 -29.86 -10.47
C TYR C 152 18.97 -28.98 -11.57
N VAL C 153 20.21 -28.54 -11.40
CA VAL C 153 20.78 -27.56 -12.33
C VAL C 153 21.39 -28.20 -13.57
N TYR C 154 21.95 -29.41 -13.45
CA TYR C 154 22.62 -30.05 -14.58
C TYR C 154 22.07 -31.44 -14.86
N GLY C 155 20.86 -31.74 -14.40
CA GLY C 155 20.29 -33.06 -14.53
C GLY C 155 19.34 -33.19 -15.70
N LYS C 156 19.34 -34.37 -16.31
CA LYS C 156 18.46 -34.70 -17.42
C LYS C 156 17.85 -36.07 -17.20
N GLU C 157 16.53 -36.16 -17.30
CA GLU C 157 15.85 -37.44 -17.09
C GLU C 157 16.31 -38.47 -18.13
N THR C 158 16.35 -39.73 -17.70
CA THR C 158 16.84 -40.82 -18.52
C THR C 158 16.27 -42.13 -17.98
N PRO C 159 16.09 -43.15 -18.82
CA PRO C 159 15.65 -44.45 -18.28
C PRO C 159 16.50 -44.97 -17.12
N ASP C 160 17.79 -44.66 -17.10
CA ASP C 160 18.68 -45.10 -16.03
C ASP C 160 18.75 -44.12 -14.86
N GLY C 161 17.83 -43.16 -14.79
CA GLY C 161 17.81 -42.18 -13.72
C GLY C 161 18.11 -40.78 -14.25
N ILE C 162 18.27 -39.87 -13.31
CA ILE C 162 18.52 -38.46 -13.62
C ILE C 162 20.02 -38.29 -13.85
N LYS C 163 20.41 -38.06 -15.10
CA LYS C 163 21.81 -37.99 -15.48
C LYS C 163 22.36 -36.59 -15.15
N ILE C 164 23.39 -36.53 -14.32
CA ILE C 164 24.07 -35.27 -14.00
C ILE C 164 25.07 -35.02 -15.12
N THR C 165 24.73 -34.09 -16.03
CA THR C 165 25.54 -33.85 -17.23
C THR C 165 26.60 -32.81 -16.90
N LEU C 166 27.81 -33.29 -16.61
CA LEU C 166 28.96 -32.42 -16.42
C LEU C 166 30.18 -33.07 -17.06
N ASP C 167 30.97 -32.27 -17.77
CA ASP C 167 32.12 -32.79 -18.50
C ASP C 167 32.99 -33.66 -17.60
N ASN C 168 33.27 -33.19 -16.39
CA ASN C 168 34.11 -33.93 -15.45
C ASN C 168 33.59 -33.71 -14.05
N LEU C 169 33.16 -34.80 -13.40
CA LEU C 169 32.73 -34.77 -12.01
C LEU C 169 33.38 -35.94 -11.30
N THR C 170 34.30 -35.63 -10.40
CA THR C 170 35.13 -36.63 -9.73
C THR C 170 34.90 -36.56 -8.23
N MET C 171 35.40 -37.59 -7.53
CA MET C 171 35.31 -37.60 -6.08
C MET C 171 35.97 -36.38 -5.48
N GLN C 172 37.17 -36.04 -5.96
CA GLN C 172 37.88 -34.89 -5.42
C GLN C 172 37.13 -33.60 -5.70
N GLU C 173 36.54 -33.47 -6.89
CA GLU C 173 35.77 -32.27 -7.21
C GLU C 173 34.56 -32.15 -6.28
N LEU C 174 33.80 -33.24 -6.11
CA LEU C 174 32.73 -33.24 -5.13
C LEU C 174 33.25 -32.88 -3.75
N GLY C 175 34.45 -33.36 -3.41
CA GLY C 175 35.03 -33.01 -2.12
C GLY C 175 35.27 -31.52 -1.98
N TYR C 176 35.72 -30.87 -3.05
CA TYR C 176 35.90 -29.42 -3.00
C TYR C 176 34.58 -28.70 -2.82
N SER C 177 33.53 -29.15 -3.52
CA SER C 177 32.23 -28.48 -3.44
C SER C 177 31.48 -28.79 -2.16
N SER C 178 31.83 -29.87 -1.47
CA SER C 178 31.13 -30.26 -0.25
C SER C 178 31.83 -29.83 1.03
N GLY C 179 33.13 -29.54 0.95
CA GLY C 179 33.90 -29.23 2.13
C GLY C 179 34.66 -30.39 2.73
N ILE C 180 34.97 -31.41 1.94
CA ILE C 180 35.64 -32.63 2.42
C ILE C 180 36.98 -32.73 1.70
N ALA C 181 38.06 -32.58 2.47
CA ALA C 181 39.40 -32.58 1.90
C ALA C 181 39.76 -33.93 1.29
N HIS C 182 39.86 -34.96 2.12
CA HIS C 182 40.26 -36.28 1.64
C HIS C 182 39.18 -36.85 0.73
N SER C 183 39.57 -37.22 -0.49
CA SER C 183 38.62 -37.86 -1.40
C SER C 183 38.16 -39.21 -0.88
N SER C 184 38.94 -39.85 0.00
CA SER C 184 38.51 -41.12 0.57
C SER C 184 37.27 -40.94 1.43
N ALA C 185 37.16 -39.80 2.13
CA ALA C 185 35.93 -39.50 2.86
C ALA C 185 34.76 -39.30 1.92
N VAL C 186 34.99 -38.71 0.75
CA VAL C 186 33.93 -38.60 -0.25
C VAL C 186 33.52 -39.97 -0.76
N SER C 187 34.50 -40.85 -1.01
CA SER C 187 34.21 -42.19 -1.48
C SER C 187 33.37 -42.95 -0.47
N ARG C 188 33.65 -42.78 0.83
CA ARG C 188 32.92 -43.49 1.86
C ARG C 188 31.44 -43.16 1.81
N ILE C 189 31.10 -41.88 1.62
CA ILE C 189 29.69 -41.49 1.59
C ILE C 189 29.05 -41.91 0.27
N ILE C 190 29.77 -41.71 -0.84
CA ILE C 190 29.23 -42.07 -2.15
C ILE C 190 28.99 -43.56 -2.23
N SER C 191 29.88 -44.36 -1.63
CA SER C 191 29.69 -45.80 -1.65
C SER C 191 28.41 -46.19 -0.92
N LYS C 192 28.13 -45.56 0.21
CA LYS C 192 26.90 -45.84 0.93
C LYS C 192 25.67 -45.52 0.08
N LEU C 193 25.71 -44.39 -0.63
CA LEU C 193 24.59 -44.04 -1.50
C LEU C 193 24.45 -45.05 -2.65
N LYS C 194 25.57 -45.52 -3.19
CA LYS C 194 25.51 -46.58 -4.20
C LYS C 194 24.88 -47.84 -3.60
N GLN C 195 25.33 -48.23 -2.40
CA GLN C 195 24.80 -49.43 -1.78
C GLN C 195 23.30 -49.30 -1.53
N GLU C 196 22.85 -48.10 -1.16
CA GLU C 196 21.43 -47.83 -0.98
C GLU C 196 20.69 -47.67 -2.30
N LYS C 197 21.41 -47.74 -3.44
CA LYS C 197 20.82 -47.58 -4.76
C LYS C 197 20.25 -46.17 -4.96
N VAL C 198 20.78 -45.19 -4.23
CA VAL C 198 20.36 -43.81 -4.45
C VAL C 198 20.98 -43.27 -5.74
N ILE C 199 22.22 -43.65 -6.04
CA ILE C 199 22.93 -43.19 -7.22
C ILE C 199 23.69 -44.35 -7.85
N VAL C 200 23.98 -44.20 -9.15
CA VAL C 200 24.82 -45.11 -9.90
C VAL C 200 25.81 -44.28 -10.71
N TYR C 201 27.03 -44.80 -10.87
CA TYR C 201 28.07 -44.15 -11.67
C TYR C 201 28.23 -44.95 -12.96
N LYS C 202 27.65 -44.42 -14.04
CA LYS C 202 27.68 -45.08 -15.34
C LYS C 202 28.08 -44.08 -16.41
N ASN C 203 28.99 -44.48 -17.30
CA ASN C 203 29.35 -43.68 -18.47
C ASN C 203 29.94 -42.33 -18.05
N SER C 204 30.86 -42.36 -17.09
CA SER C 204 31.56 -41.16 -16.64
C SER C 204 30.59 -40.10 -16.11
N CYS C 205 29.46 -40.54 -15.56
CA CYS C 205 28.45 -39.62 -15.04
C CYS C 205 27.71 -40.29 -13.90
N PHE C 206 27.31 -39.48 -12.92
CA PHE C 206 26.43 -39.96 -11.87
C PHE C 206 24.98 -39.91 -12.34
N TYR C 207 24.24 -40.97 -12.09
CA TYR C 207 22.81 -41.04 -12.35
C TYR C 207 22.10 -41.14 -11.01
N VAL C 208 21.21 -40.19 -10.73
CA VAL C 208 20.44 -40.20 -9.50
C VAL C 208 19.20 -41.06 -9.72
N GLN C 209 19.05 -42.11 -8.92
CA GLN C 209 17.94 -43.02 -9.04
C GLN C 209 16.88 -42.85 -7.94
N ASN C 210 17.20 -42.15 -6.85
CA ASN C 210 16.25 -41.92 -5.77
C ASN C 210 16.39 -40.46 -5.32
N LEU C 211 15.77 -39.55 -6.08
CA LEU C 211 15.84 -38.13 -5.74
C LEU C 211 15.24 -37.86 -4.37
N ASP C 212 14.19 -38.59 -4.00
CA ASP C 212 13.53 -38.36 -2.71
C ASP C 212 14.49 -38.57 -1.55
N TYR C 213 15.42 -39.52 -1.66
CA TYR C 213 16.40 -39.73 -0.61
C TYR C 213 17.28 -38.50 -0.43
N LEU C 214 17.79 -37.94 -1.53
CA LEU C 214 18.59 -36.72 -1.44
C LEU C 214 17.81 -35.60 -0.77
N LYS C 215 16.50 -35.52 -1.05
CA LYS C 215 15.68 -34.49 -0.41
C LYS C 215 15.65 -34.64 1.10
N ARG C 216 15.71 -35.88 1.60
CA ARG C 216 15.62 -36.10 3.04
C ARG C 216 16.80 -35.47 3.77
N TYR C 217 17.98 -35.52 3.18
CA TYR C 217 19.18 -34.97 3.80
C TYR C 217 19.58 -33.63 3.18
N ALA C 218 18.69 -33.01 2.40
CA ALA C 218 18.89 -31.64 1.91
C ALA C 218 17.53 -30.95 1.82
N PRO C 219 16.80 -30.88 2.94
CA PRO C 219 15.44 -30.36 2.88
C PRO C 219 15.39 -28.87 2.58
N LYS C 220 16.37 -28.09 3.03
CA LYS C 220 16.31 -26.66 2.84
C LYS C 220 16.71 -26.26 1.42
N LEU C 221 17.60 -27.03 0.78
CA LEU C 221 17.93 -26.75 -0.61
C LEU C 221 16.80 -27.14 -1.55
N ASP C 222 16.16 -28.28 -1.29
CA ASP C 222 14.99 -28.63 -2.09
C ASP C 222 13.92 -27.55 -1.95
N GLU C 223 13.71 -27.06 -0.73
CA GLU C 223 12.78 -25.96 -0.52
C GLU C 223 13.20 -24.73 -1.32
N TRP C 224 14.49 -24.40 -1.28
CA TRP C 224 14.97 -23.21 -1.98
C TRP C 224 14.72 -23.31 -3.48
N PHE C 225 15.07 -24.47 -4.07
CA PHE C 225 14.80 -24.66 -5.49
C PHE C 225 13.30 -24.52 -5.77
N TYR C 226 12.46 -25.11 -4.93
CA TYR C 226 11.02 -25.02 -5.12
C TYR C 226 10.56 -23.58 -5.10
N LEU C 227 11.08 -22.77 -4.17
CA LEU C 227 10.58 -21.41 -4.01
C LEU C 227 11.25 -20.43 -4.98
N ALA C 228 12.55 -20.61 -5.24
CA ALA C 228 13.33 -19.64 -5.99
C ALA C 228 13.54 -20.03 -7.44
N CYS C 229 13.47 -21.32 -7.78
CA CYS C 229 13.66 -21.79 -9.16
C CYS C 229 12.53 -22.75 -9.52
N PRO C 230 11.29 -22.28 -9.50
CA PRO C 230 10.16 -23.20 -9.69
C PRO C 230 10.23 -23.99 -10.99
N ALA C 231 10.64 -23.37 -12.09
CA ALA C 231 10.73 -24.09 -13.36
C ALA C 231 11.76 -25.20 -13.30
N THR C 232 12.92 -24.93 -12.69
CA THR C 232 13.95 -25.96 -12.55
C THR C 232 13.49 -27.08 -11.65
N TRP C 233 12.80 -26.74 -10.56
CA TRP C 233 12.31 -27.76 -9.64
C TRP C 233 11.28 -28.67 -10.31
N GLY C 234 10.31 -28.06 -10.99
CA GLY C 234 9.25 -28.83 -11.63
C GLY C 234 9.73 -29.73 -12.74
N LYS C 235 10.87 -29.41 -13.36
CA LYS C 235 11.34 -30.21 -14.48
C LYS C 235 11.63 -31.65 -14.07
N LEU C 236 11.95 -31.88 -12.80
CA LEU C 236 12.28 -33.23 -12.31
C LEU C 236 11.26 -33.75 -11.30
N ASN C 237 10.11 -33.10 -11.16
CA ASN C 237 9.09 -33.56 -10.23
C ASN C 237 7.72 -33.64 -10.91
N ASN D 2 25.77 5.27 12.37
CA ASN D 2 25.89 5.17 10.92
C ASN D 2 24.94 6.15 10.23
N ALA D 3 25.48 6.93 9.29
CA ALA D 3 24.69 7.95 8.63
C ALA D 3 23.71 7.32 7.63
N GLN D 4 24.17 6.34 6.86
CA GLN D 4 23.28 5.69 5.90
C GLN D 4 22.06 5.08 6.59
N ALA D 5 22.29 4.41 7.73
CA ALA D 5 21.17 3.84 8.47
C ALA D 5 20.24 4.93 9.00
N GLU D 6 20.81 6.01 9.52
CA GLU D 6 19.99 7.11 10.02
C GLU D 6 19.19 7.75 8.88
N GLU D 7 19.85 8.07 7.77
CA GLU D 7 19.12 8.61 6.63
C GLU D 7 18.06 7.64 6.14
N PHE D 8 18.38 6.34 6.14
CA PHE D 8 17.40 5.36 5.70
C PHE D 8 16.24 5.25 6.69
N LYS D 9 16.53 5.39 7.99
CA LYS D 9 15.46 5.41 8.99
C LYS D 9 14.53 6.59 8.78
N LYS D 10 15.09 7.81 8.80
CA LYS D 10 14.27 9.01 8.66
C LYS D 10 13.49 8.98 7.35
N TYR D 11 13.97 8.25 6.35
CA TYR D 11 13.25 8.13 5.08
C TYR D 11 12.06 7.19 5.21
N LEU D 12 12.14 6.17 6.06
CA LEU D 12 11.03 5.24 6.23
C LEU D 12 9.87 5.92 6.96
N GLU D 13 10.16 6.64 8.04
CA GLU D 13 9.11 7.35 8.76
C GLU D 13 8.46 8.41 7.88
N THR D 14 9.24 9.06 7.01
CA THR D 14 8.68 10.00 6.06
C THR D 14 7.59 9.35 5.21
N ASN D 15 7.75 8.07 4.88
CA ASN D 15 6.85 7.37 3.98
C ASN D 15 5.85 6.47 4.71
N GLY D 16 5.68 6.66 6.03
CA GLY D 16 4.60 6.05 6.78
C GLY D 16 5.02 4.92 7.69
N ILE D 17 6.12 4.25 7.38
CA ILE D 17 6.57 3.12 8.19
C ILE D 17 7.28 3.66 9.42
N LYS D 18 6.74 3.36 10.59
CA LYS D 18 7.34 3.76 11.85
C LYS D 18 7.88 2.56 12.61
N PRO D 19 8.85 2.76 13.50
CA PRO D 19 9.58 1.62 14.09
C PRO D 19 8.72 0.84 15.06
N LYS D 20 8.46 -0.42 14.74
CA LYS D 20 7.92 -1.35 15.71
C LYS D 20 9.02 -1.78 16.67
N GLN D 21 8.63 -2.02 17.92
CA GLN D 21 9.56 -2.47 18.95
C GLN D 21 9.19 -3.87 19.40
N PHE D 22 10.21 -4.72 19.52
CA PHE D 22 10.04 -6.10 19.92
C PHE D 22 10.83 -6.37 21.20
N HIS D 23 10.46 -7.45 21.88
CA HIS D 23 11.08 -7.85 23.14
C HIS D 23 11.73 -9.21 22.98
N LYS D 24 12.55 -9.56 23.98
CA LYS D 24 13.26 -10.83 23.99
C LYS D 24 12.32 -11.98 23.63
N LYS D 25 12.85 -12.94 22.87
CA LYS D 25 12.14 -14.16 22.49
C LYS D 25 11.03 -13.92 21.47
N GLU D 26 10.72 -12.67 21.17
CA GLU D 26 9.68 -12.37 20.21
C GLU D 26 10.20 -12.59 18.78
N LEU D 27 9.27 -12.90 17.87
CA LEU D 27 9.62 -13.26 16.49
C LEU D 27 9.14 -12.16 15.55
N ILE D 28 10.08 -11.49 14.89
CA ILE D 28 9.72 -10.47 13.92
C ILE D 28 9.03 -11.11 12.72
N PHE D 29 9.52 -12.27 12.29
CA PHE D 29 8.77 -13.13 11.39
C PHE D 29 9.11 -14.58 11.74
N ASN D 30 8.35 -15.50 11.15
CA ASN D 30 8.44 -16.91 11.53
C ASN D 30 8.42 -17.79 10.29
N GLN D 31 8.72 -19.07 10.50
CA GLN D 31 8.84 -20.04 9.41
C GLN D 31 7.51 -20.68 9.03
N TRP D 32 6.46 -20.50 9.84
CA TRP D 32 5.20 -21.18 9.61
C TRP D 32 4.14 -20.26 9.00
N ASP D 33 4.45 -19.00 8.78
CA ASP D 33 3.49 -18.01 8.34
C ASP D 33 3.88 -17.47 6.97
N PRO D 34 2.95 -17.43 5.98
CA PRO D 34 3.29 -17.03 4.61
C PRO D 34 3.30 -15.52 4.39
N GLN D 35 4.03 -14.80 5.24
CA GLN D 35 4.20 -13.36 5.09
C GLN D 35 5.64 -13.07 4.69
N GLU D 36 5.81 -12.20 3.70
CA GLU D 36 7.12 -11.77 3.21
C GLU D 36 7.35 -10.32 3.63
N TYR D 37 8.50 -10.07 4.25
CA TYR D 37 8.84 -8.76 4.77
C TYR D 37 10.23 -8.34 4.30
N CYS D 38 10.58 -7.10 4.63
CA CYS D 38 11.94 -6.59 4.48
C CYS D 38 12.27 -5.83 5.76
N ILE D 39 12.77 -6.54 6.76
CA ILE D 39 13.01 -5.95 8.06
C ILE D 39 14.26 -5.08 7.99
N PHE D 40 14.12 -3.82 8.38
CA PHE D 40 15.26 -2.95 8.65
C PHE D 40 15.48 -2.98 10.16
N LEU D 41 16.37 -3.87 10.59
CA LEU D 41 16.72 -3.96 12.00
C LEU D 41 17.56 -2.76 12.40
N TYR D 42 16.90 -1.71 12.90
CA TYR D 42 17.61 -0.47 13.22
C TYR D 42 18.54 -0.64 14.42
N ASP D 43 18.10 -1.41 15.43
CA ASP D 43 18.89 -1.57 16.64
C ASP D 43 18.45 -2.84 17.35
N GLY D 44 19.41 -3.51 17.99
CA GLY D 44 19.17 -4.74 18.70
C GLY D 44 19.93 -5.90 18.09
N ILE D 45 19.77 -7.06 18.72
CA ILE D 45 20.45 -8.29 18.30
C ILE D 45 19.38 -9.35 18.06
N THR D 46 19.37 -9.93 16.87
CA THR D 46 18.45 -10.99 16.50
C THR D 46 19.23 -12.23 16.09
N LYS D 47 18.50 -13.33 15.88
CA LYS D 47 19.09 -14.54 15.33
C LYS D 47 18.12 -15.16 14.33
N LEU D 48 18.67 -15.70 13.25
CA LEU D 48 17.89 -16.36 12.20
C LEU D 48 17.98 -17.87 12.41
N THR D 49 16.83 -18.52 12.55
CA THR D 49 16.77 -19.93 12.92
C THR D 49 15.89 -20.70 11.95
N SER D 50 16.13 -22.01 11.92
CA SER D 50 15.31 -22.96 11.17
C SER D 50 15.06 -24.17 12.05
N ILE D 51 13.80 -24.56 12.18
CA ILE D 51 13.40 -25.67 13.05
C ILE D 51 12.75 -26.74 12.18
N SER D 52 13.36 -27.93 12.16
CA SER D 52 12.78 -29.05 11.45
C SER D 52 11.54 -29.57 12.19
N GLU D 53 10.84 -30.51 11.55
CA GLU D 53 9.58 -31.00 12.12
C GLU D 53 9.79 -31.60 13.50
N ASN D 54 10.95 -32.22 13.75
CA ASN D 54 11.18 -32.91 15.02
C ASN D 54 11.59 -31.99 16.16
N GLY D 55 11.97 -30.75 15.86
CA GLY D 55 12.33 -29.78 16.89
C GLY D 55 13.80 -29.44 16.95
N THR D 56 14.63 -29.95 16.04
CA THR D 56 16.04 -29.61 16.03
C THR D 56 16.23 -28.20 15.51
N ILE D 57 17.02 -27.41 16.23
CA ILE D 57 17.22 -25.99 15.91
C ILE D 57 18.54 -25.84 15.16
N MET D 58 18.54 -24.97 14.16
CA MET D 58 19.74 -24.57 13.45
C MET D 58 19.80 -23.05 13.48
N ASN D 59 20.91 -22.50 13.98
CA ASN D 59 21.16 -21.07 13.94
C ASN D 59 21.97 -20.76 12.69
N LEU D 60 21.35 -20.05 11.74
CA LEU D 60 22.02 -19.71 10.50
C LEU D 60 22.99 -18.54 10.70
N GLN D 61 22.64 -17.60 11.58
CA GLN D 61 23.50 -16.50 11.96
C GLN D 61 22.79 -15.51 12.89
N TYR D 62 23.52 -14.57 13.48
CA TYR D 62 22.91 -13.45 14.15
C TYR D 62 22.87 -12.23 13.23
N TYR D 63 22.00 -11.28 13.57
CA TYR D 63 21.99 -9.98 12.92
C TYR D 63 22.05 -8.91 14.00
N LYS D 64 22.98 -7.97 13.85
CA LYS D 64 23.12 -6.84 14.76
C LYS D 64 22.80 -5.56 14.00
N GLY D 65 21.86 -4.79 14.52
CA GLY D 65 21.46 -3.57 13.85
C GLY D 65 22.62 -2.61 13.73
N ALA D 66 22.68 -1.80 12.66
CA ALA D 66 21.68 -1.77 11.60
C ALA D 66 21.98 -2.80 10.52
N PHE D 67 20.95 -3.38 9.93
CA PHE D 67 21.09 -4.34 8.84
C PHE D 67 19.71 -4.60 8.24
N VAL D 68 19.71 -5.24 7.08
CA VAL D 68 18.47 -5.52 6.34
C VAL D 68 18.32 -7.04 6.22
N ILE D 69 17.13 -7.53 6.49
CA ILE D 69 16.82 -8.96 6.38
C ILE D 69 15.56 -9.12 5.53
N MET D 70 15.60 -10.06 4.59
CA MET D 70 14.52 -10.27 3.64
C MET D 70 13.96 -11.68 3.81
N SER D 71 12.64 -11.78 3.91
CA SER D 71 11.95 -13.06 3.86
C SER D 71 11.21 -13.26 2.55
N GLY D 72 11.33 -12.34 1.59
CA GLY D 72 10.69 -12.48 0.30
C GLY D 72 11.48 -11.80 -0.79
N PHE D 73 11.16 -12.18 -2.03
CA PHE D 73 11.78 -11.57 -3.20
C PHE D 73 10.99 -10.34 -3.64
N ILE D 74 11.71 -9.31 -4.10
CA ILE D 74 11.05 -8.16 -4.71
C ILE D 74 10.44 -8.55 -6.05
N ASP D 75 11.19 -9.28 -6.87
CA ASP D 75 10.76 -9.56 -8.23
C ASP D 75 9.40 -10.27 -8.23
N THR D 76 9.23 -11.27 -7.38
CA THR D 76 8.04 -12.12 -7.40
C THR D 76 7.18 -12.01 -6.16
N GLU D 77 7.63 -11.34 -5.11
CA GLU D 77 6.91 -11.19 -3.84
C GLU D 77 6.68 -12.53 -3.14
N THR D 78 7.37 -13.59 -3.55
CA THR D 78 7.27 -14.89 -2.90
C THR D 78 8.42 -15.08 -1.91
N SER D 79 8.34 -16.17 -1.16
CA SER D 79 9.27 -16.41 -0.06
C SER D 79 10.65 -16.81 -0.56
N VAL D 80 11.67 -16.41 0.20
CA VAL D 80 13.05 -16.80 -0.08
C VAL D 80 13.45 -18.07 0.66
N GLY D 81 12.57 -18.60 1.50
CA GLY D 81 12.93 -19.65 2.43
C GLY D 81 12.33 -19.34 3.78
N TYR D 82 11.86 -20.37 4.48
CA TYR D 82 11.10 -20.17 5.71
C TYR D 82 12.06 -20.22 6.90
N TYR D 83 12.22 -19.07 7.56
CA TYR D 83 13.06 -18.96 8.73
C TYR D 83 12.34 -18.13 9.77
N ASN D 84 12.85 -18.18 11.00
CA ASN D 84 12.39 -17.32 12.08
C ASN D 84 13.44 -16.26 12.36
N LEU D 85 12.97 -15.07 12.75
CA LEU D 85 13.86 -13.99 13.18
C LEU D 85 13.51 -13.69 14.63
N GLU D 86 14.26 -14.32 15.54
CA GLU D 86 14.00 -14.21 16.98
C GLU D 86 14.93 -13.17 17.60
N VAL D 87 14.37 -12.36 18.50
CA VAL D 87 15.12 -11.35 19.21
C VAL D 87 15.76 -11.98 20.44
N ILE D 88 17.08 -11.81 20.59
CA ILE D 88 17.79 -12.34 21.74
C ILE D 88 18.29 -11.25 22.69
N SER D 89 18.26 -9.99 22.26
CA SER D 89 18.52 -8.87 23.16
C SER D 89 17.23 -8.43 23.82
N GLU D 90 17.35 -7.64 24.88
CA GLU D 90 16.18 -7.17 25.60
C GLU D 90 15.22 -6.45 24.68
N GLN D 91 15.68 -5.39 24.04
CA GLN D 91 14.89 -4.59 23.13
C GLN D 91 15.44 -4.71 21.73
N ALA D 92 14.55 -4.61 20.75
CA ALA D 92 14.93 -4.55 19.35
C ALA D 92 13.95 -3.66 18.63
N THR D 93 14.47 -2.71 17.86
CA THR D 93 13.66 -1.78 17.10
C THR D 93 13.86 -2.07 15.62
N ALA D 94 12.77 -2.36 14.92
CA ALA D 94 12.83 -2.74 13.52
C ALA D 94 11.67 -2.12 12.76
N TYR D 95 11.93 -1.78 11.49
CA TYR D 95 10.91 -1.26 10.60
C TYR D 95 10.43 -2.40 9.71
N VAL D 96 9.19 -2.81 9.90
CA VAL D 96 8.62 -3.94 9.16
C VAL D 96 7.88 -3.38 7.96
N ILE D 97 8.41 -3.64 6.76
CA ILE D 97 7.79 -3.21 5.51
C ILE D 97 7.43 -4.45 4.72
N LYS D 98 6.19 -4.50 4.23
CA LYS D 98 5.75 -5.64 3.43
C LYS D 98 6.54 -5.70 2.13
N ILE D 99 6.66 -6.92 1.59
CA ILE D 99 7.49 -7.10 0.41
C ILE D 99 6.90 -6.36 -0.79
N ASN D 100 5.57 -6.28 -0.87
CA ASN D 100 4.92 -5.57 -1.97
C ASN D 100 5.01 -4.05 -1.84
N GLU D 101 5.53 -3.55 -0.71
CA GLU D 101 5.74 -2.13 -0.52
C GLU D 101 7.16 -1.69 -0.87
N LEU D 102 8.08 -2.62 -1.05
CA LEU D 102 9.49 -2.27 -1.12
C LEU D 102 9.89 -1.74 -2.49
N LYS D 103 9.30 -2.27 -3.56
CA LYS D 103 9.74 -1.90 -4.90
C LYS D 103 9.52 -0.42 -5.17
N GLU D 104 8.31 0.07 -4.94
CA GLU D 104 8.03 1.50 -5.14
C GLU D 104 8.83 2.34 -4.15
N LEU D 105 9.02 1.84 -2.93
CA LEU D 105 9.71 2.63 -1.92
C LEU D 105 11.18 2.82 -2.26
N LEU D 106 11.79 1.86 -2.98
CA LEU D 106 13.16 2.01 -3.44
C LEU D 106 13.25 2.66 -4.82
N SER D 107 12.23 2.46 -5.67
CA SER D 107 12.26 3.05 -7.00
C SER D 107 12.35 4.57 -6.94
N LYS D 108 11.82 5.19 -5.88
CA LYS D 108 11.89 6.63 -5.73
C LYS D 108 13.32 7.08 -5.44
N ASN D 109 13.84 6.68 -4.28
CA ASN D 109 15.15 7.10 -3.82
C ASN D 109 16.16 5.98 -4.07
N LEU D 110 17.11 6.22 -4.98
CA LEU D 110 18.09 5.19 -5.34
C LEU D 110 19.25 5.14 -4.36
N THR D 111 19.58 6.25 -3.70
CA THR D 111 20.65 6.21 -2.71
C THR D 111 20.36 5.18 -1.64
N HIS D 112 19.09 5.01 -1.27
CA HIS D 112 18.70 3.98 -0.32
C HIS D 112 18.58 2.61 -0.99
N PHE D 113 18.27 2.59 -2.29
CA PHE D 113 18.35 1.34 -3.05
C PHE D 113 19.76 0.77 -2.96
N PHE D 114 20.77 1.59 -3.26
CA PHE D 114 22.15 1.13 -3.18
C PHE D 114 22.54 0.73 -1.76
N TYR D 115 21.92 1.36 -0.76
CA TYR D 115 22.20 0.97 0.63
C TYR D 115 21.75 -0.48 0.88
N VAL D 116 20.52 -0.80 0.50
CA VAL D 116 20.01 -2.16 0.67
C VAL D 116 20.85 -3.12 -0.17
N PHE D 117 21.10 -2.77 -1.43
CA PHE D 117 21.96 -3.57 -2.28
C PHE D 117 23.30 -3.85 -1.61
N GLN D 118 23.89 -2.83 -0.99
CA GLN D 118 25.18 -2.99 -0.33
C GLN D 118 25.11 -4.02 0.79
N THR D 119 24.07 -3.94 1.61
CA THR D 119 23.96 -4.85 2.75
C THR D 119 23.81 -6.29 2.30
N LEU D 120 23.03 -6.52 1.23
CA LEU D 120 22.92 -7.87 0.71
C LEU D 120 24.27 -8.39 0.20
N GLN D 121 25.07 -7.50 -0.40
CA GLN D 121 26.41 -7.89 -0.81
C GLN D 121 27.25 -8.27 0.40
N LYS D 122 27.12 -7.53 1.50
CA LYS D 122 27.80 -7.93 2.73
C LYS D 122 27.30 -9.28 3.22
N GLN D 123 25.99 -9.53 3.09
CA GLN D 123 25.44 -10.84 3.44
C GLN D 123 26.11 -11.95 2.64
N VAL D 124 26.18 -11.77 1.31
CA VAL D 124 26.81 -12.78 0.45
C VAL D 124 28.24 -13.03 0.88
N SER D 125 29.01 -11.96 1.06
CA SER D 125 30.42 -12.10 1.45
C SER D 125 30.56 -12.83 2.78
N TYR D 126 29.72 -12.49 3.75
CA TYR D 126 29.73 -13.20 5.02
C TYR D 126 29.45 -14.68 4.83
N SER D 127 28.38 -15.01 4.11
CA SER D 127 28.01 -16.41 3.91
C SER D 127 29.14 -17.18 3.22
N LEU D 128 29.68 -16.64 2.13
CA LEU D 128 30.73 -17.33 1.41
C LEU D 128 31.94 -17.55 2.31
N ALA D 129 32.37 -16.51 3.03
CA ALA D 129 33.49 -16.66 3.96
C ALA D 129 33.16 -17.70 5.03
N LYS D 130 31.98 -17.58 5.64
CA LYS D 130 31.57 -18.54 6.66
C LYS D 130 31.57 -19.96 6.11
N PHE D 131 31.00 -20.15 4.91
CA PHE D 131 30.97 -21.47 4.30
C PHE D 131 32.38 -22.00 4.08
N ASN D 132 33.31 -21.11 3.71
CA ASN D 132 34.68 -21.53 3.47
C ASN D 132 35.34 -22.05 4.74
N ASP D 133 35.26 -21.27 5.83
CA ASP D 133 35.99 -21.63 7.04
C ASP D 133 35.32 -22.78 7.80
N PHE D 134 33.99 -22.83 7.80
CA PHE D 134 33.28 -23.88 8.53
C PHE D 134 33.44 -25.26 7.89
N SER D 135 33.97 -25.33 6.67
CA SER D 135 34.05 -26.58 5.92
C SER D 135 35.44 -27.22 5.95
N ILE D 136 36.49 -26.41 5.79
CA ILE D 136 37.83 -26.97 5.60
C ILE D 136 38.26 -27.80 6.80
N ASN D 137 38.29 -27.17 7.98
CA ASN D 137 38.87 -27.79 9.17
C ASN D 137 37.84 -28.52 10.02
N GLY D 138 36.85 -29.16 9.42
CA GLY D 138 35.90 -29.93 10.17
C GLY D 138 35.14 -29.10 11.20
N LYS D 139 34.63 -29.80 12.21
CA LYS D 139 33.84 -29.14 13.25
C LYS D 139 34.70 -28.26 14.16
N LEU D 140 35.99 -28.54 14.26
CA LEU D 140 36.87 -27.63 14.99
C LEU D 140 36.92 -26.26 14.33
N GLY D 141 37.04 -26.24 13.00
CA GLY D 141 37.03 -24.97 12.29
C GLY D 141 35.71 -24.24 12.43
N SER D 142 34.63 -24.97 12.67
CA SER D 142 33.32 -24.34 12.82
C SER D 142 33.21 -23.59 14.14
N ILE D 143 33.71 -24.19 15.23
CA ILE D 143 33.65 -23.54 16.54
C ILE D 143 34.57 -22.31 16.54
N CYS D 144 35.80 -22.47 16.06
CA CYS D 144 36.72 -21.34 16.03
C CYS D 144 36.16 -20.20 15.18
N GLY D 145 35.57 -20.52 14.03
CA GLY D 145 34.96 -19.48 13.21
C GLY D 145 33.83 -18.77 13.92
N GLN D 146 32.95 -19.53 14.56
CA GLN D 146 31.86 -18.92 15.31
C GLN D 146 32.39 -18.05 16.44
N LEU D 147 33.35 -18.58 17.21
CA LEU D 147 33.97 -17.77 18.26
C LEU D 147 34.58 -16.50 17.69
N LEU D 148 35.29 -16.61 16.56
CA LEU D 148 35.86 -15.44 15.92
C LEU D 148 34.77 -14.42 15.59
N ILE D 149 33.67 -14.89 14.99
CA ILE D 149 32.57 -13.99 14.65
C ILE D 149 32.06 -13.27 15.89
N LEU D 150 31.82 -14.03 16.97
CA LEU D 150 31.31 -13.42 18.19
C LEU D 150 32.31 -12.43 18.78
N THR D 151 33.60 -12.77 18.72
CA THR D 151 34.63 -11.91 19.29
C THR D 151 34.63 -10.54 18.62
N TYR D 152 34.62 -10.52 17.28
CA TYR D 152 34.69 -9.25 16.56
C TYR D 152 33.43 -8.43 16.76
N VAL D 153 32.26 -9.07 16.73
CA VAL D 153 31.00 -8.33 16.72
C VAL D 153 30.52 -7.96 18.12
N TYR D 154 30.84 -8.78 19.13
CA TYR D 154 30.36 -8.56 20.48
C TYR D 154 31.46 -8.53 21.53
N GLY D 155 32.71 -8.77 21.15
CA GLY D 155 33.79 -8.77 22.12
C GLY D 155 34.28 -7.37 22.44
N LYS D 156 34.71 -7.20 23.69
CA LYS D 156 35.31 -5.95 24.14
C LYS D 156 36.42 -6.28 25.12
N GLU D 157 37.61 -5.77 24.85
CA GLU D 157 38.80 -6.23 25.56
C GLU D 157 38.67 -6.04 27.08
N THR D 158 39.28 -6.95 27.80
CA THR D 158 39.34 -6.95 29.26
C THR D 158 40.76 -7.26 29.68
N PRO D 159 41.11 -7.03 30.95
CA PRO D 159 42.48 -7.35 31.40
C PRO D 159 42.80 -8.84 31.38
N ASP D 160 41.81 -9.70 31.10
CA ASP D 160 42.03 -11.14 31.06
C ASP D 160 41.37 -11.76 29.82
N GLY D 161 41.49 -11.06 28.68
CA GLY D 161 40.95 -11.56 27.43
C GLY D 161 39.96 -10.62 26.77
N ILE D 162 39.20 -11.13 25.81
CA ILE D 162 38.19 -10.36 25.10
C ILE D 162 36.83 -10.92 25.49
N LYS D 163 36.07 -10.16 26.27
CA LYS D 163 34.81 -10.62 26.81
C LYS D 163 33.73 -10.55 25.74
N ILE D 164 33.25 -11.73 25.30
CA ILE D 164 32.12 -11.81 24.39
C ILE D 164 30.88 -11.35 25.13
N THR D 165 30.45 -10.12 24.90
CA THR D 165 29.36 -9.49 25.68
C THR D 165 28.03 -9.98 25.13
N LEU D 166 27.69 -11.23 25.47
CA LEU D 166 26.38 -11.79 25.20
C LEU D 166 25.80 -12.36 26.48
N ASP D 167 24.53 -12.06 26.71
CA ASP D 167 23.89 -12.30 28.00
C ASP D 167 24.12 -13.73 28.51
N ASN D 168 23.51 -14.70 27.85
CA ASN D 168 23.57 -16.10 28.28
C ASN D 168 24.11 -16.94 27.13
N LEU D 169 25.41 -16.83 26.87
CA LEU D 169 26.05 -17.63 25.84
C LEU D 169 26.28 -19.05 26.38
N THR D 170 25.76 -20.04 25.66
CA THR D 170 25.71 -21.41 26.15
C THR D 170 26.51 -22.32 25.21
N MET D 171 26.99 -23.44 25.77
CA MET D 171 27.55 -24.50 24.93
C MET D 171 26.56 -24.97 23.89
N GLN D 172 25.27 -24.99 24.25
CA GLN D 172 24.24 -25.42 23.31
C GLN D 172 24.07 -24.42 22.18
N GLU D 173 24.12 -23.12 22.49
CA GLU D 173 23.97 -22.10 21.46
C GLU D 173 25.12 -22.14 20.46
N LEU D 174 26.34 -22.37 20.95
CA LEU D 174 27.47 -22.53 20.03
C LEU D 174 27.26 -23.73 19.12
N GLY D 175 26.68 -24.81 19.67
CA GLY D 175 26.37 -25.96 18.83
C GLY D 175 25.35 -25.64 17.76
N TYR D 176 24.34 -24.84 18.10
CA TYR D 176 23.35 -24.44 17.11
C TYR D 176 23.99 -23.59 16.02
N SER D 177 24.94 -22.73 16.38
CA SER D 177 25.54 -21.82 15.40
C SER D 177 26.49 -22.55 14.46
N SER D 178 27.08 -23.66 14.90
CA SER D 178 27.81 -24.55 14.03
C SER D 178 26.90 -25.73 13.66
N GLY D 179 27.46 -26.70 12.95
CA GLY D 179 26.69 -27.87 12.57
C GLY D 179 26.87 -29.03 13.54
N ILE D 180 26.65 -28.78 14.83
CA ILE D 180 26.90 -29.76 15.88
C ILE D 180 25.63 -29.90 16.71
N ALA D 181 24.98 -31.06 16.63
CA ALA D 181 23.68 -31.25 17.25
C ALA D 181 23.79 -31.64 18.72
N HIS D 182 24.87 -32.31 19.12
CA HIS D 182 25.04 -32.78 20.48
C HIS D 182 26.11 -31.97 21.19
N SER D 183 25.77 -31.46 22.38
CA SER D 183 26.71 -30.68 23.16
C SER D 183 27.90 -31.51 23.61
N SER D 184 27.78 -32.84 23.61
CA SER D 184 28.91 -33.69 24.00
C SER D 184 30.13 -33.41 23.12
N ALA D 185 29.92 -33.25 21.81
CA ALA D 185 31.01 -32.94 20.91
C ALA D 185 31.44 -31.48 21.01
N VAL D 186 30.49 -30.58 21.26
CA VAL D 186 30.83 -29.18 21.45
C VAL D 186 31.68 -29.01 22.71
N SER D 187 31.31 -29.72 23.78
CA SER D 187 32.02 -29.58 25.05
C SER D 187 33.45 -30.08 24.95
N ARG D 188 33.72 -31.09 24.13
CA ARG D 188 35.07 -31.60 24.00
C ARG D 188 35.97 -30.61 23.29
N ILE D 189 35.49 -30.00 22.20
CA ILE D 189 36.29 -29.02 21.48
C ILE D 189 36.64 -27.85 22.40
N ILE D 190 35.64 -27.34 23.12
CA ILE D 190 35.86 -26.17 23.98
C ILE D 190 36.75 -26.53 25.16
N SER D 191 36.69 -27.77 25.64
CA SER D 191 37.56 -28.18 26.74
C SER D 191 39.02 -28.19 26.30
N LYS D 192 39.29 -28.59 25.05
CA LYS D 192 40.65 -28.54 24.55
C LYS D 192 41.12 -27.11 24.32
N LEU D 193 40.19 -26.20 24.00
CA LEU D 193 40.56 -24.79 23.85
C LEU D 193 40.90 -24.17 25.19
N LYS D 194 40.12 -24.48 26.23
CA LYS D 194 40.50 -24.09 27.58
C LYS D 194 41.82 -24.72 27.97
N GLN D 195 41.98 -26.03 27.72
CA GLN D 195 43.24 -26.71 27.97
C GLN D 195 44.41 -25.95 27.35
N GLU D 196 44.33 -25.69 26.05
CA GLU D 196 45.39 -24.97 25.35
C GLU D 196 45.33 -23.46 25.58
N LYS D 197 44.50 -23.01 26.52
CA LYS D 197 44.45 -21.59 26.91
C LYS D 197 44.13 -20.70 25.73
N VAL D 198 42.99 -20.99 25.10
CA VAL D 198 42.44 -20.13 24.05
C VAL D 198 41.22 -19.36 24.53
N ILE D 199 40.47 -19.88 25.50
CA ILE D 199 39.26 -19.24 26.00
C ILE D 199 39.12 -19.54 27.48
N VAL D 200 38.28 -18.75 28.15
CA VAL D 200 38.00 -18.91 29.57
C VAL D 200 36.54 -18.56 29.81
N TYR D 201 35.93 -19.25 30.77
CA TYR D 201 34.53 -19.02 31.13
C TYR D 201 34.49 -18.43 32.54
N LYS D 202 34.05 -17.17 32.63
CA LYS D 202 33.96 -16.47 33.91
C LYS D 202 32.74 -15.55 33.87
N ASN D 203 32.18 -15.30 35.04
CA ASN D 203 31.05 -14.38 35.19
C ASN D 203 29.95 -14.69 34.17
N SER D 204 29.77 -15.96 33.86
CA SER D 204 28.77 -16.40 32.89
C SER D 204 29.03 -15.81 31.52
N CYS D 205 30.30 -15.71 31.14
CA CYS D 205 30.69 -15.16 29.85
C CYS D 205 31.96 -15.85 29.38
N PHE D 206 32.14 -15.85 28.06
CA PHE D 206 33.33 -16.43 27.43
C PHE D 206 34.33 -15.31 27.14
N TYR D 207 35.60 -15.54 27.51
CA TYR D 207 36.68 -14.61 27.27
C TYR D 207 37.71 -15.26 26.35
N VAL D 208 38.09 -14.57 25.29
CA VAL D 208 39.07 -15.07 24.34
C VAL D 208 40.46 -14.62 24.78
N GLN D 209 41.41 -15.55 24.76
CA GLN D 209 42.79 -15.27 25.14
C GLN D 209 43.70 -15.20 23.93
N ASN D 210 43.84 -16.30 23.19
CA ASN D 210 44.70 -16.36 22.01
C ASN D 210 43.81 -16.18 20.78
N LEU D 211 43.77 -14.95 20.26
CA LEU D 211 42.99 -14.68 19.06
C LEU D 211 43.66 -15.22 17.81
N ASP D 212 44.99 -15.36 17.82
CA ASP D 212 45.68 -15.90 16.65
C ASP D 212 45.31 -17.35 16.39
N TYR D 213 44.90 -18.08 17.44
CA TYR D 213 44.44 -19.45 17.24
C TYR D 213 43.14 -19.46 16.46
N LEU D 214 42.17 -18.65 16.86
CA LEU D 214 40.93 -18.54 16.12
C LEU D 214 41.17 -18.09 14.69
N LYS D 215 42.05 -17.09 14.51
CA LYS D 215 42.37 -16.62 13.17
C LYS D 215 42.90 -17.74 12.29
N ARG D 216 43.76 -18.60 12.85
CA ARG D 216 44.41 -19.63 12.04
C ARG D 216 43.39 -20.60 11.45
N TYR D 217 42.27 -20.81 12.14
CA TYR D 217 41.27 -21.78 11.72
C TYR D 217 40.06 -21.14 11.06
N ALA D 218 40.03 -19.80 10.93
CA ALA D 218 38.95 -19.10 10.23
C ALA D 218 39.55 -17.93 9.46
N PRO D 219 40.41 -18.21 8.47
CA PRO D 219 41.09 -17.11 7.76
C PRO D 219 40.19 -16.35 6.81
N LYS D 220 39.17 -16.99 6.23
CA LYS D 220 38.28 -16.28 5.32
C LYS D 220 37.37 -15.33 6.08
N LEU D 221 36.86 -15.75 7.24
CA LEU D 221 36.06 -14.86 8.06
C LEU D 221 36.91 -13.70 8.59
N ASP D 222 38.12 -13.99 9.04
CA ASP D 222 39.03 -12.93 9.45
C ASP D 222 39.26 -11.95 8.31
N GLU D 223 39.50 -12.47 7.11
CA GLU D 223 39.64 -11.62 5.93
C GLU D 223 38.36 -10.83 5.67
N TRP D 224 37.20 -11.41 5.96
CA TRP D 224 35.94 -10.73 5.69
C TRP D 224 35.72 -9.55 6.62
N PHE D 225 36.05 -9.71 7.91
CA PHE D 225 35.91 -8.60 8.84
C PHE D 225 36.87 -7.47 8.50
N TYR D 226 38.15 -7.80 8.26
CA TYR D 226 39.12 -6.81 7.83
C TYR D 226 38.70 -6.09 6.55
N LEU D 227 37.85 -6.73 5.74
CA LEU D 227 37.56 -6.26 4.40
C LEU D 227 36.17 -5.69 4.22
N ALA D 228 35.23 -6.01 5.12
CA ALA D 228 33.87 -5.47 5.05
C ALA D 228 33.45 -4.72 6.31
N CYS D 229 34.13 -4.91 7.42
CA CYS D 229 33.91 -4.15 8.65
C CYS D 229 35.25 -3.69 9.19
N PRO D 230 35.99 -2.89 8.42
CA PRO D 230 37.39 -2.63 8.77
C PRO D 230 37.58 -2.02 10.15
N ALA D 231 36.65 -1.16 10.59
CA ALA D 231 36.75 -0.61 11.93
C ALA D 231 36.80 -1.72 12.98
N THR D 232 35.97 -2.75 12.81
CA THR D 232 35.94 -3.84 13.77
C THR D 232 37.29 -4.55 13.86
N TRP D 233 37.92 -4.79 12.71
CA TRP D 233 39.19 -5.53 12.71
C TRP D 233 40.30 -4.72 13.37
N GLY D 234 40.33 -3.41 13.13
CA GLY D 234 41.34 -2.57 13.75
C GLY D 234 41.18 -2.47 15.26
N LYS D 235 39.93 -2.47 15.74
CA LYS D 235 39.67 -2.46 17.17
C LYS D 235 40.42 -3.59 17.86
N LEU D 236 40.01 -4.83 17.62
CA LEU D 236 40.75 -5.97 18.13
C LEU D 236 42.13 -6.08 17.50
N ASN D 237 42.33 -5.45 16.34
CA ASN D 237 43.62 -5.47 15.66
C ASN D 237 43.98 -6.92 15.29
N ASN E 2 -27.83 -37.83 0.96
CA ASN E 2 -28.29 -37.60 -0.41
C ASN E 2 -29.81 -37.61 -0.46
N ALA E 3 -30.42 -38.76 -0.11
CA ALA E 3 -31.87 -38.82 -0.03
C ALA E 3 -32.41 -37.80 0.97
N GLN E 4 -31.79 -37.73 2.15
CA GLN E 4 -32.15 -36.70 3.11
C GLN E 4 -31.88 -35.31 2.54
N ALA E 5 -30.77 -35.15 1.81
CA ALA E 5 -30.41 -33.86 1.27
C ALA E 5 -31.46 -33.38 0.28
N GLU E 6 -31.86 -34.24 -0.66
CA GLU E 6 -32.87 -33.87 -1.63
C GLU E 6 -34.18 -33.50 -0.95
N GLU E 7 -34.61 -34.29 0.03
CA GLU E 7 -35.83 -33.95 0.78
C GLU E 7 -35.67 -32.63 1.50
N PHE E 8 -34.47 -32.33 2.00
CA PHE E 8 -34.23 -31.05 2.65
C PHE E 8 -34.26 -29.92 1.63
N LYS E 9 -33.66 -30.14 0.46
CA LYS E 9 -33.73 -29.15 -0.61
C LYS E 9 -35.17 -28.80 -0.94
N LYS E 10 -36.01 -29.81 -1.16
CA LYS E 10 -37.41 -29.57 -1.49
C LYS E 10 -38.12 -28.82 -0.37
N TYR E 11 -37.81 -29.17 0.88
CA TYR E 11 -38.44 -28.50 2.02
C TYR E 11 -38.12 -27.02 2.04
N LEU E 12 -36.86 -26.66 1.75
CA LEU E 12 -36.47 -25.25 1.77
C LEU E 12 -37.18 -24.48 0.66
N GLU E 13 -37.21 -25.04 -0.55
CA GLU E 13 -37.87 -24.34 -1.66
C GLU E 13 -39.36 -24.19 -1.41
N THR E 14 -39.99 -25.22 -0.83
CA THR E 14 -41.41 -25.12 -0.49
C THR E 14 -41.66 -23.98 0.50
N ASN E 15 -40.65 -23.63 1.30
CA ASN E 15 -40.77 -22.56 2.29
C ASN E 15 -40.16 -21.25 1.82
N GLY E 16 -39.96 -21.09 0.51
CA GLY E 16 -39.58 -19.81 -0.06
C GLY E 16 -38.10 -19.52 -0.12
N ILE E 17 -37.25 -20.45 0.33
CA ILE E 17 -35.80 -20.25 0.26
C ILE E 17 -35.32 -20.77 -1.09
N LYS E 18 -34.73 -19.88 -1.88
CA LYS E 18 -34.31 -20.19 -3.24
C LYS E 18 -32.83 -20.55 -3.29
N PRO E 19 -32.41 -21.30 -4.30
CA PRO E 19 -30.99 -21.59 -4.45
C PRO E 19 -30.22 -20.39 -4.98
N LYS E 20 -29.01 -20.21 -4.45
CA LYS E 20 -28.11 -19.15 -4.86
C LYS E 20 -26.89 -19.74 -5.55
N GLN E 21 -26.45 -19.07 -6.61
CA GLN E 21 -25.32 -19.51 -7.40
C GLN E 21 -24.08 -18.70 -7.04
N PHE E 22 -22.96 -19.38 -6.85
CA PHE E 22 -21.69 -18.74 -6.56
C PHE E 22 -20.65 -19.27 -7.55
N HIS E 23 -19.52 -18.59 -7.61
CA HIS E 23 -18.40 -19.04 -8.45
C HIS E 23 -17.10 -18.87 -7.68
N LYS E 24 -16.04 -19.40 -8.26
CA LYS E 24 -14.76 -19.54 -7.57
C LYS E 24 -14.34 -18.23 -6.92
N LYS E 25 -13.83 -18.34 -5.68
CA LYS E 25 -13.26 -17.27 -4.87
C LYS E 25 -14.34 -16.45 -4.14
N GLU E 26 -15.62 -16.65 -4.44
CA GLU E 26 -16.67 -15.93 -3.74
C GLU E 26 -16.81 -16.45 -2.31
N LEU E 27 -17.23 -15.55 -1.41
CA LEU E 27 -17.44 -15.87 -0.02
C LEU E 27 -18.93 -15.94 0.27
N ILE E 28 -19.41 -17.13 0.65
CA ILE E 28 -20.83 -17.30 0.96
C ILE E 28 -21.16 -16.60 2.28
N PHE E 29 -20.23 -16.61 3.23
CA PHE E 29 -20.27 -15.72 4.38
C PHE E 29 -18.84 -15.36 4.75
N ASN E 30 -18.68 -14.30 5.54
CA ASN E 30 -17.35 -13.83 5.90
C ASN E 30 -17.35 -13.33 7.34
N GLN E 31 -16.16 -13.30 7.92
CA GLN E 31 -15.98 -13.00 9.34
C GLN E 31 -16.25 -11.55 9.71
N TRP E 32 -16.44 -10.66 8.73
CA TRP E 32 -16.74 -9.26 9.02
C TRP E 32 -18.23 -8.95 8.95
N ASP E 33 -19.07 -9.97 8.73
CA ASP E 33 -20.51 -9.81 8.73
C ASP E 33 -21.05 -10.40 10.03
N PRO E 34 -21.63 -9.61 10.94
CA PRO E 34 -22.12 -10.19 12.20
C PRO E 34 -23.40 -10.97 12.06
N GLN E 35 -24.13 -10.82 10.97
CA GLN E 35 -25.28 -11.69 10.68
C GLN E 35 -24.77 -13.08 10.33
N GLU E 36 -25.08 -14.05 11.17
CA GLU E 36 -24.61 -15.43 10.98
C GLU E 36 -25.67 -16.24 10.23
N TYR E 37 -25.21 -17.31 9.59
CA TYR E 37 -26.03 -18.04 8.63
C TYR E 37 -25.91 -19.55 8.84
N CYS E 38 -26.90 -20.25 8.32
CA CYS E 38 -26.81 -21.67 8.04
C CYS E 38 -26.76 -21.85 6.54
N ILE E 39 -25.69 -22.47 6.05
CA ILE E 39 -25.50 -22.70 4.63
C ILE E 39 -25.81 -24.16 4.34
N PHE E 40 -26.81 -24.39 3.50
CA PHE E 40 -27.03 -25.70 2.91
C PHE E 40 -26.32 -25.71 1.57
N LEU E 41 -25.05 -26.10 1.59
CA LEU E 41 -24.27 -26.30 0.37
C LEU E 41 -24.86 -27.48 -0.38
N TYR E 42 -25.50 -27.21 -1.52
CA TYR E 42 -26.13 -28.28 -2.30
C TYR E 42 -25.18 -28.90 -3.32
N ASP E 43 -24.35 -28.08 -3.97
CA ASP E 43 -23.45 -28.58 -5.00
C ASP E 43 -22.20 -27.72 -5.05
N GLY E 44 -21.06 -28.36 -5.28
CA GLY E 44 -19.79 -27.68 -5.38
C GLY E 44 -18.92 -27.93 -4.17
N ILE E 45 -17.77 -27.27 -4.17
CA ILE E 45 -16.76 -27.46 -3.15
C ILE E 45 -16.38 -26.11 -2.55
N THR E 46 -16.27 -26.08 -1.22
CA THR E 46 -15.97 -24.86 -0.49
C THR E 46 -14.90 -25.18 0.55
N LYS E 47 -14.38 -24.13 1.18
CA LYS E 47 -13.46 -24.30 2.29
C LYS E 47 -13.70 -23.22 3.34
N LEU E 48 -13.62 -23.63 4.60
CA LEU E 48 -13.78 -22.72 5.73
C LEU E 48 -12.42 -22.14 6.08
N THR E 49 -12.29 -20.82 6.04
CA THR E 49 -11.04 -20.15 6.35
C THR E 49 -11.23 -19.22 7.55
N SER E 50 -10.10 -18.72 8.05
CA SER E 50 -10.06 -17.71 9.09
C SER E 50 -8.88 -16.79 8.78
N ILE E 51 -9.12 -15.48 8.80
CA ILE E 51 -8.13 -14.50 8.39
C ILE E 51 -7.63 -13.77 9.62
N SER E 52 -6.33 -13.81 9.84
CA SER E 52 -5.71 -13.17 10.99
C SER E 52 -5.51 -11.68 10.74
N GLU E 53 -5.06 -10.97 11.77
CA GLU E 53 -4.79 -9.54 11.64
C GLU E 53 -3.74 -9.25 10.57
N ASN E 54 -2.82 -10.20 10.34
CA ASN E 54 -1.81 -10.04 9.31
C ASN E 54 -2.40 -10.19 7.90
N GLY E 55 -3.58 -10.77 7.78
CA GLY E 55 -4.11 -11.18 6.49
C GLY E 55 -3.83 -12.62 6.14
N THR E 56 -3.23 -13.39 7.04
CA THR E 56 -2.94 -14.79 6.77
C THR E 56 -4.22 -15.60 6.69
N ILE E 57 -4.38 -16.36 5.62
CA ILE E 57 -5.58 -17.15 5.39
C ILE E 57 -5.31 -18.55 5.93
N MET E 58 -5.86 -18.82 7.11
CA MET E 58 -5.80 -20.15 7.71
C MET E 58 -6.92 -21.01 7.13
N ASN E 59 -6.56 -22.12 6.49
CA ASN E 59 -7.53 -23.04 5.92
C ASN E 59 -7.88 -24.09 6.96
N LEU E 60 -9.16 -24.16 7.33
CA LEU E 60 -9.62 -24.99 8.44
C LEU E 60 -10.28 -26.28 7.99
N GLN E 61 -11.07 -26.26 6.93
CA GLN E 61 -11.86 -27.44 6.56
C GLN E 61 -12.40 -27.25 5.16
N TYR E 62 -12.41 -28.33 4.38
CA TYR E 62 -13.02 -28.35 3.07
C TYR E 62 -14.38 -29.04 3.14
N TYR E 63 -15.34 -28.51 2.39
CA TYR E 63 -16.69 -29.05 2.37
C TYR E 63 -17.12 -29.32 0.94
N LYS E 64 -17.90 -30.38 0.77
CA LYS E 64 -18.51 -30.72 -0.50
C LYS E 64 -20.02 -30.85 -0.29
N GLY E 65 -20.78 -30.52 -1.31
CA GLY E 65 -22.23 -30.64 -1.22
C GLY E 65 -22.68 -32.05 -1.52
N ALA E 66 -23.81 -32.50 -0.96
CA ALA E 66 -24.64 -31.72 -0.04
C ALA E 66 -24.10 -31.80 1.38
N PHE E 67 -24.09 -30.66 2.08
CA PHE E 67 -23.67 -30.61 3.46
C PHE E 67 -24.20 -29.33 4.08
N VAL E 68 -24.01 -29.20 5.39
CA VAL E 68 -24.49 -28.04 6.14
C VAL E 68 -23.31 -27.43 6.89
N ILE E 69 -23.11 -26.13 6.69
CA ILE E 69 -22.11 -25.35 7.40
C ILE E 69 -22.83 -24.19 8.08
N MET E 70 -22.51 -23.94 9.34
CA MET E 70 -23.16 -22.90 10.12
C MET E 70 -22.11 -21.98 10.73
N SER E 71 -22.33 -20.68 10.57
CA SER E 71 -21.41 -19.67 11.10
C SER E 71 -21.87 -19.12 12.44
N GLY E 72 -23.05 -19.51 12.91
CA GLY E 72 -23.54 -19.09 14.20
C GLY E 72 -24.16 -20.23 14.96
N PHE E 73 -24.21 -20.08 16.29
CA PHE E 73 -24.86 -21.07 17.13
C PHE E 73 -26.36 -21.03 16.93
N ILE E 74 -26.99 -22.21 16.95
CA ILE E 74 -28.40 -22.33 16.60
C ILE E 74 -29.29 -21.65 17.64
N ASP E 75 -28.84 -21.59 18.89
CA ASP E 75 -29.66 -20.99 19.95
C ASP E 75 -29.38 -19.50 20.05
N THR E 76 -28.17 -19.13 20.47
CA THR E 76 -27.84 -17.74 20.73
C THR E 76 -27.61 -16.92 19.46
N GLU E 77 -27.36 -17.57 18.33
CA GLU E 77 -27.08 -16.91 17.05
C GLU E 77 -25.72 -16.22 17.03
N THR E 78 -24.99 -16.23 18.14
CA THR E 78 -23.63 -15.69 18.20
C THR E 78 -22.72 -16.42 17.21
N SER E 79 -21.67 -15.72 16.78
CA SER E 79 -20.67 -16.31 15.91
C SER E 79 -19.97 -17.48 16.59
N VAL E 80 -19.74 -18.55 15.82
CA VAL E 80 -18.97 -19.69 16.32
C VAL E 80 -17.48 -19.51 16.10
N GLY E 81 -17.06 -18.50 15.34
CA GLY E 81 -15.66 -18.26 15.09
C GLY E 81 -15.48 -17.25 13.99
N TYR E 82 -14.23 -16.84 13.79
CA TYR E 82 -13.86 -15.89 12.74
C TYR E 82 -13.74 -16.66 11.43
N TYR E 83 -14.89 -16.94 10.81
CA TYR E 83 -14.97 -17.86 9.69
C TYR E 83 -15.43 -17.16 8.41
N ASN E 84 -14.88 -17.62 7.30
CA ASN E 84 -15.40 -17.36 5.96
C ASN E 84 -15.60 -18.68 5.25
N LEU E 85 -16.54 -18.71 4.31
CA LEU E 85 -16.80 -19.89 3.50
C LEU E 85 -16.55 -19.54 2.04
N GLU E 86 -15.43 -20.02 1.51
CA GLU E 86 -14.95 -19.64 0.18
C GLU E 86 -15.24 -20.75 -0.82
N VAL E 87 -15.81 -20.40 -1.96
CA VAL E 87 -16.01 -21.35 -3.04
C VAL E 87 -14.68 -21.59 -3.75
N ILE E 88 -14.33 -22.86 -3.92
CA ILE E 88 -13.11 -23.22 -4.64
C ILE E 88 -13.40 -23.96 -5.93
N SER E 89 -14.56 -24.58 -6.08
CA SER E 89 -14.97 -25.08 -7.38
C SER E 89 -15.33 -23.91 -8.29
N GLU E 90 -15.48 -24.20 -9.59
CA GLU E 90 -15.83 -23.16 -10.55
C GLU E 90 -17.21 -22.60 -10.26
N GLN E 91 -18.18 -23.48 -10.01
CA GLN E 91 -19.52 -23.10 -9.59
C GLN E 91 -19.87 -23.78 -8.27
N ALA E 92 -20.85 -23.20 -7.58
CA ALA E 92 -21.39 -23.81 -6.37
C ALA E 92 -22.83 -23.32 -6.21
N THR E 93 -23.69 -24.20 -5.69
CA THR E 93 -25.08 -23.88 -5.41
C THR E 93 -25.31 -24.05 -3.91
N ALA E 94 -25.92 -23.05 -3.28
CA ALA E 94 -26.13 -23.08 -1.84
C ALA E 94 -27.41 -22.33 -1.50
N TYR E 95 -28.08 -22.80 -0.45
CA TYR E 95 -29.22 -22.11 0.14
C TYR E 95 -28.73 -21.39 1.39
N VAL E 96 -28.96 -20.09 1.45
CA VAL E 96 -28.41 -19.23 2.48
C VAL E 96 -29.54 -18.86 3.41
N ILE E 97 -29.46 -19.31 4.67
CA ILE E 97 -30.54 -19.18 5.63
C ILE E 97 -30.02 -18.40 6.82
N LYS E 98 -30.66 -17.28 7.12
CA LYS E 98 -30.36 -16.55 8.35
C LYS E 98 -30.60 -17.48 9.54
N ILE E 99 -29.74 -17.36 10.55
CA ILE E 99 -29.70 -18.36 11.62
C ILE E 99 -31.06 -18.46 12.30
N ASN E 100 -31.74 -17.33 12.51
CA ASN E 100 -33.04 -17.37 13.20
C ASN E 100 -34.09 -18.09 12.37
N GLU E 101 -34.01 -17.99 11.03
CA GLU E 101 -34.97 -18.68 10.19
C GLU E 101 -34.81 -20.20 10.28
N LEU E 102 -33.58 -20.69 10.44
CA LEU E 102 -33.37 -22.12 10.57
C LEU E 102 -34.08 -22.69 11.79
N LYS E 103 -33.98 -21.99 12.92
CA LYS E 103 -34.58 -22.46 14.17
C LYS E 103 -36.06 -22.74 13.99
N GLU E 104 -36.76 -21.89 13.22
CA GLU E 104 -38.18 -22.11 12.97
C GLU E 104 -38.41 -23.21 11.94
N LEU E 105 -37.57 -23.27 10.91
CA LEU E 105 -37.72 -24.31 9.90
C LEU E 105 -37.58 -25.70 10.52
N LEU E 106 -36.59 -25.88 11.40
CA LEU E 106 -36.36 -27.19 12.00
C LEU E 106 -37.37 -27.48 13.11
N SER E 107 -37.86 -26.45 13.80
CA SER E 107 -38.86 -26.68 14.83
C SER E 107 -40.15 -27.25 14.26
N LYS E 108 -40.43 -26.98 12.98
CA LYS E 108 -41.65 -27.43 12.34
C LYS E 108 -41.44 -28.68 11.49
N ASN E 109 -40.28 -29.33 11.60
CA ASN E 109 -40.05 -30.59 10.87
C ASN E 109 -38.82 -31.28 11.47
N LEU E 110 -39.07 -32.13 12.46
CA LEU E 110 -37.97 -32.75 13.20
C LEU E 110 -37.15 -33.69 12.32
N THR E 111 -37.74 -34.24 11.27
CA THR E 111 -36.99 -35.10 10.37
C THR E 111 -35.79 -34.34 9.80
N HIS E 112 -35.99 -33.09 9.39
CA HIS E 112 -34.91 -32.29 8.88
C HIS E 112 -34.02 -31.77 10.00
N PHE E 113 -34.57 -31.59 11.20
CA PHE E 113 -33.75 -31.28 12.36
C PHE E 113 -32.71 -32.37 12.59
N PHE E 114 -33.13 -33.63 12.52
CA PHE E 114 -32.20 -34.73 12.73
C PHE E 114 -31.16 -34.80 11.62
N TYR E 115 -31.57 -34.50 10.38
CA TYR E 115 -30.60 -34.49 9.28
C TYR E 115 -29.51 -33.44 9.53
N VAL E 116 -29.90 -32.22 9.89
CA VAL E 116 -28.92 -31.17 10.15
C VAL E 116 -28.06 -31.54 11.35
N PHE E 117 -28.67 -32.09 12.39
CA PHE E 117 -27.92 -32.56 13.55
C PHE E 117 -26.91 -33.62 13.14
N GLN E 118 -27.29 -34.50 12.22
CA GLN E 118 -26.40 -35.56 11.74
C GLN E 118 -25.14 -34.98 11.10
N THR E 119 -25.31 -34.02 10.19
CA THR E 119 -24.17 -33.43 9.51
C THR E 119 -23.15 -32.91 10.52
N LEU E 120 -23.64 -32.31 11.61
CA LEU E 120 -22.74 -31.88 12.68
C LEU E 120 -21.96 -33.06 13.23
N GLN E 121 -22.66 -34.17 13.51
CA GLN E 121 -21.99 -35.35 14.05
C GLN E 121 -20.93 -35.87 13.08
N LYS E 122 -21.27 -35.97 11.80
CA LYS E 122 -20.29 -36.40 10.81
C LYS E 122 -19.05 -35.53 10.86
N GLN E 123 -19.21 -34.25 11.15
CA GLN E 123 -18.06 -33.35 11.25
C GLN E 123 -17.26 -33.63 12.52
N VAL E 124 -17.95 -33.89 13.63
CA VAL E 124 -17.27 -34.24 14.88
C VAL E 124 -16.43 -35.50 14.68
N SER E 125 -17.03 -36.56 14.15
CA SER E 125 -16.29 -37.81 14.00
C SER E 125 -15.21 -37.69 12.93
N TYR E 126 -15.41 -36.84 11.93
CA TYR E 126 -14.37 -36.60 10.93
C TYR E 126 -13.12 -36.01 11.59
N SER E 127 -13.31 -35.00 12.44
CA SER E 127 -12.17 -34.33 13.05
C SER E 127 -11.41 -35.26 13.99
N LEU E 128 -12.13 -36.11 14.73
CA LEU E 128 -11.46 -37.04 15.63
C LEU E 128 -10.65 -38.07 14.85
N ALA E 129 -11.23 -38.62 13.79
CA ALA E 129 -10.47 -39.56 12.95
C ALA E 129 -9.23 -38.90 12.37
N LYS E 130 -9.40 -37.68 11.83
CA LYS E 130 -8.27 -36.95 11.26
C LYS E 130 -7.18 -36.71 12.29
N PHE E 131 -7.58 -36.37 13.52
CA PHE E 131 -6.60 -36.14 14.58
C PHE E 131 -5.89 -37.43 14.96
N ASN E 132 -6.60 -38.56 14.93
CA ASN E 132 -5.98 -39.84 15.26
C ASN E 132 -4.91 -40.21 14.24
N ASP E 133 -5.22 -40.08 12.95
CA ASP E 133 -4.27 -40.46 11.92
C ASP E 133 -3.07 -39.54 11.91
N PHE E 134 -3.27 -38.25 12.18
CA PHE E 134 -2.14 -37.33 12.30
C PHE E 134 -1.30 -37.65 13.53
N SER E 135 -1.94 -38.07 14.62
CA SER E 135 -1.20 -38.38 15.84
C SER E 135 -0.29 -39.59 15.63
N ILE E 136 -0.75 -40.59 14.88
CA ILE E 136 0.05 -41.80 14.68
C ILE E 136 1.13 -41.57 13.63
N ASN E 137 0.77 -41.00 12.48
CA ASN E 137 1.64 -40.99 11.32
C ASN E 137 1.99 -39.59 10.83
N GLY E 138 1.71 -38.55 11.62
CA GLY E 138 2.10 -37.21 11.24
C GLY E 138 1.50 -36.78 9.90
N LYS E 139 2.22 -35.89 9.21
CA LYS E 139 1.73 -35.34 7.95
C LYS E 139 1.54 -36.41 6.89
N LEU E 140 2.27 -37.53 7.01
CA LEU E 140 2.05 -38.64 6.09
C LEU E 140 0.64 -39.21 6.26
N GLY E 141 0.14 -39.22 7.50
CA GLY E 141 -1.21 -39.70 7.73
C GLY E 141 -2.26 -38.72 7.22
N SER E 142 -2.00 -37.42 7.38
CA SER E 142 -2.93 -36.41 6.90
C SER E 142 -3.03 -36.46 5.38
N ILE E 143 -1.88 -36.55 4.69
CA ILE E 143 -1.91 -36.58 3.23
C ILE E 143 -2.54 -37.87 2.74
N CYS E 144 -2.21 -39.00 3.37
CA CYS E 144 -2.82 -40.26 2.97
C CYS E 144 -4.33 -40.23 3.18
N GLY E 145 -4.78 -39.66 4.29
CA GLY E 145 -6.21 -39.59 4.54
C GLY E 145 -6.93 -38.72 3.53
N GLN E 146 -6.33 -37.60 3.17
CA GLN E 146 -6.95 -36.73 2.17
C GLN E 146 -7.03 -37.43 0.81
N LEU E 147 -5.93 -38.04 0.38
CA LEU E 147 -5.97 -38.81 -0.86
C LEU E 147 -7.00 -39.93 -0.78
N LEU E 148 -7.08 -40.60 0.37
CA LEU E 148 -8.03 -41.71 0.52
C LEU E 148 -9.45 -41.23 0.28
N ILE E 149 -9.86 -40.14 0.95
CA ILE E 149 -11.21 -39.64 0.77
C ILE E 149 -11.46 -39.26 -0.69
N LEU E 150 -10.45 -38.70 -1.36
CA LEU E 150 -10.62 -38.31 -2.74
C LEU E 150 -10.79 -39.52 -3.65
N THR E 151 -10.10 -40.64 -3.36
CA THR E 151 -10.31 -41.84 -4.15
C THR E 151 -11.72 -42.37 -3.97
N TYR E 152 -12.25 -42.29 -2.74
CA TYR E 152 -13.63 -42.72 -2.49
C TYR E 152 -14.62 -41.84 -3.25
N VAL E 153 -14.44 -40.52 -3.19
CA VAL E 153 -15.43 -39.60 -3.74
C VAL E 153 -15.23 -39.42 -5.24
N TYR E 154 -13.99 -39.24 -5.69
CA TYR E 154 -13.70 -38.84 -7.06
C TYR E 154 -12.89 -39.88 -7.83
N GLY E 155 -12.74 -41.10 -7.31
CA GLY E 155 -11.89 -42.08 -7.94
C GLY E 155 -12.61 -42.90 -9.00
N LYS E 156 -11.86 -43.26 -10.04
CA LYS E 156 -12.35 -44.14 -11.10
C LYS E 156 -11.27 -45.14 -11.46
N GLU E 157 -11.64 -46.40 -11.60
CA GLU E 157 -10.67 -47.43 -11.97
C GLU E 157 -10.12 -47.17 -13.36
N THR E 158 -8.80 -47.30 -13.50
CA THR E 158 -8.10 -47.04 -14.74
C THR E 158 -6.92 -48.00 -14.82
N PRO E 159 -6.48 -48.39 -16.02
CA PRO E 159 -5.31 -49.27 -16.10
C PRO E 159 -4.07 -48.68 -15.45
N ASP E 160 -4.04 -47.38 -15.17
CA ASP E 160 -2.95 -46.74 -14.47
C ASP E 160 -3.21 -46.58 -12.97
N GLY E 161 -4.36 -47.01 -12.48
CA GLY E 161 -4.71 -46.92 -11.08
C GLY E 161 -6.02 -46.20 -10.88
N ILE E 162 -6.27 -45.82 -9.62
CA ILE E 162 -7.49 -45.10 -9.27
C ILE E 162 -7.26 -43.63 -9.59
N LYS E 163 -7.82 -43.17 -10.70
CA LYS E 163 -7.67 -41.78 -11.12
C LYS E 163 -8.55 -40.88 -10.28
N ILE E 164 -7.94 -39.93 -9.59
CA ILE E 164 -8.70 -38.91 -8.85
C ILE E 164 -9.12 -37.85 -9.86
N THR E 165 -10.43 -37.77 -10.13
CA THR E 165 -10.95 -36.91 -11.19
C THR E 165 -11.55 -35.64 -10.58
N LEU E 166 -10.67 -34.81 -10.04
CA LEU E 166 -11.04 -33.49 -9.57
C LEU E 166 -10.49 -32.43 -10.54
N ASP E 167 -11.25 -31.36 -10.71
CA ASP E 167 -10.91 -30.37 -11.73
C ASP E 167 -9.71 -29.53 -11.33
N ASN E 168 -9.75 -28.93 -10.15
CA ASN E 168 -8.73 -27.99 -9.69
C ASN E 168 -8.04 -28.57 -8.45
N LEU E 169 -7.28 -29.65 -8.66
CA LEU E 169 -6.59 -30.36 -7.58
C LEU E 169 -5.09 -30.20 -7.79
N THR E 170 -4.45 -29.40 -6.95
CA THR E 170 -3.04 -29.10 -7.04
C THR E 170 -2.35 -29.47 -5.73
N MET E 171 -1.04 -29.20 -5.67
CA MET E 171 -0.27 -29.54 -4.48
C MET E 171 -0.67 -28.67 -3.30
N GLN E 172 -0.82 -27.36 -3.52
CA GLN E 172 -1.21 -26.47 -2.43
C GLN E 172 -2.62 -26.79 -1.95
N GLU E 173 -3.54 -27.05 -2.87
CA GLU E 173 -4.90 -27.41 -2.47
C GLU E 173 -4.89 -28.67 -1.63
N LEU E 174 -4.21 -29.72 -2.11
CA LEU E 174 -4.08 -30.94 -1.33
C LEU E 174 -3.49 -30.64 0.04
N GLY E 175 -2.55 -29.71 0.12
CA GLY E 175 -1.94 -29.37 1.39
C GLY E 175 -2.87 -28.56 2.29
N TYR E 176 -3.60 -27.61 1.71
CA TYR E 176 -4.54 -26.82 2.49
C TYR E 176 -5.57 -27.71 3.18
N SER E 177 -6.20 -28.60 2.41
CA SER E 177 -7.16 -29.52 3.01
C SER E 177 -6.51 -30.37 4.11
N SER E 178 -5.22 -30.67 3.97
CA SER E 178 -4.48 -31.30 5.05
C SER E 178 -3.99 -30.22 6.00
N GLY E 179 -3.04 -30.55 6.87
CA GLY E 179 -2.56 -29.60 7.86
C GLY E 179 -1.18 -29.09 7.57
N ILE E 180 -0.88 -28.81 6.30
CA ILE E 180 0.45 -28.38 5.88
C ILE E 180 0.32 -26.99 5.27
N ALA E 181 1.11 -26.04 5.79
CA ALA E 181 0.99 -24.66 5.36
C ALA E 181 1.72 -24.39 4.06
N HIS E 182 2.90 -24.98 3.87
CA HIS E 182 3.78 -24.65 2.75
C HIS E 182 3.72 -25.77 1.72
N SER E 183 3.40 -25.41 0.47
CA SER E 183 3.38 -26.39 -0.61
C SER E 183 4.71 -27.11 -0.72
N SER E 184 5.82 -26.40 -0.49
CA SER E 184 7.14 -27.02 -0.59
C SER E 184 7.24 -28.26 0.30
N ALA E 185 6.65 -28.20 1.49
CA ALA E 185 6.65 -29.37 2.37
C ALA E 185 5.68 -30.43 1.88
N VAL E 186 4.54 -30.01 1.31
CA VAL E 186 3.62 -30.98 0.73
C VAL E 186 4.29 -31.78 -0.36
N SER E 187 5.12 -31.11 -1.18
CA SER E 187 5.75 -31.79 -2.32
C SER E 187 6.68 -32.90 -1.89
N ARG E 188 7.20 -32.86 -0.66
CA ARG E 188 8.11 -33.91 -0.22
C ARG E 188 7.35 -35.15 0.24
N ILE E 189 6.16 -34.98 0.82
CA ILE E 189 5.34 -36.15 1.13
C ILE E 189 4.83 -36.79 -0.17
N ILE E 190 4.41 -35.96 -1.12
CA ILE E 190 4.03 -36.47 -2.44
C ILE E 190 5.23 -37.14 -3.10
N SER E 191 6.41 -36.55 -2.95
CA SER E 191 7.63 -37.16 -3.49
C SER E 191 7.85 -38.54 -2.91
N LYS E 192 7.76 -38.66 -1.57
CA LYS E 192 7.90 -39.97 -0.94
C LYS E 192 6.88 -40.96 -1.50
N LEU E 193 5.61 -40.55 -1.58
CA LEU E 193 4.58 -41.45 -2.08
C LEU E 193 4.86 -41.87 -3.51
N LYS E 194 5.42 -40.96 -4.32
CA LYS E 194 5.83 -41.33 -5.67
C LYS E 194 6.96 -42.35 -5.65
N GLN E 195 8.02 -42.05 -4.89
CA GLN E 195 9.15 -42.97 -4.80
C GLN E 195 8.72 -44.37 -4.44
N GLU E 196 7.75 -44.50 -3.52
CA GLU E 196 7.31 -45.80 -3.04
C GLU E 196 6.17 -46.38 -3.86
N LYS E 197 5.85 -45.80 -5.01
CA LYS E 197 4.89 -46.36 -5.96
C LYS E 197 3.46 -46.37 -5.42
N VAL E 198 3.15 -45.48 -4.48
CA VAL E 198 1.79 -45.40 -3.97
C VAL E 198 0.90 -44.59 -4.91
N ILE E 199 1.45 -43.53 -5.50
CA ILE E 199 0.68 -42.66 -6.39
C ILE E 199 1.54 -42.31 -7.61
N VAL E 200 0.86 -41.83 -8.65
CA VAL E 200 1.49 -41.30 -9.85
C VAL E 200 0.71 -40.06 -10.27
N TYR E 201 1.39 -39.15 -10.96
CA TYR E 201 0.79 -37.88 -11.38
C TYR E 201 0.86 -37.77 -12.89
N LYS E 202 -0.30 -37.81 -13.54
CA LYS E 202 -0.42 -37.64 -14.98
C LYS E 202 -1.66 -36.82 -15.29
N ASN E 203 -1.69 -36.20 -16.46
CA ASN E 203 -2.81 -35.38 -16.92
C ASN E 203 -3.15 -34.27 -15.93
N SER E 204 -2.19 -33.87 -15.11
CA SER E 204 -2.47 -32.99 -13.97
C SER E 204 -3.49 -33.65 -13.03
N CYS E 205 -3.50 -34.98 -13.00
CA CYS E 205 -4.39 -35.75 -12.13
C CYS E 205 -3.59 -36.81 -11.38
N PHE E 206 -3.95 -37.02 -10.13
CA PHE E 206 -3.30 -38.03 -9.31
C PHE E 206 -3.90 -39.40 -9.57
N TYR E 207 -3.04 -40.41 -9.68
CA TYR E 207 -3.43 -41.80 -9.81
C TYR E 207 -2.92 -42.55 -8.59
N VAL E 208 -3.83 -43.19 -7.85
CA VAL E 208 -3.46 -44.01 -6.70
C VAL E 208 -3.30 -45.45 -7.18
N GLN E 209 -2.10 -46.01 -6.97
CA GLN E 209 -1.81 -47.38 -7.37
C GLN E 209 -1.67 -48.32 -6.19
N ASN E 210 -1.69 -47.81 -4.95
CA ASN E 210 -1.61 -48.65 -3.75
C ASN E 210 -2.61 -48.09 -2.75
N LEU E 211 -3.89 -48.41 -2.95
CA LEU E 211 -4.93 -47.96 -2.04
C LEU E 211 -4.66 -48.48 -0.62
N ASP E 212 -4.17 -49.72 -0.50
CA ASP E 212 -3.94 -50.31 0.81
C ASP E 212 -2.96 -49.47 1.62
N TYR E 213 -1.92 -48.93 0.97
CA TYR E 213 -0.98 -48.05 1.67
C TYR E 213 -1.71 -46.87 2.31
N LEU E 214 -2.60 -46.22 1.56
CA LEU E 214 -3.35 -45.09 2.10
C LEU E 214 -4.16 -45.50 3.32
N LYS E 215 -4.88 -46.62 3.21
CA LYS E 215 -5.71 -47.08 4.33
C LYS E 215 -4.87 -47.37 5.57
N ARG E 216 -3.65 -47.86 5.40
CA ARG E 216 -2.84 -48.26 6.55
C ARG E 216 -2.33 -47.04 7.33
N TYR E 217 -2.10 -45.92 6.67
CA TYR E 217 -1.63 -44.72 7.33
C TYR E 217 -2.73 -43.74 7.66
N ALA E 218 -3.94 -43.93 7.12
CA ALA E 218 -5.13 -43.20 7.54
C ALA E 218 -6.20 -44.18 8.00
N PRO E 219 -5.92 -44.97 9.04
CA PRO E 219 -6.87 -46.03 9.40
C PRO E 219 -8.16 -45.51 9.98
N LYS E 220 -8.10 -44.46 10.79
CA LYS E 220 -9.31 -43.96 11.42
C LYS E 220 -10.21 -43.25 10.42
N LEU E 221 -9.62 -42.52 9.47
CA LEU E 221 -10.44 -41.89 8.43
C LEU E 221 -11.09 -42.92 7.53
N ASP E 222 -10.43 -44.06 7.30
CA ASP E 222 -11.09 -45.15 6.58
C ASP E 222 -12.27 -45.68 7.38
N GLU E 223 -12.11 -45.83 8.69
CA GLU E 223 -13.23 -46.21 9.54
C GLU E 223 -14.34 -45.17 9.47
N TRP E 224 -13.98 -43.89 9.56
CA TRP E 224 -14.98 -42.84 9.52
C TRP E 224 -15.77 -42.89 8.23
N PHE E 225 -15.09 -43.02 7.10
CA PHE E 225 -15.78 -43.07 5.82
C PHE E 225 -16.70 -44.28 5.74
N TYR E 226 -16.22 -45.43 6.23
CA TYR E 226 -17.05 -46.64 6.25
C TYR E 226 -18.35 -46.40 7.01
N LEU E 227 -18.29 -45.69 8.13
CA LEU E 227 -19.43 -45.51 9.01
C LEU E 227 -20.30 -44.31 8.63
N ALA E 228 -19.72 -43.27 8.03
CA ALA E 228 -20.46 -42.05 7.74
C ALA E 228 -20.89 -41.94 6.28
N CYS E 229 -20.22 -42.62 5.36
CA CYS E 229 -20.55 -42.57 3.94
C CYS E 229 -20.62 -44.00 3.39
N PRO E 230 -21.46 -44.84 3.99
CA PRO E 230 -21.45 -46.27 3.61
C PRO E 230 -21.85 -46.50 2.16
N ALA E 231 -22.72 -45.67 1.60
CA ALA E 231 -23.14 -45.84 0.21
C ALA E 231 -21.95 -45.76 -0.72
N THR E 232 -21.16 -44.68 -0.61
CA THR E 232 -19.98 -44.54 -1.44
C THR E 232 -18.97 -45.65 -1.16
N TRP E 233 -18.82 -46.03 0.12
CA TRP E 233 -17.88 -47.08 0.48
C TRP E 233 -18.28 -48.42 -0.15
N GLY E 234 -19.56 -48.78 0.01
CA GLY E 234 -20.02 -50.07 -0.48
C GLY E 234 -19.87 -50.24 -1.98
N LYS E 235 -19.93 -49.13 -2.72
CA LYS E 235 -19.75 -49.20 -4.17
C LYS E 235 -18.36 -49.73 -4.52
N LEU E 236 -17.34 -49.29 -3.78
CA LEU E 236 -15.97 -49.63 -4.10
C LEU E 236 -15.46 -50.87 -3.39
N ASN E 237 -16.21 -51.41 -2.45
CA ASN E 237 -15.76 -52.56 -1.67
C ASN E 237 -16.88 -53.60 -1.49
N ASN F 2 -23.25 -24.08 34.71
CA ASN F 2 -24.03 -23.71 33.54
C ASN F 2 -25.51 -23.98 33.76
N ALA F 3 -26.35 -23.01 33.36
CA ALA F 3 -27.79 -23.14 33.59
C ALA F 3 -28.41 -24.15 32.63
N GLN F 4 -27.99 -24.14 31.36
CA GLN F 4 -28.52 -25.10 30.41
C GLN F 4 -28.15 -26.52 30.79
N ALA F 5 -26.92 -26.72 31.29
CA ALA F 5 -26.52 -28.02 31.79
C ALA F 5 -27.39 -28.42 32.98
N GLU F 6 -27.54 -27.51 33.95
CA GLU F 6 -28.41 -27.79 35.09
C GLU F 6 -29.84 -28.02 34.65
N GLU F 7 -30.30 -27.31 33.62
CA GLU F 7 -31.64 -27.54 33.11
C GLU F 7 -31.73 -28.88 32.38
N PHE F 8 -30.74 -29.19 31.54
CA PHE F 8 -30.73 -30.49 30.89
C PHE F 8 -30.67 -31.62 31.92
N LYS F 9 -29.85 -31.45 32.96
CA LYS F 9 -29.83 -32.42 34.06
C LYS F 9 -31.23 -32.58 34.66
N LYS F 10 -31.85 -31.48 35.05
CA LYS F 10 -33.19 -31.55 35.62
C LYS F 10 -34.16 -32.23 34.67
N TYR F 11 -34.05 -31.93 33.37
CA TYR F 11 -34.95 -32.54 32.40
C TYR F 11 -34.76 -34.05 32.34
N LEU F 12 -33.50 -34.52 32.38
CA LEU F 12 -33.25 -35.95 32.34
C LEU F 12 -33.78 -36.63 33.60
N GLU F 13 -33.53 -36.04 34.77
CA GLU F 13 -33.99 -36.65 36.02
C GLU F 13 -35.52 -36.67 36.08
N THR F 14 -36.17 -35.59 35.64
CA THR F 14 -37.62 -35.55 35.61
C THR F 14 -38.19 -36.64 34.70
N ASN F 15 -37.41 -37.14 33.75
CA ASN F 15 -37.87 -38.14 32.79
C ASN F 15 -37.33 -39.54 33.09
N GLY F 16 -36.90 -39.79 34.33
CA GLY F 16 -36.53 -41.13 34.74
C GLY F 16 -35.13 -41.56 34.38
N ILE F 17 -34.25 -40.64 34.04
CA ILE F 17 -32.85 -40.95 33.74
C ILE F 17 -32.03 -40.66 34.99
N LYS F 18 -31.43 -41.74 35.58
CA LYS F 18 -30.76 -41.61 36.86
C LYS F 18 -29.27 -41.32 36.66
N PRO F 19 -28.64 -40.53 37.53
CA PRO F 19 -27.18 -40.39 37.48
C PRO F 19 -26.52 -41.72 37.79
N LYS F 20 -25.26 -41.85 37.35
CA LYS F 20 -24.47 -43.03 37.65
C LYS F 20 -23.06 -42.61 38.00
N GLN F 21 -22.48 -43.30 38.98
CA GLN F 21 -21.14 -42.98 39.47
C GLN F 21 -20.13 -43.91 38.80
N PHE F 22 -19.02 -43.34 38.35
CA PHE F 22 -17.94 -44.09 37.74
C PHE F 22 -16.63 -43.76 38.46
N HIS F 23 -15.77 -44.76 38.59
CA HIS F 23 -14.50 -44.62 39.27
C HIS F 23 -13.36 -44.63 38.26
N LYS F 24 -12.23 -44.05 38.67
CA LYS F 24 -11.08 -43.93 37.79
C LYS F 24 -10.80 -45.24 37.08
N LYS F 25 -10.51 -45.14 35.77
CA LYS F 25 -10.18 -46.23 34.87
C LYS F 25 -11.41 -47.04 34.45
N GLU F 26 -12.60 -46.73 34.95
CA GLU F 26 -13.79 -47.38 34.42
C GLU F 26 -14.11 -46.85 33.02
N LEU F 27 -14.75 -47.69 32.21
CA LEU F 27 -15.17 -47.34 30.87
C LEU F 27 -16.66 -47.08 30.88
N ILE F 28 -17.06 -45.82 30.63
CA ILE F 28 -18.48 -45.50 30.51
C ILE F 28 -19.09 -46.26 29.34
N PHE F 29 -18.36 -46.37 28.23
CA PHE F 29 -18.68 -47.32 27.18
C PHE F 29 -17.39 -47.72 26.49
N ASN F 30 -17.42 -48.90 25.87
CA ASN F 30 -16.26 -49.42 25.15
C ASN F 30 -16.59 -49.62 23.68
N GLN F 31 -15.53 -49.72 22.87
CA GLN F 31 -15.70 -49.69 21.42
C GLN F 31 -16.55 -50.85 20.91
N TRP F 32 -16.58 -51.97 21.64
CA TRP F 32 -17.30 -53.14 21.15
C TRP F 32 -18.76 -53.18 21.55
N ASP F 33 -19.20 -52.31 22.45
CA ASP F 33 -20.61 -52.23 22.81
C ASP F 33 -21.44 -51.88 21.59
N PRO F 34 -22.40 -52.71 21.18
CA PRO F 34 -23.20 -52.39 19.99
C PRO F 34 -24.29 -51.36 20.25
N GLN F 35 -24.56 -51.03 21.51
CA GLN F 35 -25.55 -50.01 21.85
C GLN F 35 -24.91 -48.63 21.73
N GLU F 36 -25.58 -47.74 21.01
CA GLU F 36 -25.13 -46.36 20.90
C GLU F 36 -25.77 -45.51 22.00
N TYR F 37 -25.00 -44.54 22.50
CA TYR F 37 -25.43 -43.74 23.64
C TYR F 37 -25.26 -42.26 23.36
N CYS F 38 -25.99 -41.49 24.15
CA CYS F 38 -25.65 -40.10 24.42
C CYS F 38 -25.22 -40.03 25.88
N ILE F 39 -23.95 -39.72 26.10
CA ILE F 39 -23.39 -39.61 27.45
C ILE F 39 -23.37 -38.15 27.81
N PHE F 40 -24.19 -37.77 28.80
CA PHE F 40 -24.15 -36.43 29.37
C PHE F 40 -23.25 -36.48 30.58
N LEU F 41 -21.95 -36.26 30.34
CA LEU F 41 -20.98 -36.21 31.43
C LEU F 41 -21.22 -34.95 32.25
N TYR F 42 -21.72 -35.12 33.47
CA TYR F 42 -22.05 -33.98 34.31
C TYR F 42 -20.88 -33.53 35.18
N ASP F 43 -20.12 -34.47 35.73
CA ASP F 43 -19.01 -34.14 36.61
C ASP F 43 -17.90 -35.15 36.39
N GLY F 44 -16.66 -34.67 36.47
CA GLY F 44 -15.49 -35.52 36.33
C GLY F 44 -14.73 -35.23 35.06
N ILE F 45 -13.63 -35.95 34.90
CA ILE F 45 -12.74 -35.80 33.74
C ILE F 45 -12.61 -37.16 33.07
N THR F 46 -12.76 -37.17 31.75
CA THR F 46 -12.75 -38.39 30.96
C THR F 46 -11.86 -38.19 29.74
N LYS F 47 -11.55 -39.30 29.06
CA LYS F 47 -10.82 -39.23 27.81
C LYS F 47 -11.43 -40.20 26.82
N LEU F 48 -11.52 -39.77 25.57
CA LEU F 48 -11.98 -40.60 24.47
C LEU F 48 -10.77 -41.25 23.82
N THR F 49 -10.77 -42.58 23.74
CA THR F 49 -9.61 -43.31 23.25
C THR F 49 -9.98 -44.18 22.05
N SER F 50 -8.95 -44.51 21.27
CA SER F 50 -9.07 -45.42 20.14
C SER F 50 -7.87 -46.35 20.16
N ILE F 51 -8.08 -47.60 19.76
CA ILE F 51 -7.04 -48.62 19.79
C ILE F 51 -6.47 -48.77 18.38
N SER F 52 -5.19 -48.43 18.22
CA SER F 52 -4.49 -48.70 16.99
C SER F 52 -4.40 -50.21 16.76
N GLU F 53 -4.04 -50.59 15.53
CA GLU F 53 -4.03 -52.01 15.18
C GLU F 53 -2.85 -52.76 15.78
N ASN F 54 -1.91 -52.07 16.42
CA ASN F 54 -0.83 -52.72 17.16
C ASN F 54 -1.04 -52.64 18.67
N GLY F 55 -2.29 -52.50 19.11
CA GLY F 55 -2.62 -52.41 20.51
C GLY F 55 -2.44 -51.05 21.15
N THR F 56 -1.70 -50.15 20.50
CA THR F 56 -1.44 -48.83 21.08
C THR F 56 -2.76 -48.10 21.31
N ILE F 57 -2.81 -47.36 22.43
CA ILE F 57 -3.99 -46.59 22.81
C ILE F 57 -3.75 -45.14 22.46
N MET F 58 -4.72 -44.51 21.79
CA MET F 58 -4.60 -43.14 21.35
C MET F 58 -5.65 -42.31 22.06
N ASN F 59 -5.21 -41.22 22.69
CA ASN F 59 -6.10 -40.31 23.40
C ASN F 59 -6.60 -39.25 22.40
N LEU F 60 -7.85 -39.41 21.96
CA LEU F 60 -8.38 -38.49 20.95
C LEU F 60 -8.58 -37.10 21.53
N GLN F 61 -9.28 -36.99 22.65
CA GLN F 61 -9.31 -35.75 23.41
C GLN F 61 -9.96 -36.01 24.75
N TYR F 62 -9.92 -35.00 25.61
CA TYR F 62 -10.39 -35.09 26.98
C TYR F 62 -11.67 -34.28 27.16
N TYR F 63 -12.48 -34.68 28.13
CA TYR F 63 -13.75 -34.02 28.40
C TYR F 63 -13.89 -33.76 29.88
N LYS F 64 -14.18 -32.52 30.24
CA LYS F 64 -14.42 -32.10 31.61
C LYS F 64 -15.88 -31.67 31.71
N GLY F 65 -16.64 -32.34 32.56
CA GLY F 65 -18.06 -32.06 32.68
C GLY F 65 -18.32 -30.61 33.02
N ALA F 66 -19.46 -30.05 32.62
CA ALA F 66 -20.50 -30.76 31.87
C ALA F 66 -20.18 -30.78 30.37
N PHE F 67 -20.56 -31.85 29.69
CA PHE F 67 -20.39 -31.95 28.25
C PHE F 67 -21.15 -33.16 27.75
N VAL F 68 -21.37 -33.20 26.44
CA VAL F 68 -22.10 -34.29 25.79
C VAL F 68 -21.14 -35.05 24.89
N ILE F 69 -21.23 -36.39 24.95
CA ILE F 69 -20.46 -37.28 24.09
C ILE F 69 -21.43 -38.28 23.50
N MET F 70 -21.49 -38.33 22.17
CA MET F 70 -22.37 -39.23 21.45
C MET F 70 -21.55 -40.35 20.81
N SER F 71 -22.11 -41.56 20.81
CA SER F 71 -21.50 -42.69 20.12
C SER F 71 -22.31 -43.16 18.93
N GLY F 72 -23.48 -42.55 18.67
CA GLY F 72 -24.28 -42.92 17.52
C GLY F 72 -24.88 -41.69 16.85
N PHE F 73 -25.22 -41.87 15.58
CA PHE F 73 -25.90 -40.85 14.81
C PHE F 73 -27.38 -40.82 15.20
N ILE F 74 -27.88 -39.64 15.56
CA ILE F 74 -29.24 -39.56 16.09
C ILE F 74 -30.26 -39.94 15.04
N ASP F 75 -29.97 -39.67 13.76
CA ASP F 75 -30.97 -39.89 12.73
C ASP F 75 -31.04 -41.37 12.32
N THR F 76 -29.92 -41.98 11.97
CA THR F 76 -29.90 -43.38 11.57
C THR F 76 -29.69 -44.33 12.75
N GLU F 77 -29.22 -43.83 13.88
CA GLU F 77 -28.96 -44.66 15.06
C GLU F 77 -27.93 -45.75 14.75
N THR F 78 -26.91 -45.36 14.00
CA THR F 78 -25.75 -46.19 13.72
C THR F 78 -24.51 -45.55 14.33
N SER F 79 -23.44 -46.33 14.43
CA SER F 79 -22.25 -45.91 15.15
C SER F 79 -21.49 -44.82 14.40
N VAL F 80 -20.91 -43.89 15.17
CA VAL F 80 -20.06 -42.85 14.62
C VAL F 80 -18.59 -43.25 14.63
N GLY F 81 -18.24 -44.31 15.34
CA GLY F 81 -16.85 -44.73 15.43
C GLY F 81 -16.69 -45.78 16.50
N TYR F 82 -15.47 -46.32 16.57
CA TYR F 82 -15.10 -47.29 17.59
C TYR F 82 -14.23 -46.57 18.62
N TYR F 83 -14.84 -46.22 19.75
CA TYR F 83 -14.16 -45.49 20.81
C TYR F 83 -14.44 -46.11 22.16
N ASN F 84 -13.62 -45.73 23.13
CA ASN F 84 -13.91 -45.93 24.54
C ASN F 84 -13.93 -44.58 25.23
N LEU F 85 -14.75 -44.47 26.27
CA LEU F 85 -14.80 -43.28 27.11
C LEU F 85 -14.35 -43.70 28.50
N GLU F 86 -13.11 -43.37 28.85
CA GLU F 86 -12.49 -43.81 30.09
C GLU F 86 -12.45 -42.68 31.09
N VAL F 87 -12.72 -43.00 32.35
CA VAL F 87 -12.69 -42.03 33.43
C VAL F 87 -11.27 -41.93 33.95
N ILE F 88 -10.74 -40.70 34.04
CA ILE F 88 -9.40 -40.46 34.56
C ILE F 88 -9.41 -39.65 35.85
N SER F 89 -10.53 -39.03 36.21
CA SER F 89 -10.67 -38.42 37.52
C SER F 89 -11.06 -39.48 38.54
N GLU F 90 -10.90 -39.14 39.82
CA GLU F 90 -11.23 -40.08 40.89
C GLU F 90 -12.69 -40.49 40.83
N GLN F 91 -13.58 -39.53 40.60
CA GLN F 91 -15.00 -39.79 40.51
C GLN F 91 -15.57 -39.05 39.31
N ALA F 92 -16.56 -39.67 38.65
CA ALA F 92 -17.23 -39.05 37.52
C ALA F 92 -18.72 -39.35 37.60
N THR F 93 -19.52 -38.33 37.33
CA THR F 93 -20.97 -38.48 37.28
C THR F 93 -21.43 -38.30 35.84
N ALA F 94 -22.12 -39.31 35.32
CA ALA F 94 -22.57 -39.29 33.93
C ALA F 94 -23.99 -39.83 33.84
N TYR F 95 -24.76 -39.27 32.91
CA TYR F 95 -26.07 -39.77 32.57
C TYR F 95 -25.96 -40.52 31.24
N VAL F 96 -26.27 -41.81 31.26
CA VAL F 96 -26.15 -42.68 30.09
C VAL F 96 -27.54 -42.83 29.48
N ILE F 97 -27.65 -42.50 28.20
CA ILE F 97 -28.93 -42.46 27.50
C ILE F 97 -28.80 -43.25 26.20
N LYS F 98 -29.64 -44.28 26.04
CA LYS F 98 -29.73 -44.95 24.75
C LYS F 98 -30.16 -43.96 23.68
N ILE F 99 -29.59 -44.09 22.49
CA ILE F 99 -29.75 -43.05 21.48
C ILE F 99 -31.22 -42.91 21.09
N ASN F 100 -31.95 -44.03 21.00
CA ASN F 100 -33.36 -43.92 20.63
C ASN F 100 -34.14 -43.16 21.68
N GLU F 101 -33.86 -43.42 22.96
CA GLU F 101 -34.53 -42.67 24.01
C GLU F 101 -34.17 -41.20 23.97
N LEU F 102 -32.94 -40.88 23.58
CA LEU F 102 -32.58 -39.47 23.39
C LEU F 102 -33.45 -38.83 22.32
N LYS F 103 -33.63 -39.53 21.19
CA LYS F 103 -34.43 -39.01 20.10
C LYS F 103 -35.85 -38.70 20.57
N GLU F 104 -36.43 -39.57 21.40
CA GLU F 104 -37.76 -39.33 21.91
C GLU F 104 -37.78 -38.17 22.90
N LEU F 105 -36.82 -38.16 23.83
CA LEU F 105 -36.76 -37.08 24.81
C LEU F 105 -36.55 -35.73 24.13
N LEU F 106 -35.77 -35.71 23.04
CA LEU F 106 -35.51 -34.46 22.34
C LEU F 106 -36.71 -34.04 21.51
N SER F 107 -37.37 -34.99 20.84
CA SER F 107 -38.58 -34.67 20.08
C SER F 107 -39.67 -34.10 20.98
N LYS F 108 -39.72 -34.55 22.23
CA LYS F 108 -40.76 -34.11 23.14
C LYS F 108 -40.57 -32.66 23.57
N ASN F 109 -39.33 -32.16 23.58
CA ASN F 109 -39.05 -30.80 24.06
C ASN F 109 -37.91 -30.23 23.23
N LEU F 110 -38.25 -29.35 22.29
CA LEU F 110 -37.25 -28.75 21.41
C LEU F 110 -36.17 -28.00 22.18
N THR F 111 -36.52 -27.40 23.32
CA THR F 111 -35.57 -26.57 24.06
C THR F 111 -34.23 -27.27 24.25
N HIS F 112 -34.26 -28.42 24.91
CA HIS F 112 -33.02 -29.14 25.21
C HIS F 112 -32.36 -29.70 23.95
N PHE F 113 -33.12 -29.84 22.86
CA PHE F 113 -32.53 -30.17 21.57
C PHE F 113 -31.42 -29.18 21.20
N PHE F 114 -31.65 -27.90 21.45
CA PHE F 114 -30.68 -26.88 21.05
C PHE F 114 -29.41 -26.94 21.90
N TYR F 115 -29.55 -27.26 23.19
CA TYR F 115 -28.37 -27.35 24.04
C TYR F 115 -27.39 -28.38 23.51
N VAL F 116 -27.88 -29.54 23.08
CA VAL F 116 -27.00 -30.58 22.55
C VAL F 116 -26.38 -30.11 21.24
N PHE F 117 -27.23 -29.63 20.33
CA PHE F 117 -26.75 -29.06 19.07
C PHE F 117 -25.63 -28.06 19.32
N GLN F 118 -25.82 -27.15 20.26
CA GLN F 118 -24.83 -26.11 20.53
C GLN F 118 -23.52 -26.72 21.01
N THR F 119 -23.59 -27.81 21.78
CA THR F 119 -22.37 -28.41 22.31
C THR F 119 -21.54 -29.04 21.20
N LEU F 120 -22.19 -29.66 20.21
CA LEU F 120 -21.46 -30.23 19.09
C LEU F 120 -20.86 -29.15 18.20
N GLN F 121 -21.63 -28.09 17.92
CA GLN F 121 -21.07 -26.93 17.22
C GLN F 121 -19.77 -26.49 17.89
N LYS F 122 -19.79 -26.37 19.22
CA LYS F 122 -18.60 -25.93 19.95
C LYS F 122 -17.47 -26.94 19.80
N GLN F 123 -17.79 -28.23 19.76
CA GLN F 123 -16.76 -29.25 19.61
C GLN F 123 -16.12 -29.18 18.23
N VAL F 124 -16.92 -28.94 17.19
CA VAL F 124 -16.36 -28.83 15.84
C VAL F 124 -15.32 -27.72 15.78
N SER F 125 -15.68 -26.52 16.25
CA SER F 125 -14.76 -25.39 16.18
C SER F 125 -13.51 -25.64 17.01
N TYR F 126 -13.68 -26.27 18.18
CA TYR F 126 -12.52 -26.62 19.00
C TYR F 126 -11.56 -27.52 18.26
N SER F 127 -12.08 -28.53 17.56
CA SER F 127 -11.21 -29.47 16.86
C SER F 127 -10.48 -28.80 15.71
N LEU F 128 -11.16 -27.91 14.98
CA LEU F 128 -10.52 -27.20 13.88
C LEU F 128 -9.37 -26.34 14.39
N ALA F 129 -9.58 -25.64 15.50
CA ALA F 129 -8.49 -24.86 16.09
C ALA F 129 -7.37 -25.77 16.57
N LYS F 130 -7.72 -26.85 17.26
CA LYS F 130 -6.72 -27.75 17.81
C LYS F 130 -5.84 -28.34 16.71
N PHE F 131 -6.45 -28.80 15.62
CA PHE F 131 -5.67 -29.45 14.57
C PHE F 131 -4.70 -28.46 13.92
N ASN F 132 -5.10 -27.21 13.78
CA ASN F 132 -4.20 -26.22 13.16
C ASN F 132 -2.93 -26.06 13.99
N ASP F 133 -3.07 -25.79 15.29
CA ASP F 133 -1.90 -25.58 16.14
C ASP F 133 -1.05 -26.84 16.25
N PHE F 134 -1.69 -28.00 16.34
CA PHE F 134 -0.94 -29.24 16.52
C PHE F 134 -0.16 -29.65 15.28
N SER F 135 -0.54 -29.16 14.10
CA SER F 135 0.03 -29.62 12.84
C SER F 135 0.95 -28.61 12.18
N ILE F 136 0.59 -27.34 12.15
CA ILE F 136 1.34 -26.35 11.37
C ILE F 136 2.78 -26.27 11.85
N ASN F 137 3.01 -26.39 13.16
CA ASN F 137 4.31 -26.11 13.73
C ASN F 137 5.01 -27.37 14.26
N GLY F 138 4.82 -28.50 13.59
CA GLY F 138 5.52 -29.70 14.02
C GLY F 138 5.29 -29.98 15.49
N LYS F 139 6.31 -30.58 16.12
CA LYS F 139 6.18 -31.00 17.51
C LYS F 139 6.15 -29.81 18.47
N LEU F 140 6.83 -28.72 18.13
CA LEU F 140 6.86 -27.57 19.03
C LEU F 140 5.47 -26.98 19.23
N GLY F 141 4.66 -26.94 18.16
CA GLY F 141 3.31 -26.41 18.28
C GLY F 141 2.37 -27.36 18.97
N SER F 142 2.65 -28.66 18.93
CA SER F 142 1.79 -29.63 19.59
C SER F 142 1.97 -29.60 21.10
N ILE F 143 3.23 -29.60 21.56
CA ILE F 143 3.50 -29.51 22.99
C ILE F 143 2.96 -28.20 23.56
N CYS F 144 3.28 -27.09 22.88
CA CYS F 144 2.75 -25.80 23.33
C CYS F 144 1.23 -25.79 23.31
N GLY F 145 0.64 -26.36 22.27
CA GLY F 145 -0.82 -26.40 22.19
C GLY F 145 -1.44 -27.23 23.30
N GLN F 146 -0.83 -28.38 23.59
CA GLN F 146 -1.35 -29.24 24.67
C GLN F 146 -1.30 -28.51 26.00
N LEU F 147 -0.15 -27.91 26.33
CA LEU F 147 -0.02 -27.21 27.61
C LEU F 147 -0.99 -26.04 27.70
N LEU F 148 -1.19 -25.33 26.60
CA LEU F 148 -2.16 -24.23 26.60
C LEU F 148 -3.56 -24.75 26.88
N ILE F 149 -3.92 -25.91 26.32
CA ILE F 149 -5.22 -26.50 26.60
C ILE F 149 -5.34 -26.83 28.08
N LEU F 150 -4.33 -27.50 28.62
CA LEU F 150 -4.33 -27.83 30.04
C LEU F 150 -4.40 -26.57 30.89
N THR F 151 -3.71 -25.51 30.48
CA THR F 151 -3.69 -24.27 31.26
C THR F 151 -5.09 -23.69 31.40
N TYR F 152 -5.79 -23.52 30.29
CA TYR F 152 -7.11 -22.90 30.32
C TYR F 152 -8.18 -23.79 30.93
N VAL F 153 -7.96 -25.11 30.96
CA VAL F 153 -9.00 -26.05 31.36
C VAL F 153 -8.75 -26.56 32.78
N TYR F 154 -7.48 -26.71 33.16
CA TYR F 154 -7.13 -27.29 34.45
C TYR F 154 -6.17 -26.39 35.24
N GLY F 155 -6.06 -25.13 34.89
CA GLY F 155 -5.13 -24.23 35.54
C GLY F 155 -5.83 -23.34 36.55
N LYS F 156 -5.25 -23.26 37.75
CA LYS F 156 -5.73 -22.39 38.81
C LYS F 156 -4.67 -21.34 39.12
N GLU F 157 -5.09 -20.08 39.20
CA GLU F 157 -4.16 -18.99 39.45
C GLU F 157 -3.49 -19.15 40.82
N THR F 158 -2.17 -19.00 40.83
CA THR F 158 -1.38 -19.01 42.05
C THR F 158 -0.34 -17.91 41.94
N PRO F 159 0.19 -17.44 43.07
CA PRO F 159 1.25 -16.41 43.00
C PRO F 159 2.55 -16.93 42.40
N ASP F 160 2.68 -18.23 42.16
CA ASP F 160 3.85 -18.82 41.54
C ASP F 160 3.70 -19.05 40.05
N GLY F 161 2.52 -18.83 39.49
CA GLY F 161 2.27 -19.04 38.09
C GLY F 161 0.83 -19.48 37.87
N ILE F 162 0.67 -20.48 37.01
CA ILE F 162 -0.63 -21.08 36.72
C ILE F 162 -0.48 -22.58 36.94
N LYS F 163 -1.11 -23.11 37.97
CA LYS F 163 -0.90 -24.48 38.42
C LYS F 163 -1.91 -25.40 37.75
N ILE F 164 -1.41 -26.40 37.02
CA ILE F 164 -2.27 -27.38 36.36
C ILE F 164 -2.70 -28.42 37.38
N THR F 165 -3.95 -28.87 37.27
CA THR F 165 -4.57 -29.79 38.23
C THR F 165 -4.93 -31.09 37.50
N LEU F 166 -3.99 -32.02 37.47
CA LEU F 166 -4.22 -33.33 36.88
C LEU F 166 -3.30 -34.35 37.54
N ASP F 167 -3.88 -35.42 38.09
CA ASP F 167 -3.08 -36.44 38.75
C ASP F 167 -2.15 -37.14 37.75
N ASN F 168 -2.68 -37.55 36.61
CA ASN F 168 -1.91 -38.32 35.63
C ASN F 168 -1.29 -37.44 34.56
N LEU F 169 -0.73 -36.29 34.94
CA LEU F 169 -0.06 -35.40 33.99
C LEU F 169 1.43 -35.76 33.99
N THR F 170 1.81 -36.63 33.06
CA THR F 170 3.20 -37.01 32.85
C THR F 170 3.57 -36.74 31.40
N MET F 171 4.82 -37.05 31.05
CA MET F 171 5.25 -36.90 29.66
C MET F 171 4.49 -37.87 28.74
N GLN F 172 4.04 -39.00 29.29
CA GLN F 172 3.30 -39.97 28.48
C GLN F 172 1.93 -39.40 28.08
N GLU F 173 1.20 -38.85 29.04
CA GLU F 173 -0.07 -38.18 28.77
C GLU F 173 0.10 -36.76 28.26
N LEU F 174 1.31 -36.39 27.84
CA LEU F 174 1.60 -35.03 27.38
C LEU F 174 2.25 -35.06 26.00
N ALA F 185 13.04 -36.34 21.14
CA ALA F 185 12.28 -35.38 20.38
C ALA F 185 11.24 -34.69 21.27
N VAL F 186 10.36 -35.48 21.88
CA VAL F 186 9.37 -34.92 22.79
C VAL F 186 10.06 -34.38 24.03
N SER F 187 11.08 -35.08 24.53
CA SER F 187 11.80 -34.62 25.72
C SER F 187 12.55 -33.33 25.42
N ARG F 188 13.10 -33.19 24.21
CA ARG F 188 13.88 -32.01 23.87
C ARG F 188 13.02 -30.76 23.88
N ILE F 189 11.73 -30.87 23.56
CA ILE F 189 10.84 -29.71 23.59
C ILE F 189 10.60 -29.28 25.03
N ILE F 190 10.28 -30.23 25.90
CA ILE F 190 9.90 -29.89 27.27
C ILE F 190 11.06 -29.23 28.00
N SER F 191 12.24 -29.85 27.95
CA SER F 191 13.40 -29.28 28.63
C SER F 191 13.69 -27.87 28.14
N LYS F 192 13.57 -27.64 26.83
CA LYS F 192 13.76 -26.30 26.29
C LYS F 192 12.74 -25.32 26.88
N LEU F 193 11.49 -25.78 27.06
CA LEU F 193 10.48 -24.92 27.64
C LEU F 193 10.79 -24.60 29.09
N LYS F 194 11.34 -25.56 29.83
CA LYS F 194 11.76 -25.29 31.20
C LYS F 194 12.93 -24.32 31.24
N GLN F 195 13.97 -24.57 30.44
CA GLN F 195 15.15 -23.73 30.45
C GLN F 195 14.82 -22.29 30.11
N GLU F 196 13.81 -22.07 29.25
CA GLU F 196 13.37 -20.72 28.89
C GLU F 196 12.29 -20.20 29.82
N LYS F 197 12.10 -20.82 30.98
CA LYS F 197 11.21 -20.32 32.02
C LYS F 197 9.76 -20.20 31.51
N VAL F 198 9.33 -21.16 30.70
CA VAL F 198 7.95 -21.23 30.27
C VAL F 198 7.10 -22.04 31.25
N ILE F 199 7.66 -23.14 31.75
CA ILE F 199 6.99 -23.99 32.73
C ILE F 199 8.02 -24.38 33.79
N VAL F 200 7.51 -24.70 34.98
CA VAL F 200 8.35 -25.12 36.09
C VAL F 200 7.69 -26.29 36.80
N TYR F 201 8.51 -27.22 37.27
CA TYR F 201 8.05 -28.43 37.94
C TYR F 201 8.37 -28.26 39.44
N LYS F 202 7.40 -27.76 40.19
CA LYS F 202 7.63 -27.27 41.55
C LYS F 202 7.05 -28.16 42.64
N ASN F 203 5.83 -28.66 42.47
CA ASN F 203 5.16 -29.48 43.49
C ASN F 203 4.60 -30.74 42.85
N SER F 204 5.47 -31.50 42.19
CA SER F 204 5.08 -32.69 41.44
C SER F 204 4.07 -32.39 40.34
N CYS F 205 3.85 -31.11 40.02
CA CYS F 205 2.95 -30.71 38.96
C CYS F 205 3.48 -29.42 38.36
N PHE F 206 3.03 -29.13 37.14
CA PHE F 206 3.60 -28.06 36.34
C PHE F 206 2.89 -26.74 36.62
N TYR F 207 3.67 -25.70 36.90
CA TYR F 207 3.18 -24.32 36.94
C TYR F 207 3.56 -23.66 35.61
N VAL F 208 2.57 -23.12 34.92
CA VAL F 208 2.80 -22.41 33.67
C VAL F 208 3.11 -20.96 34.02
N GLN F 209 4.34 -20.53 33.76
CA GLN F 209 4.82 -19.22 34.18
C GLN F 209 4.78 -18.19 33.05
N ASN F 210 5.05 -18.59 31.81
CA ASN F 210 5.01 -17.69 30.66
C ASN F 210 3.96 -18.21 29.68
N LEU F 211 2.73 -17.71 29.82
CA LEU F 211 1.65 -18.13 28.93
C LEU F 211 1.80 -17.50 27.56
N ASP F 212 2.36 -16.29 27.48
CA ASP F 212 2.55 -15.63 26.19
C ASP F 212 3.42 -16.46 25.26
N TYR F 213 4.36 -17.23 25.81
CA TYR F 213 5.18 -18.11 24.97
C TYR F 213 4.35 -19.21 24.34
N LEU F 214 3.38 -19.75 25.09
CA LEU F 214 2.54 -20.82 24.54
C LEU F 214 1.64 -20.30 23.43
N LYS F 215 1.05 -19.11 23.61
CA LYS F 215 0.17 -18.55 22.58
C LYS F 215 0.92 -18.36 21.27
N ARG F 216 2.18 -17.91 21.34
CA ARG F 216 2.93 -17.61 20.13
C ARG F 216 3.09 -18.84 19.24
N TYR F 217 3.13 -20.03 19.82
CA TYR F 217 3.27 -21.26 19.07
C TYR F 217 2.00 -22.09 19.05
N ALA F 218 0.93 -21.62 19.68
CA ALA F 218 -0.40 -22.25 19.58
C ALA F 218 -1.44 -21.13 19.56
N PRO F 219 -1.44 -20.33 18.49
CA PRO F 219 -2.26 -19.11 18.51
C PRO F 219 -3.74 -19.37 18.35
N LYS F 220 -4.13 -20.30 17.47
CA LYS F 220 -5.56 -20.47 17.20
C LYS F 220 -6.30 -21.09 18.37
N LEU F 221 -5.65 -21.98 19.12
CA LEU F 221 -6.26 -22.49 20.35
C LEU F 221 -6.43 -21.38 21.37
N ASP F 222 -5.40 -20.57 21.57
CA ASP F 222 -5.51 -19.43 22.48
C ASP F 222 -6.67 -18.53 22.08
N GLU F 223 -6.88 -18.35 20.78
CA GLU F 223 -8.03 -17.58 20.30
C GLU F 223 -9.33 -18.30 20.59
N TRP F 224 -9.34 -19.63 20.48
CA TRP F 224 -10.58 -20.37 20.73
C TRP F 224 -11.03 -20.20 22.17
N PHE F 225 -10.10 -20.30 23.12
CA PHE F 225 -10.46 -20.11 24.53
C PHE F 225 -10.85 -18.67 24.83
N TYR F 226 -10.39 -17.71 24.03
CA TYR F 226 -10.82 -16.33 24.22
C TYR F 226 -12.29 -16.16 23.84
N LEU F 227 -12.73 -16.84 22.78
CA LEU F 227 -14.09 -16.67 22.30
C LEU F 227 -15.07 -17.55 23.07
N ALA F 228 -14.67 -18.78 23.40
CA ALA F 228 -15.56 -19.72 24.05
C ALA F 228 -15.50 -19.65 25.58
N CYS F 229 -14.36 -19.27 26.14
CA CYS F 229 -14.19 -19.14 27.58
C CYS F 229 -13.71 -17.74 27.91
N PRO F 230 -14.53 -16.72 27.65
CA PRO F 230 -14.07 -15.34 27.87
C PRO F 230 -13.71 -15.05 29.31
N ALA F 231 -14.38 -15.70 30.28
CA ALA F 231 -14.10 -15.45 31.68
C ALA F 231 -12.70 -15.95 32.06
N THR F 232 -12.42 -17.22 31.78
CA THR F 232 -11.13 -17.78 32.15
C THR F 232 -9.99 -17.10 31.41
N TRP F 233 -10.20 -16.76 30.14
CA TRP F 233 -9.13 -16.18 29.33
C TRP F 233 -8.64 -14.87 29.94
N GLY F 234 -9.58 -13.99 30.32
CA GLY F 234 -9.20 -12.75 30.97
C GLY F 234 -8.66 -12.93 32.37
N LYS F 235 -8.92 -14.08 32.99
CA LYS F 235 -8.43 -14.34 34.34
C LYS F 235 -6.96 -14.74 34.34
N LEU F 236 -6.60 -15.74 33.53
CA LEU F 236 -5.22 -16.21 33.47
C LEU F 236 -4.30 -15.25 32.71
N ASN F 237 -4.82 -14.17 32.17
CA ASN F 237 -4.01 -13.17 31.47
C ASN F 237 -4.16 -11.80 32.10
N ASN G 2 23.24 28.51 -33.28
CA ASN G 2 24.12 29.66 -33.13
C ASN G 2 25.56 29.31 -33.50
N ALA G 3 26.37 30.35 -33.71
CA ALA G 3 27.79 30.14 -33.97
C ALA G 3 28.52 29.71 -32.69
N GLN G 4 28.11 30.26 -31.54
CA GLN G 4 28.71 29.86 -30.28
C GLN G 4 28.43 28.39 -29.99
N ALA G 5 27.21 27.93 -30.29
CA ALA G 5 26.86 26.54 -30.04
C ALA G 5 27.72 25.59 -30.87
N GLU G 6 27.92 25.91 -32.14
CA GLU G 6 28.76 25.08 -32.99
C GLU G 6 30.18 24.98 -32.45
N GLU G 7 30.75 26.12 -32.02
CA GLU G 7 32.09 26.09 -31.46
C GLU G 7 32.14 25.31 -30.16
N PHE G 8 31.06 25.31 -29.38
CA PHE G 8 31.03 24.53 -28.16
C PHE G 8 30.95 23.04 -28.46
N LYS G 9 30.25 22.67 -29.52
CA LYS G 9 30.26 21.28 -29.98
C LYS G 9 31.67 20.87 -30.37
N LYS G 10 32.27 21.58 -31.32
CA LYS G 10 33.62 21.27 -31.77
C LYS G 10 34.59 21.20 -30.60
N TYR G 11 34.35 21.99 -29.54
CA TYR G 11 35.25 22.00 -28.39
C TYR G 11 35.07 20.77 -27.52
N LEU G 12 33.83 20.28 -27.38
CA LEU G 12 33.58 19.13 -26.51
C LEU G 12 34.22 17.87 -27.08
N GLU G 13 34.04 17.61 -28.37
CA GLU G 13 34.61 16.41 -28.96
C GLU G 13 36.09 16.58 -29.30
N THR G 14 36.58 17.82 -29.36
CA THR G 14 38.02 18.04 -29.35
C THR G 14 38.64 17.63 -28.02
N ASN G 15 37.85 17.59 -26.95
CA ASN G 15 38.30 17.14 -25.64
C ASN G 15 37.84 15.73 -25.31
N GLY G 16 37.37 14.98 -26.30
CA GLY G 16 37.04 13.59 -26.12
C GLY G 16 35.64 13.30 -25.64
N ILE G 17 34.72 14.26 -25.73
CA ILE G 17 33.33 14.04 -25.36
C ILE G 17 32.56 13.58 -26.60
N LYS G 18 31.84 12.46 -26.46
CA LYS G 18 31.21 11.81 -27.59
C LYS G 18 29.73 12.19 -27.69
N PRO G 19 29.20 12.43 -28.90
CA PRO G 19 27.76 12.62 -29.04
C PRO G 19 27.01 11.31 -28.86
N LYS G 20 25.79 11.43 -28.35
CA LYS G 20 24.89 10.30 -28.18
C LYS G 20 23.63 10.54 -28.98
N GLN G 21 23.21 9.52 -29.74
CA GLN G 21 22.02 9.60 -30.57
C GLN G 21 20.85 8.96 -29.82
N PHE G 22 19.75 9.69 -29.72
CA PHE G 22 18.56 9.21 -29.03
C PHE G 22 17.39 9.17 -30.02
N HIS G 23 16.43 8.31 -29.71
CA HIS G 23 15.23 8.12 -30.51
C HIS G 23 14.02 8.73 -29.80
N LYS G 24 12.97 8.98 -30.59
CA LYS G 24 11.75 9.56 -30.05
C LYS G 24 11.27 8.76 -28.85
N LYS G 25 10.88 9.48 -27.80
CA LYS G 25 10.31 8.96 -26.55
C LYS G 25 11.39 8.39 -25.62
N GLU G 26 12.62 8.20 -26.08
CA GLU G 26 13.69 7.83 -25.17
C GLU G 26 13.97 8.99 -24.21
N LEU G 27 14.45 8.64 -23.02
CA LEU G 27 14.75 9.62 -21.98
C LEU G 27 16.26 9.84 -21.93
N ILE G 28 16.69 11.07 -22.22
CA ILE G 28 18.11 11.40 -22.19
C ILE G 28 18.67 11.20 -20.79
N PHE G 29 17.88 11.51 -19.77
CA PHE G 29 18.19 11.12 -18.41
C PHE G 29 16.90 11.12 -17.61
N ASN G 30 16.93 10.42 -16.48
CA ASN G 30 15.73 10.14 -15.70
C ASN G 30 15.69 10.97 -14.42
N GLN G 31 14.47 11.20 -13.92
CA GLN G 31 14.29 11.84 -12.62
C GLN G 31 14.84 10.97 -11.49
N TRP G 32 14.75 9.66 -11.64
CA TRP G 32 15.22 8.75 -10.60
C TRP G 32 16.75 8.72 -10.51
N ASP G 33 17.45 9.06 -11.58
CA ASP G 33 18.90 9.08 -11.57
C ASP G 33 19.39 10.18 -10.64
N PRO G 34 20.00 9.86 -9.48
CA PRO G 34 20.43 10.93 -8.57
C PRO G 34 21.80 11.50 -8.91
N GLN G 35 22.30 11.24 -10.11
CA GLN G 35 23.54 11.83 -10.56
C GLN G 35 23.29 13.17 -11.22
N GLU G 36 24.34 13.98 -11.30
CA GLU G 36 24.25 15.36 -11.76
C GLU G 36 24.92 15.47 -13.13
N TYR G 37 24.16 15.99 -14.11
CA TYR G 37 24.61 16.08 -15.48
C TYR G 37 24.47 17.51 -16.00
N CYS G 38 25.29 17.83 -17.00
CA CYS G 38 25.15 19.03 -17.81
C CYS G 38 24.95 18.57 -19.24
N ILE G 39 23.71 18.58 -19.72
CA ILE G 39 23.38 18.05 -21.03
C ILE G 39 23.44 19.19 -22.04
N PHE G 40 24.27 19.02 -23.07
CA PHE G 40 24.31 19.97 -24.19
C PHE G 40 23.49 19.35 -25.31
N LEU G 41 22.18 19.63 -25.30
CA LEU G 41 21.31 19.24 -26.40
C LEU G 41 21.74 19.97 -27.67
N TYR G 42 22.17 19.21 -28.67
CA TYR G 42 22.74 19.79 -29.88
C TYR G 42 21.75 19.88 -31.03
N ASP G 43 20.88 18.89 -31.19
CA ASP G 43 19.92 18.89 -32.28
C ASP G 43 18.73 18.03 -31.88
N GLY G 44 17.55 18.37 -32.42
CA GLY G 44 16.32 17.70 -32.09
C GLY G 44 15.49 18.47 -31.08
N ILE G 45 14.28 17.97 -30.86
CA ILE G 45 13.32 18.58 -29.95
C ILE G 45 13.14 17.67 -28.75
N THR G 46 13.12 18.27 -27.56
CA THR G 46 12.94 17.53 -26.32
C THR G 46 12.05 18.35 -25.39
N LYS G 47 11.53 17.68 -24.36
CA LYS G 47 10.76 18.37 -23.32
C LYS G 47 11.34 18.02 -21.97
N LEU G 48 11.64 19.04 -21.18
CA LEU G 48 12.18 18.88 -19.83
C LEU G 48 11.03 19.03 -18.84
N THR G 49 10.83 18.00 -18.02
CA THR G 49 9.83 18.05 -16.96
C THR G 49 10.53 18.26 -15.63
N SER G 50 10.07 19.26 -14.87
CA SER G 50 10.59 19.54 -13.55
C SER G 50 9.61 19.00 -12.52
N ILE G 51 10.12 18.19 -11.58
CA ILE G 51 9.28 17.52 -10.59
C ILE G 51 9.87 17.75 -9.21
N SER G 52 9.00 17.91 -8.23
CA SER G 52 9.39 18.00 -6.83
C SER G 52 9.20 16.65 -6.16
N GLU G 53 9.58 16.56 -4.88
CA GLU G 53 9.53 15.29 -4.17
C GLU G 53 8.10 14.78 -3.99
N ASN G 54 7.10 15.66 -4.03
CA ASN G 54 5.71 15.22 -3.98
C ASN G 54 5.31 14.41 -5.20
N GLY G 55 6.16 14.35 -6.22
CA GLY G 55 5.78 13.83 -7.51
C GLY G 55 4.99 14.81 -8.36
N THR G 56 4.62 15.97 -7.80
CA THR G 56 3.84 16.95 -8.53
C THR G 56 4.74 17.71 -9.50
N ILE G 57 4.30 17.80 -10.75
CA ILE G 57 5.09 18.45 -11.79
C ILE G 57 5.09 19.96 -11.59
N MET G 58 6.27 20.57 -11.73
CA MET G 58 6.44 22.01 -11.51
C MET G 58 6.65 22.80 -12.79
N ASN G 59 7.22 22.21 -13.82
CA ASN G 59 7.47 22.93 -15.07
C ASN G 59 7.59 21.93 -16.20
N LEU G 60 7.32 22.40 -17.41
CA LEU G 60 7.41 21.56 -18.60
C LEU G 60 7.77 22.48 -19.76
N GLN G 61 8.95 22.29 -20.33
CA GLN G 61 9.50 23.17 -21.35
C GLN G 61 9.96 22.35 -22.55
N TYR G 62 9.50 22.71 -23.73
CA TYR G 62 9.96 22.10 -24.97
C TYR G 62 11.20 22.84 -25.45
N TYR G 63 12.34 22.14 -25.48
CA TYR G 63 13.61 22.73 -25.90
C TYR G 63 14.02 22.22 -27.27
N LYS G 64 14.51 23.14 -28.10
CA LYS G 64 15.06 22.81 -29.41
C LYS G 64 16.54 23.11 -29.40
N GLY G 65 17.34 22.13 -29.84
CA GLY G 65 18.79 22.32 -29.87
C GLY G 65 19.19 23.48 -30.77
N ALA G 66 20.31 24.14 -30.50
CA ALA G 66 21.25 23.79 -29.43
C ALA G 66 20.92 24.53 -28.13
N PHE G 67 21.10 23.85 -27.00
CA PHE G 67 20.77 24.44 -25.71
C PHE G 67 21.43 23.60 -24.61
N VAL G 68 21.68 24.23 -23.47
CA VAL G 68 22.39 23.62 -22.35
C VAL G 68 21.45 23.55 -21.16
N ILE G 69 21.32 22.37 -20.57
CA ILE G 69 20.53 22.14 -19.37
C ILE G 69 21.47 21.74 -18.23
N MET G 70 21.10 22.13 -17.01
CA MET G 70 21.90 21.85 -15.82
C MET G 70 21.02 21.16 -14.79
N SER G 71 21.46 19.99 -14.32
CA SER G 71 20.74 19.25 -13.30
C SER G 71 21.19 19.59 -11.89
N GLY G 72 22.38 20.16 -11.71
CA GLY G 72 22.87 20.50 -10.40
C GLY G 72 23.72 21.75 -10.43
N PHE G 73 24.01 22.26 -9.24
CA PHE G 73 24.87 23.43 -9.10
C PHE G 73 26.32 23.03 -9.36
N ILE G 74 27.21 24.02 -9.29
CA ILE G 74 28.61 23.80 -9.65
C ILE G 74 29.44 23.51 -8.40
N ASP G 75 29.44 24.44 -7.45
CA ASP G 75 30.35 24.34 -6.31
C ASP G 75 29.81 23.40 -5.24
N THR G 76 28.51 23.43 -4.98
CA THR G 76 27.90 22.49 -4.04
C THR G 76 27.49 21.18 -4.70
N GLU G 77 27.32 21.18 -6.03
CA GLU G 77 26.94 19.99 -6.79
C GLU G 77 25.65 19.36 -6.26
N THR G 78 24.85 20.14 -5.54
CA THR G 78 23.57 19.65 -5.05
C THR G 78 22.52 19.70 -6.16
N SER G 79 21.45 18.93 -5.97
CA SER G 79 20.43 18.78 -6.99
C SER G 79 19.45 19.94 -6.94
N VAL G 80 19.31 20.65 -8.07
CA VAL G 80 18.28 21.69 -8.17
C VAL G 80 16.90 21.08 -7.96
N GLY G 81 16.74 19.80 -8.27
CA GLY G 81 15.47 19.12 -8.13
C GLY G 81 15.48 17.76 -8.79
N TYR G 82 14.43 17.44 -9.52
CA TYR G 82 14.33 16.18 -10.24
C TYR G 82 13.80 16.47 -11.64
N TYR G 83 14.48 15.96 -12.65
CA TYR G 83 14.18 16.30 -14.03
C TYR G 83 14.02 15.05 -14.88
N ASN G 84 13.19 15.16 -15.91
CA ASN G 84 12.97 14.08 -16.87
C ASN G 84 13.00 14.70 -18.27
N LEU G 85 14.02 14.35 -19.05
CA LEU G 85 14.22 14.91 -20.38
C LEU G 85 13.92 13.83 -21.42
N GLU G 86 12.99 14.13 -22.32
CA GLU G 86 12.46 13.16 -23.26
C GLU G 86 12.64 13.66 -24.70
N VAL G 87 13.00 12.75 -25.59
CA VAL G 87 13.14 13.08 -27.00
C VAL G 87 11.77 13.06 -27.66
N ILE G 88 11.49 14.09 -28.47
CA ILE G 88 10.20 14.26 -29.11
C ILE G 88 10.30 14.19 -30.62
N SER G 89 11.37 14.73 -31.20
CA SER G 89 11.64 14.52 -32.60
C SER G 89 11.95 13.04 -32.84
N GLU G 90 11.96 12.65 -34.12
CA GLU G 90 12.34 11.28 -34.46
C GLU G 90 13.75 10.97 -34.00
N GLN G 91 14.68 11.91 -34.21
CA GLN G 91 16.06 11.75 -33.77
C GLN G 91 16.49 13.00 -33.02
N ALA G 92 17.52 12.83 -32.18
CA ALA G 92 18.10 13.94 -31.44
C ALA G 92 19.51 13.56 -31.03
N THR G 93 20.36 14.58 -30.88
CA THR G 93 21.75 14.38 -30.51
C THR G 93 22.07 15.21 -29.27
N ALA G 94 22.65 14.58 -28.27
CA ALA G 94 22.97 15.25 -27.02
C ALA G 94 24.38 14.86 -26.56
N TYR G 95 25.04 15.80 -25.89
CA TYR G 95 26.31 15.55 -25.22
C TYR G 95 26.05 15.52 -23.72
N VAL G 96 26.25 14.37 -23.10
CA VAL G 96 26.02 14.19 -21.67
C VAL G 96 27.36 14.30 -20.96
N ILE G 97 27.44 15.19 -19.98
CA ILE G 97 28.70 15.55 -19.34
C ILE G 97 28.50 15.51 -17.83
N LYS G 98 29.39 14.80 -17.14
CA LYS G 98 29.43 14.87 -15.69
C LYS G 98 29.78 16.29 -15.25
N ILE G 99 29.17 16.72 -14.14
CA ILE G 99 29.33 18.11 -13.71
C ILE G 99 30.79 18.41 -13.41
N ASN G 100 31.51 17.46 -12.80
CA ASN G 100 32.92 17.67 -12.51
C ASN G 100 33.72 17.90 -13.79
N GLU G 101 33.48 17.05 -14.81
CA GLU G 101 34.15 17.23 -16.09
C GLU G 101 33.89 18.62 -16.67
N LEU G 102 32.64 19.09 -16.56
CA LEU G 102 32.30 20.40 -17.09
C LEU G 102 33.15 21.50 -16.46
N LYS G 103 33.33 21.45 -15.14
CA LYS G 103 34.07 22.50 -14.46
C LYS G 103 35.49 22.60 -15.00
N GLU G 104 36.10 21.47 -15.33
CA GLU G 104 37.44 21.49 -15.93
C GLU G 104 37.39 22.05 -17.34
N LEU G 105 36.47 21.57 -18.17
CA LEU G 105 36.40 22.03 -19.56
C LEU G 105 36.23 23.53 -19.63
N LEU G 106 35.37 24.10 -18.77
CA LEU G 106 35.17 25.54 -18.78
C LEU G 106 36.36 26.30 -18.18
N SER G 107 37.04 25.70 -17.19
CA SER G 107 38.18 26.37 -16.58
C SER G 107 39.31 26.61 -17.57
N LYS G 108 39.41 25.77 -18.61
CA LYS G 108 40.49 25.87 -19.59
C LYS G 108 40.06 26.53 -20.89
N ASN G 109 38.91 27.20 -20.89
CA ASN G 109 38.48 27.95 -22.08
C ASN G 109 37.34 28.90 -21.73
N LEU G 110 37.67 30.17 -21.47
CA LEU G 110 36.67 31.10 -20.98
C LEU G 110 35.66 31.49 -22.06
N THR G 111 36.06 31.47 -23.34
CA THR G 111 35.12 31.79 -24.40
C THR G 111 33.88 30.90 -24.31
N HIS G 112 34.07 29.62 -23.94
CA HIS G 112 32.96 28.71 -23.79
C HIS G 112 32.31 28.79 -22.42
N PHE G 113 33.07 29.18 -21.39
CA PHE G 113 32.46 29.54 -20.12
C PHE G 113 31.45 30.66 -20.32
N PHE G 114 31.85 31.71 -21.05
CA PHE G 114 30.94 32.81 -21.32
C PHE G 114 29.67 32.32 -22.02
N TYR G 115 29.80 31.31 -22.89
CA TYR G 115 28.64 30.80 -23.61
C TYR G 115 27.66 30.14 -22.65
N VAL G 116 28.14 29.24 -21.80
CA VAL G 116 27.27 28.57 -20.84
C VAL G 116 26.68 29.58 -19.87
N PHE G 117 27.48 30.57 -19.46
CA PHE G 117 26.98 31.64 -18.61
C PHE G 117 25.80 32.35 -19.25
N GLN G 118 25.89 32.61 -20.56
CA GLN G 118 24.83 33.35 -21.24
C GLN G 118 23.56 32.52 -21.36
N THR G 119 23.69 31.22 -21.61
CA THR G 119 22.51 30.36 -21.64
C THR G 119 21.76 30.45 -20.32
N LEU G 120 22.49 30.48 -19.21
CA LEU G 120 21.86 30.69 -17.90
C LEU G 120 21.16 32.04 -17.83
N GLN G 121 21.82 33.09 -18.33
CA GLN G 121 21.22 34.42 -18.28
C GLN G 121 19.93 34.47 -19.08
N LYS G 122 19.85 33.74 -20.19
CA LYS G 122 18.60 33.66 -20.93
C LYS G 122 17.50 33.05 -20.06
N GLN G 123 17.83 32.04 -19.27
CA GLN G 123 16.84 31.43 -18.39
C GLN G 123 16.40 32.39 -17.30
N VAL G 124 17.33 33.17 -16.75
CA VAL G 124 16.96 34.15 -15.72
C VAL G 124 15.99 35.18 -16.29
N SER G 125 16.33 35.75 -17.45
CA SER G 125 15.47 36.78 -18.03
C SER G 125 14.15 36.19 -18.50
N TYR G 126 14.14 34.94 -18.95
CA TYR G 126 12.88 34.31 -19.33
C TYR G 126 11.98 34.15 -18.11
N SER G 127 12.55 33.77 -16.96
CA SER G 127 11.74 33.59 -15.76
C SER G 127 11.13 34.92 -15.33
N LEU G 128 11.94 35.98 -15.29
CA LEU G 128 11.40 37.29 -14.89
C LEU G 128 10.29 37.73 -15.83
N ALA G 129 10.52 37.61 -17.14
CA ALA G 129 9.51 38.00 -18.10
C ALA G 129 8.23 37.19 -17.89
N LYS G 130 8.37 35.88 -17.73
CA LYS G 130 7.22 35.03 -17.46
C LYS G 130 6.44 35.51 -16.24
N PHE G 131 7.16 35.87 -15.16
CA PHE G 131 6.50 36.35 -13.95
C PHE G 131 5.82 37.69 -14.19
N ASN G 132 6.41 38.56 -15.01
CA ASN G 132 5.80 39.86 -15.28
C ASN G 132 4.44 39.70 -15.94
N ASP G 133 4.37 38.88 -16.99
CA ASP G 133 3.12 38.73 -17.72
C ASP G 133 2.05 38.10 -16.86
N PHE G 134 2.44 37.21 -15.94
CA PHE G 134 1.48 36.67 -14.99
C PHE G 134 1.02 37.74 -14.01
N SER G 135 1.95 38.53 -13.48
CA SER G 135 1.58 39.60 -12.54
C SER G 135 0.55 40.54 -13.17
N ILE G 136 0.69 40.83 -14.46
CA ILE G 136 -0.23 41.76 -15.12
C ILE G 136 -1.53 41.07 -15.45
N ASN G 137 -1.47 40.01 -16.26
CA ASN G 137 -2.66 39.40 -16.84
C ASN G 137 -2.98 38.02 -16.28
N GLY G 138 -2.30 37.60 -15.21
CA GLY G 138 -2.67 36.38 -14.53
C GLY G 138 -2.54 35.15 -15.41
N LYS G 139 -3.45 34.19 -15.18
CA LYS G 139 -3.40 32.92 -15.87
C LYS G 139 -3.54 33.10 -17.38
N LEU G 140 -4.36 34.06 -17.80
CA LEU G 140 -4.49 34.35 -19.23
C LEU G 140 -3.15 34.77 -19.82
N GLY G 141 -2.39 35.58 -19.08
CA GLY G 141 -1.08 35.99 -19.56
C GLY G 141 -0.12 34.82 -19.69
N SER G 142 -0.07 33.97 -18.67
CA SER G 142 0.85 32.84 -18.70
C SER G 142 0.56 31.92 -19.88
N ILE G 143 -0.72 31.61 -20.12
CA ILE G 143 -1.09 30.76 -21.24
C ILE G 143 -0.72 31.43 -22.56
N CYS G 144 -1.06 32.72 -22.71
CA CYS G 144 -0.70 33.44 -23.92
C CYS G 144 0.81 33.48 -24.11
N GLY G 145 1.55 33.65 -23.02
CA GLY G 145 3.00 33.68 -23.12
C GLY G 145 3.58 32.38 -23.61
N GLN G 146 3.09 31.26 -23.06
CA GLN G 146 3.62 29.97 -23.46
C GLN G 146 3.23 29.64 -24.90
N LEU G 147 1.97 29.92 -25.27
CA LEU G 147 1.56 29.74 -26.66
C LEU G 147 2.37 30.64 -27.59
N LEU G 148 2.66 31.87 -27.17
CA LEU G 148 3.41 32.79 -28.02
C LEU G 148 4.79 32.24 -28.34
N ILE G 149 5.54 31.83 -27.31
CA ILE G 149 6.90 31.38 -27.53
C ILE G 149 6.91 30.04 -28.26
N LEU G 150 5.93 29.17 -28.00
CA LEU G 150 5.78 27.96 -28.80
C LEU G 150 5.49 28.30 -30.25
N THR G 151 4.70 29.35 -30.49
CA THR G 151 4.42 29.77 -31.86
C THR G 151 5.70 30.26 -32.55
N TYR G 152 6.50 31.05 -31.84
CA TYR G 152 7.74 31.56 -32.42
C TYR G 152 8.71 30.42 -32.76
N VAL G 153 8.85 29.45 -31.85
CA VAL G 153 9.86 28.42 -32.03
C VAL G 153 9.37 27.32 -32.97
N TYR G 154 8.11 26.91 -32.85
CA TYR G 154 7.59 25.77 -33.59
C TYR G 154 6.48 26.15 -34.57
N GLY G 155 6.25 27.44 -34.80
CA GLY G 155 5.16 27.84 -35.67
C GLY G 155 5.45 27.63 -37.13
N LYS G 156 4.39 27.38 -37.89
CA LYS G 156 4.47 27.15 -39.33
C LYS G 156 3.17 27.65 -39.96
N GLU G 157 3.30 28.43 -41.03
CA GLU G 157 2.13 29.02 -41.67
C GLU G 157 1.29 27.95 -42.35
N THR G 158 -0.02 27.99 -42.13
CA THR G 158 -0.95 27.07 -42.77
C THR G 158 -2.23 27.82 -43.11
N PRO G 159 -3.16 27.20 -43.85
CA PRO G 159 -4.43 27.89 -44.13
C PRO G 159 -5.26 28.14 -42.89
N ASP G 160 -5.15 27.27 -41.88
CA ASP G 160 -5.89 27.42 -40.63
C ASP G 160 -5.17 28.29 -39.60
N GLY G 161 -4.10 28.96 -40.01
CA GLY G 161 -3.33 29.80 -39.11
C GLY G 161 -1.91 29.29 -38.93
N ILE G 162 -1.27 29.79 -37.87
CA ILE G 162 0.09 29.41 -37.53
C ILE G 162 0.01 28.15 -36.67
N LYS G 163 0.45 27.04 -37.25
CA LYS G 163 0.35 25.74 -36.59
C LYS G 163 1.55 25.52 -35.69
N ILE G 164 1.30 25.28 -34.40
CA ILE G 164 2.35 24.89 -33.46
C ILE G 164 2.65 23.43 -33.74
N THR G 165 3.78 23.16 -34.40
CA THR G 165 4.10 21.83 -34.91
C THR G 165 4.71 20.98 -33.79
N LEU G 166 3.85 20.59 -32.86
CA LEU G 166 4.17 19.61 -31.84
C LEU G 166 3.06 18.57 -31.83
N ASP G 167 3.44 17.30 -31.80
CA ASP G 167 2.48 16.22 -32.02
C ASP G 167 1.46 16.13 -30.89
N ASN G 168 1.92 16.26 -29.64
CA ASN G 168 1.08 15.91 -28.48
C ASN G 168 1.15 16.99 -27.41
N LEU G 169 1.00 18.24 -27.81
CA LEU G 169 0.85 19.33 -26.86
C LEU G 169 -0.56 19.31 -26.31
N THR G 170 -0.70 19.24 -24.98
CA THR G 170 -1.98 19.08 -24.33
C THR G 170 -2.24 20.24 -23.38
N MET G 171 -3.50 20.38 -22.98
CA MET G 171 -3.87 21.42 -22.03
C MET G 171 -3.25 21.17 -20.66
N GLN G 172 -3.03 19.90 -20.29
CA GLN G 172 -2.36 19.62 -19.02
C GLN G 172 -0.91 20.07 -19.06
N GLU G 173 -0.22 19.85 -20.19
CA GLU G 173 1.17 20.26 -20.29
C GLU G 173 1.29 21.78 -20.30
N LEU G 174 0.42 22.48 -21.02
CA LEU G 174 0.37 23.93 -20.90
C LEU G 174 0.17 24.35 -19.45
N GLY G 175 -0.61 23.57 -18.69
CA GLY G 175 -0.81 23.89 -17.29
C GLY G 175 0.49 23.84 -16.50
N TYR G 176 1.25 22.76 -16.66
CA TYR G 176 2.53 22.65 -15.98
C TYR G 176 3.45 23.82 -16.30
N SER G 177 3.41 24.30 -17.54
CA SER G 177 4.25 25.41 -17.97
C SER G 177 3.69 26.76 -17.56
N SER G 178 2.40 26.84 -17.25
CA SER G 178 1.73 28.10 -17.03
C SER G 178 1.23 28.26 -15.60
N GLY G 179 1.69 27.42 -14.68
CA GLY G 179 1.28 27.53 -13.28
C GLY G 179 -0.19 27.22 -13.04
N ILE G 180 -0.75 26.26 -13.76
CA ILE G 180 -2.14 25.84 -13.59
C ILE G 180 -2.14 24.33 -13.34
N ALA G 181 -2.71 23.92 -12.20
CA ALA G 181 -2.54 22.54 -11.75
C ALA G 181 -3.31 21.55 -12.62
N HIS G 182 -4.55 21.87 -12.99
CA HIS G 182 -5.44 20.90 -13.62
C HIS G 182 -5.85 21.36 -15.00
N SER G 183 -5.97 20.39 -15.91
CA SER G 183 -6.42 20.69 -17.27
C SER G 183 -7.81 21.31 -17.28
N SER G 184 -8.66 20.92 -16.33
CA SER G 184 -10.01 21.51 -16.27
C SER G 184 -9.93 23.02 -16.15
N ALA G 185 -9.00 23.53 -15.34
CA ALA G 185 -8.83 24.97 -15.22
C ALA G 185 -8.23 25.55 -16.50
N VAL G 186 -7.32 24.81 -17.14
CA VAL G 186 -6.71 25.27 -18.38
C VAL G 186 -7.76 25.42 -19.47
N SER G 187 -8.79 24.57 -19.45
CA SER G 187 -9.79 24.62 -20.52
C SER G 187 -10.57 25.93 -20.51
N ARG G 188 -10.70 26.55 -19.34
CA ARG G 188 -11.39 27.84 -19.27
C ARG G 188 -10.66 28.90 -20.07
N ILE G 189 -9.32 28.89 -20.03
CA ILE G 189 -8.55 29.86 -20.78
C ILE G 189 -8.61 29.55 -22.28
N ILE G 190 -8.32 28.30 -22.66
CA ILE G 190 -8.43 27.91 -24.06
C ILE G 190 -9.82 28.23 -24.59
N SER G 191 -10.85 28.01 -23.76
CA SER G 191 -12.22 28.31 -24.16
C SER G 191 -12.37 29.79 -24.50
N LYS G 192 -11.87 30.67 -23.63
CA LYS G 192 -11.90 32.10 -23.92
C LYS G 192 -11.17 32.41 -25.21
N LEU G 193 -10.01 31.77 -25.44
CA LEU G 193 -9.22 32.09 -26.63
C LEU G 193 -9.93 31.62 -27.89
N LYS G 194 -10.64 30.49 -27.83
CA LYS G 194 -11.34 30.00 -29.01
C LYS G 194 -12.48 30.93 -29.40
N GLN G 195 -13.27 31.36 -28.41
CA GLN G 195 -14.44 32.18 -28.73
C GLN G 195 -14.03 33.57 -29.20
N GLU G 196 -12.87 34.06 -28.75
CA GLU G 196 -12.31 35.30 -29.28
C GLU G 196 -11.52 35.07 -30.57
N LYS G 197 -11.61 33.87 -31.14
CA LYS G 197 -10.99 33.57 -32.43
C LYS G 197 -9.48 33.81 -32.42
N VAL G 198 -8.84 33.51 -31.29
CA VAL G 198 -7.39 33.63 -31.19
C VAL G 198 -6.71 32.33 -31.62
N ILE G 199 -7.24 31.20 -31.18
CA ILE G 199 -6.66 29.89 -31.49
C ILE G 199 -7.76 28.95 -31.98
N VAL G 200 -7.34 27.87 -32.61
CA VAL G 200 -8.19 26.76 -32.97
C VAL G 200 -7.43 25.48 -32.68
N TYR G 201 -8.08 24.53 -32.03
CA TYR G 201 -7.47 23.24 -31.72
C TYR G 201 -8.06 22.19 -32.65
N LYS G 202 -7.21 21.58 -33.47
CA LYS G 202 -7.65 20.79 -34.62
C LYS G 202 -6.60 19.74 -34.92
N ASN G 203 -7.03 18.48 -35.04
CA ASN G 203 -6.14 17.37 -35.37
C ASN G 203 -4.94 17.32 -34.42
N SER G 204 -5.24 17.42 -33.12
CA SER G 204 -4.25 17.27 -32.05
C SER G 204 -3.25 18.42 -31.99
N CYS G 205 -3.55 19.56 -32.61
CA CYS G 205 -2.60 20.67 -32.70
C CYS G 205 -3.31 21.99 -32.49
N PHE G 206 -2.54 22.98 -32.02
CA PHE G 206 -3.03 24.34 -31.85
C PHE G 206 -2.65 25.17 -33.06
N TYR G 207 -3.61 25.94 -33.56
CA TYR G 207 -3.39 26.88 -34.67
C TYR G 207 -3.68 28.29 -34.17
N VAL G 208 -2.69 29.16 -34.28
CA VAL G 208 -2.82 30.55 -33.84
C VAL G 208 -3.37 31.37 -34.99
N GLN G 209 -4.52 32.01 -34.77
CA GLN G 209 -5.14 32.85 -35.78
C GLN G 209 -5.04 34.34 -35.47
N ASN G 210 -4.55 34.72 -34.28
CA ASN G 210 -4.39 36.13 -33.92
C ASN G 210 -3.15 36.25 -33.05
N LEU G 211 -1.99 36.35 -33.69
CA LEU G 211 -0.74 36.47 -32.96
C LEU G 211 -0.71 37.73 -32.09
N ASP G 212 -1.28 38.83 -32.58
CA ASP G 212 -1.22 40.09 -31.84
C ASP G 212 -1.92 40.00 -30.50
N TYR G 213 -2.97 39.17 -30.40
CA TYR G 213 -3.62 38.95 -29.13
C TYR G 213 -2.65 38.34 -28.12
N LEU G 214 -1.95 37.28 -28.51
CA LEU G 214 -0.99 36.65 -27.60
C LEU G 214 0.05 37.65 -27.12
N LYS G 215 0.60 38.44 -28.03
CA LYS G 215 1.61 39.41 -27.63
C LYS G 215 1.04 40.47 -26.70
N ARG G 216 -0.25 40.78 -26.84
CA ARG G 216 -0.87 41.81 -26.03
C ARG G 216 -0.91 41.41 -24.56
N TYR G 217 -1.10 40.12 -24.29
CA TYR G 217 -1.22 39.64 -22.92
C TYR G 217 0.05 38.98 -22.41
N ALA G 218 1.05 38.78 -23.27
CA ALA G 218 2.37 38.33 -22.86
C ALA G 218 3.41 39.32 -23.38
N PRO G 219 3.27 40.60 -23.03
CA PRO G 219 4.17 41.61 -23.61
C PRO G 219 5.62 41.43 -23.24
N LYS G 220 5.91 40.97 -22.02
CA LYS G 220 7.29 40.88 -21.58
C LYS G 220 7.99 39.65 -22.14
N LEU G 221 7.28 38.54 -22.32
CA LEU G 221 7.88 37.41 -23.01
C LEU G 221 8.10 37.70 -24.48
N ASP G 222 7.23 38.51 -25.09
CA ASP G 222 7.49 38.93 -26.46
C ASP G 222 8.74 39.79 -26.52
N GLU G 223 8.94 40.67 -25.53
CA GLU G 223 10.16 41.46 -25.46
C GLU G 223 11.38 40.57 -25.26
N TRP G 224 11.30 39.64 -24.31
CA TRP G 224 12.40 38.72 -24.06
C TRP G 224 12.80 37.99 -25.35
N PHE G 225 11.82 37.51 -26.11
CA PHE G 225 12.12 36.78 -27.32
C PHE G 225 12.69 37.72 -28.40
N TYR G 226 12.20 38.96 -28.44
CA TYR G 226 12.77 39.93 -29.38
C TYR G 226 14.27 40.08 -29.13
N LEU G 227 14.68 40.11 -27.86
CA LEU G 227 16.07 40.32 -27.48
C LEU G 227 16.89 39.03 -27.48
N ALA G 228 16.28 37.90 -27.17
CA ALA G 228 17.00 36.63 -27.05
C ALA G 228 17.16 35.92 -28.39
N CYS G 229 16.15 36.01 -29.26
CA CYS G 229 16.16 35.32 -30.55
C CYS G 229 15.63 36.27 -31.62
N PRO G 230 16.42 37.29 -31.98
CA PRO G 230 15.89 38.32 -32.90
C PRO G 230 15.45 37.78 -34.26
N ALA G 231 16.19 36.82 -34.81
CA ALA G 231 15.85 36.32 -36.15
C ALA G 231 14.45 35.73 -36.19
N THR G 232 14.14 34.86 -35.23
CA THR G 232 12.84 34.19 -35.21
C THR G 232 11.71 35.21 -35.04
N TRP G 233 11.87 36.16 -34.12
CA TRP G 233 10.82 37.15 -33.89
C TRP G 233 10.46 37.88 -35.18
N GLY G 234 11.47 38.33 -35.92
CA GLY G 234 11.21 39.01 -37.17
C GLY G 234 10.49 38.16 -38.17
N LYS G 235 10.73 36.84 -38.15
CA LYS G 235 10.11 35.94 -39.12
C LYS G 235 8.59 35.99 -39.01
N LEU G 236 8.06 35.95 -37.79
CA LEU G 236 6.61 35.97 -37.60
C LEU G 236 6.05 37.37 -37.38
N ASN G 237 6.89 38.40 -37.40
CA ASN G 237 6.42 39.78 -37.23
C ASN G 237 6.83 40.65 -38.41
N ASN H 2 27.77 34.83 1.24
CA ASN H 2 28.27 35.07 2.59
C ASN H 2 29.77 35.37 2.57
N ALA H 3 30.60 34.36 2.86
CA ALA H 3 32.04 34.56 2.82
C ALA H 3 32.51 34.86 1.41
N GLN H 4 31.89 34.22 0.41
CA GLN H 4 32.26 34.49 -0.97
C GLN H 4 31.94 35.94 -1.35
N ALA H 5 30.81 36.47 -0.85
CA ALA H 5 30.44 37.83 -1.17
C ALA H 5 31.42 38.83 -0.55
N GLU H 6 31.94 38.52 0.64
CA GLU H 6 32.92 39.41 1.26
C GLU H 6 34.23 39.43 0.48
N GLU H 7 34.71 38.25 0.08
CA GLU H 7 35.90 38.23 -0.77
C GLU H 7 35.64 38.88 -2.12
N PHE H 8 34.41 38.75 -2.63
CA PHE H 8 34.05 39.46 -3.85
C PHE H 8 34.20 40.97 -3.67
N LYS H 9 33.64 41.49 -2.58
CA LYS H 9 33.79 42.92 -2.28
C LYS H 9 35.25 43.33 -2.29
N LYS H 10 36.09 42.62 -1.53
CA LYS H 10 37.52 42.91 -1.53
C LYS H 10 38.08 42.91 -2.95
N TYR H 11 37.84 41.82 -3.68
CA TYR H 11 38.30 41.76 -5.07
C TYR H 11 37.81 42.96 -5.87
N LEU H 12 36.56 43.37 -5.63
CA LEU H 12 36.05 44.57 -6.28
C LEU H 12 36.79 45.81 -5.79
N GLU H 13 36.91 45.97 -4.48
CA GLU H 13 37.62 47.11 -3.91
C GLU H 13 39.03 47.22 -4.48
N THR H 14 39.71 46.07 -4.63
CA THR H 14 41.10 46.09 -5.05
C THR H 14 41.27 46.67 -6.45
N ASN H 15 40.36 46.35 -7.36
CA ASN H 15 40.47 46.77 -8.75
C ASN H 15 40.03 48.21 -8.98
N GLY H 16 39.83 48.99 -7.91
CA GLY H 16 39.63 50.42 -8.05
C GLY H 16 38.19 50.86 -8.26
N ILE H 17 37.23 49.95 -8.24
CA ILE H 17 35.82 50.30 -8.38
C ILE H 17 35.25 50.60 -7.01
N LYS H 18 34.61 51.76 -6.87
CA LYS H 18 34.21 52.26 -5.57
C LYS H 18 32.80 51.80 -5.21
N PRO H 19 32.51 51.67 -3.91
CA PRO H 19 31.12 51.48 -3.50
C PRO H 19 30.31 52.77 -3.68
N LYS H 20 29.05 52.60 -4.03
CA LYS H 20 28.14 53.71 -4.29
C LYS H 20 26.96 53.60 -3.35
N GLN H 21 26.65 54.71 -2.68
CA GLN H 21 25.53 54.77 -1.75
C GLN H 21 24.25 55.14 -2.47
N PHE H 22 23.16 54.48 -2.09
CA PHE H 22 21.85 54.72 -2.66
C PHE H 22 20.83 54.82 -1.54
N HIS H 23 19.79 55.64 -1.76
CA HIS H 23 18.74 55.86 -0.78
C HIS H 23 17.42 55.34 -1.32
N LYS H 24 16.39 55.39 -0.48
CA LYS H 24 15.10 54.84 -0.86
C LYS H 24 14.53 55.58 -2.07
N LYS H 25 13.94 54.82 -2.98
CA LYS H 25 13.08 55.28 -4.07
C LYS H 25 13.87 55.68 -5.33
N GLU H 26 15.20 55.69 -5.30
CA GLU H 26 15.99 56.06 -6.47
C GLU H 26 16.46 54.82 -7.21
N LEU H 27 16.75 55.01 -8.49
CA LEU H 27 17.01 53.92 -9.43
C LEU H 27 18.51 53.69 -9.58
N ILE H 28 18.95 52.46 -9.30
CA ILE H 28 20.35 52.10 -9.52
C ILE H 28 20.65 52.06 -11.02
N PHE H 29 19.73 51.52 -11.81
CA PHE H 29 19.75 51.72 -13.25
C PHE H 29 18.31 51.80 -13.73
N ASN H 30 18.11 52.42 -14.89
CA ASN H 30 16.78 52.57 -15.48
C ASN H 30 16.76 51.94 -16.86
N GLN H 31 15.55 51.74 -17.37
CA GLN H 31 15.35 50.87 -18.52
C GLN H 31 15.95 51.46 -19.80
N TRP H 32 16.09 52.77 -19.89
CA TRP H 32 16.56 53.39 -21.13
C TRP H 32 18.07 53.52 -21.19
N ASP H 33 18.78 53.29 -20.09
CA ASP H 33 20.23 53.36 -20.08
C ASP H 33 20.80 52.33 -21.04
N PRO H 34 21.54 52.72 -22.10
CA PRO H 34 22.14 51.73 -22.99
C PRO H 34 23.36 51.04 -22.42
N GLN H 35 23.88 51.50 -21.29
CA GLN H 35 24.99 50.85 -20.62
C GLN H 35 24.46 49.68 -19.80
N GLU H 36 25.00 48.49 -20.04
CA GLU H 36 24.60 47.29 -19.31
C GLU H 36 25.51 47.12 -18.10
N TYR H 37 24.92 46.69 -16.99
CA TYR H 37 25.61 46.68 -15.71
C TYR H 37 25.61 45.29 -15.08
N CYS H 38 26.60 45.09 -14.22
CA CYS H 38 26.54 44.08 -13.17
C CYS H 38 26.40 44.83 -11.86
N ILE H 39 25.29 44.61 -11.18
CA ILE H 39 24.99 45.29 -9.91
C ILE H 39 25.29 44.31 -8.78
N PHE H 40 26.41 44.52 -8.10
CA PHE H 40 26.71 43.75 -6.90
C PHE H 40 26.08 44.48 -5.72
N LEU H 41 24.83 44.18 -5.45
CA LEU H 41 24.11 44.75 -4.32
C LEU H 41 24.74 44.22 -3.04
N TYR H 42 25.55 45.05 -2.39
CA TYR H 42 26.25 44.62 -1.18
C TYR H 42 25.41 44.82 0.09
N ASP H 43 24.67 45.93 0.18
CA ASP H 43 23.90 46.24 1.37
C ASP H 43 22.62 46.94 0.98
N GLY H 44 21.51 46.51 1.58
CA GLY H 44 20.22 47.13 1.36
C GLY H 44 19.25 46.18 0.68
N ILE H 45 18.08 46.73 0.36
CA ILE H 45 17.00 46.00 -0.29
C ILE H 45 16.60 46.77 -1.54
N THR H 46 16.51 46.07 -2.67
CA THR H 46 16.11 46.65 -3.94
C THR H 46 14.95 45.86 -4.53
N LYS H 47 14.45 46.32 -5.66
CA LYS H 47 13.41 45.59 -6.38
C LYS H 47 13.52 45.89 -7.87
N LEU H 48 13.57 44.84 -8.68
CA LEU H 48 13.54 44.98 -10.12
C LEU H 48 12.10 45.23 -10.57
N THR H 49 11.93 46.19 -11.48
CA THR H 49 10.60 46.58 -11.93
C THR H 49 10.60 46.74 -13.45
N SER H 50 9.41 46.57 -14.02
CA SER H 50 9.17 46.83 -15.43
C SER H 50 7.98 47.76 -15.55
N ILE H 51 8.01 48.59 -16.59
CA ILE H 51 6.95 49.57 -16.87
C ILE H 51 6.16 49.06 -18.06
N SER H 52 4.91 48.67 -17.82
CA SER H 52 4.02 48.23 -18.89
C SER H 52 3.47 49.43 -19.66
N GLU H 53 2.74 49.14 -20.73
CA GLU H 53 2.15 50.20 -21.55
C GLU H 53 1.20 51.06 -20.72
N ASN H 54 0.54 50.47 -19.72
CA ASN H 54 -0.37 51.20 -18.86
C ASN H 54 0.33 52.24 -18.01
N GLY H 55 1.66 52.22 -17.95
CA GLY H 55 2.39 53.04 -17.01
C GLY H 55 2.49 52.44 -15.62
N THR H 56 2.04 51.20 -15.44
CA THR H 56 2.08 50.56 -14.14
C THR H 56 3.48 50.03 -13.85
N ILE H 57 3.94 50.25 -12.62
CA ILE H 57 5.21 49.71 -12.14
C ILE H 57 4.94 48.30 -11.63
N MET H 58 5.49 47.30 -12.32
CA MET H 58 5.32 45.90 -11.95
C MET H 58 6.55 45.45 -11.18
N ASN H 59 6.33 44.95 -9.95
CA ASN H 59 7.41 44.44 -9.12
C ASN H 59 7.68 42.99 -9.50
N LEU H 60 8.86 42.72 -10.06
CA LEU H 60 9.21 41.40 -10.55
C LEU H 60 10.08 40.60 -9.60
N GLN H 61 10.89 41.27 -8.77
CA GLN H 61 11.85 40.56 -7.93
C GLN H 61 12.51 41.49 -6.93
N TYR H 62 12.46 41.14 -5.66
CA TYR H 62 13.19 41.85 -4.63
C TYR H 62 14.56 41.19 -4.41
N TYR H 63 15.55 42.02 -4.06
CA TYR H 63 16.90 41.53 -3.80
C TYR H 63 17.41 42.14 -2.50
N LYS H 64 17.84 41.28 -1.59
CA LYS H 64 18.56 41.71 -0.38
C LYS H 64 20.04 41.41 -0.55
N GLY H 65 20.87 42.40 -0.27
CA GLY H 65 22.31 42.22 -0.38
C GLY H 65 22.82 41.17 0.61
N ALA H 66 23.84 40.38 0.26
CA ALA H 66 24.58 40.52 -0.99
C ALA H 66 23.92 39.73 -2.13
N PHE H 67 24.00 40.26 -3.34
CA PHE H 67 23.51 39.55 -4.52
C PHE H 67 23.95 40.30 -5.76
N VAL H 68 23.68 39.70 -6.93
CA VAL H 68 24.10 40.22 -8.22
C VAL H 68 22.89 40.33 -9.13
N ILE H 69 22.78 41.44 -9.85
CA ILE H 69 21.70 41.69 -10.80
C ILE H 69 22.33 42.17 -12.10
N MET H 70 21.90 41.60 -13.22
CA MET H 70 22.50 41.87 -14.52
C MET H 70 21.47 42.44 -15.48
N SER H 71 21.89 43.47 -16.23
CA SER H 71 21.06 44.03 -17.28
C SER H 71 21.61 43.73 -18.68
N GLY H 72 22.71 43.01 -18.79
CA GLY H 72 23.24 42.63 -20.09
C GLY H 72 23.88 41.26 -20.06
N PHE H 73 23.90 40.60 -21.21
CA PHE H 73 24.57 39.32 -21.33
C PHE H 73 26.08 39.52 -21.35
N ILE H 74 26.80 38.69 -20.60
CA ILE H 74 28.24 38.89 -20.45
C ILE H 74 28.97 38.60 -21.76
N ASP H 75 28.48 37.65 -22.55
CA ASP H 75 29.18 37.27 -23.78
C ASP H 75 28.98 38.32 -24.86
N THR H 76 27.74 38.51 -25.31
CA THR H 76 27.45 39.38 -26.44
C THR H 76 27.30 40.86 -26.04
N GLU H 77 27.27 41.16 -24.75
CA GLU H 77 27.07 42.54 -24.28
C GLU H 77 25.84 43.16 -24.92
N THR H 78 24.75 42.41 -24.93
CA THR H 78 23.44 42.91 -25.34
C THR H 78 22.49 42.89 -24.14
N SER H 79 21.40 43.64 -24.26
CA SER H 79 20.49 43.81 -23.14
C SER H 79 19.68 42.54 -22.89
N VAL H 80 19.40 42.28 -21.61
CA VAL H 80 18.52 41.17 -21.23
C VAL H 80 17.06 41.59 -21.18
N GLY H 81 16.76 42.89 -21.22
CA GLY H 81 15.41 43.36 -21.10
C GLY H 81 15.38 44.80 -20.62
N TYR H 82 14.18 45.37 -20.64
CA TYR H 82 13.97 46.77 -20.25
C TYR H 82 13.46 46.78 -18.80
N TYR H 83 14.36 47.04 -17.86
CA TYR H 83 14.04 47.00 -16.44
C TYR H 83 14.63 48.21 -15.73
N ASN H 84 13.99 48.58 -14.61
CA ASN H 84 14.54 49.50 -13.64
C ASN H 84 14.83 48.76 -12.35
N LEU H 85 15.85 49.20 -11.61
CA LEU H 85 16.18 48.65 -10.31
C LEU H 85 16.06 49.75 -9.27
N GLU H 86 15.08 49.63 -8.39
CA GLU H 86 14.72 50.68 -7.44
C GLU H 86 15.05 50.23 -6.02
N VAL H 87 15.50 51.19 -5.19
CA VAL H 87 15.88 50.91 -3.81
C VAL H 87 14.65 51.03 -2.92
N ILE H 88 14.59 50.18 -1.89
CA ILE H 88 13.48 50.16 -0.95
C ILE H 88 13.90 50.54 0.45
N SER H 89 15.03 50.03 0.92
CA SER H 89 15.54 50.40 2.23
C SER H 89 15.89 51.88 2.25
N GLU H 90 15.78 52.48 3.44
CA GLU H 90 16.19 53.88 3.60
C GLU H 90 17.60 54.10 3.06
N GLN H 91 18.45 53.08 3.13
CA GLN H 91 19.81 53.16 2.64
C GLN H 91 20.16 51.87 1.92
N ALA H 92 21.13 51.96 1.02
CA ALA H 92 21.62 50.79 0.29
C ALA H 92 22.98 51.11 -0.31
N THR H 93 23.87 50.12 -0.27
CA THR H 93 25.18 50.21 -0.89
C THR H 93 25.27 49.22 -2.03
N ALA H 94 25.89 49.65 -3.14
CA ALA H 94 26.00 48.80 -4.31
C ALA H 94 27.27 49.15 -5.07
N TYR H 95 27.86 48.14 -5.70
CA TYR H 95 28.98 48.32 -6.60
C TYR H 95 28.45 48.22 -8.02
N VAL H 96 28.67 49.26 -8.81
CA VAL H 96 28.15 49.34 -10.17
C VAL H 96 29.34 49.30 -11.12
N ILE H 97 29.45 48.20 -11.87
CA ILE H 97 30.47 48.08 -12.89
C ILE H 97 29.81 47.72 -14.21
N LYS H 98 30.39 48.20 -15.30
CA LYS H 98 29.87 47.93 -16.61
C LYS H 98 30.07 46.46 -16.95
N ILE H 99 29.18 45.93 -17.80
CA ILE H 99 29.23 44.52 -18.15
C ILE H 99 30.61 44.15 -18.66
N ASN H 100 31.29 45.07 -19.34
CA ASN H 100 32.62 44.78 -19.86
C ASN H 100 33.63 44.63 -18.73
N GLU H 101 33.58 45.52 -17.73
CA GLU H 101 34.51 45.42 -16.61
C GLU H 101 34.34 44.09 -15.89
N LEU H 102 33.10 43.61 -15.76
CA LEU H 102 32.88 42.33 -15.12
C LEU H 102 33.55 41.20 -15.90
N LYS H 103 33.51 41.26 -17.22
CA LYS H 103 34.15 40.23 -18.03
C LYS H 103 35.65 40.21 -17.75
N GLU H 104 36.28 41.38 -17.62
CA GLU H 104 37.70 41.44 -17.30
C GLU H 104 37.96 40.92 -15.90
N LEU H 105 37.12 41.29 -14.93
CA LEU H 105 37.37 40.90 -13.55
C LEU H 105 37.07 39.43 -13.29
N LEU H 106 36.13 38.85 -14.05
CA LEU H 106 35.84 37.43 -13.87
C LEU H 106 36.85 36.53 -14.58
N SER H 107 37.39 36.99 -15.71
CA SER H 107 38.46 36.25 -16.38
C SER H 107 39.73 36.26 -15.56
N LYS H 108 39.94 37.32 -14.78
CA LYS H 108 41.17 37.45 -14.01
C LYS H 108 41.21 36.50 -12.82
N ASN H 109 40.06 36.15 -12.26
CA ASN H 109 39.98 35.25 -11.10
C ASN H 109 38.82 34.29 -11.33
N LEU H 110 39.14 33.08 -11.79
CA LEU H 110 38.13 32.13 -12.24
C LEU H 110 37.29 31.55 -11.11
N THR H 111 37.63 31.81 -9.84
CA THR H 111 36.81 31.30 -8.75
C THR H 111 35.57 32.16 -8.56
N HIS H 112 35.74 33.48 -8.50
CA HIS H 112 34.58 34.37 -8.43
C HIS H 112 33.69 34.20 -9.65
N PHE H 113 34.26 33.81 -10.78
CA PHE H 113 33.47 33.47 -11.95
C PHE H 113 32.42 32.42 -11.58
N PHE H 114 32.84 31.35 -10.90
CA PHE H 114 31.90 30.32 -10.48
C PHE H 114 30.96 30.81 -9.38
N TYR H 115 31.35 31.83 -8.61
CA TYR H 115 30.43 32.40 -7.64
C TYR H 115 29.24 33.03 -8.34
N VAL H 116 29.48 34.02 -9.20
CA VAL H 116 28.40 34.66 -9.95
C VAL H 116 27.59 33.61 -10.70
N PHE H 117 28.27 32.62 -11.26
CA PHE H 117 27.58 31.60 -12.05
C PHE H 117 26.55 30.86 -11.21
N GLN H 118 26.92 30.46 -9.99
CA GLN H 118 26.02 29.65 -9.18
C GLN H 118 24.85 30.47 -8.65
N THR H 119 25.07 31.74 -8.33
CA THR H 119 23.97 32.58 -7.87
C THR H 119 22.88 32.69 -8.93
N LEU H 120 23.27 32.75 -10.20
CA LEU H 120 22.28 32.75 -11.27
C LEU H 120 21.53 31.43 -11.31
N GLN H 121 22.22 30.31 -11.08
CA GLN H 121 21.53 29.03 -10.93
C GLN H 121 20.54 29.08 -9.77
N LYS H 122 20.94 29.67 -8.65
CA LYS H 122 20.01 29.88 -7.55
C LYS H 122 18.77 30.60 -8.01
N GLN H 123 18.97 31.70 -8.75
CA GLN H 123 17.86 32.56 -9.13
C GLN H 123 16.89 31.85 -10.07
N VAL H 124 17.40 31.00 -10.96
CA VAL H 124 16.51 30.29 -11.89
C VAL H 124 15.58 29.36 -11.12
N SER H 125 16.14 28.60 -10.16
CA SER H 125 15.31 27.68 -9.39
C SER H 125 14.41 28.43 -8.43
N TYR H 126 14.90 29.51 -7.84
CA TYR H 126 14.07 30.33 -6.95
C TYR H 126 12.85 30.86 -7.69
N SER H 127 13.06 31.47 -8.84
CA SER H 127 11.96 32.09 -9.56
C SER H 127 10.92 31.06 -10.00
N LEU H 128 11.36 29.82 -10.27
CA LEU H 128 10.42 28.79 -10.67
C LEU H 128 9.56 28.33 -9.49
N ALA H 129 10.17 28.16 -8.32
CA ALA H 129 9.39 27.87 -7.11
C ALA H 129 8.45 29.01 -6.79
N LYS H 130 8.90 30.25 -7.02
CA LYS H 130 8.09 31.43 -6.70
C LYS H 130 6.90 31.54 -7.64
N PHE H 131 7.11 31.32 -8.94
CA PHE H 131 6.00 31.40 -9.89
C PHE H 131 4.95 30.34 -9.59
N ASN H 132 5.38 29.15 -9.17
CA ASN H 132 4.44 28.06 -8.91
C ASN H 132 3.55 28.38 -7.71
N ASP H 133 4.16 28.68 -6.56
CA ASP H 133 3.38 28.96 -5.36
C ASP H 133 2.48 30.17 -5.56
N PHE H 134 2.95 31.18 -6.30
CA PHE H 134 2.17 32.40 -6.47
C PHE H 134 0.98 32.21 -7.40
N SER H 135 0.99 31.21 -8.27
CA SER H 135 -0.01 31.06 -9.32
C SER H 135 -0.96 29.88 -9.10
N ILE H 136 -0.44 28.73 -8.71
CA ILE H 136 -1.25 27.52 -8.66
C ILE H 136 -2.45 27.68 -7.74
N ASN H 137 -2.29 28.44 -6.65
CA ASN H 137 -3.34 28.57 -5.64
C ASN H 137 -3.81 30.01 -5.49
N GLY H 138 -4.02 30.70 -6.61
CA GLY H 138 -4.54 32.04 -6.61
C GLY H 138 -3.81 32.94 -5.64
N LYS H 139 -4.56 33.87 -5.06
CA LYS H 139 -3.98 34.87 -4.19
C LYS H 139 -3.59 34.33 -2.82
N LEU H 140 -4.20 33.23 -2.37
CA LEU H 140 -3.79 32.64 -1.10
C LEU H 140 -2.33 32.20 -1.16
N GLY H 141 -1.94 31.53 -2.25
CA GLY H 141 -0.56 31.09 -2.37
C GLY H 141 0.40 32.25 -2.51
N SER H 142 0.00 33.29 -3.25
CA SER H 142 0.84 34.48 -3.39
C SER H 142 1.14 35.09 -2.03
N ILE H 143 0.09 35.32 -1.22
CA ILE H 143 0.29 35.96 0.08
C ILE H 143 1.14 35.08 0.97
N CYS H 144 0.80 33.79 1.04
CA CYS H 144 1.57 32.87 1.87
C CYS H 144 3.00 32.74 1.38
N GLY H 145 3.18 32.62 0.07
CA GLY H 145 4.54 32.52 -0.46
C GLY H 145 5.38 33.75 -0.14
N GLN H 146 4.80 34.93 -0.32
CA GLN H 146 5.53 36.17 -0.03
C GLN H 146 5.88 36.26 1.45
N LEU H 147 4.95 35.88 2.33
CA LEU H 147 5.24 35.87 3.75
C LEU H 147 6.29 34.82 4.09
N LEU H 148 6.24 33.67 3.43
CA LEU H 148 7.25 32.65 3.66
C LEU H 148 8.64 33.17 3.27
N ILE H 149 8.72 33.90 2.16
CA ILE H 149 9.99 34.49 1.75
C ILE H 149 10.47 35.48 2.82
N LEU H 150 9.59 36.40 3.22
CA LEU H 150 9.95 37.34 4.27
C LEU H 150 10.37 36.61 5.55
N THR H 151 9.70 35.51 5.86
CA THR H 151 10.02 34.77 7.08
C THR H 151 11.44 34.26 7.05
N TYR H 152 11.86 33.63 5.96
CA TYR H 152 13.20 33.05 5.90
C TYR H 152 14.27 34.13 5.74
N VAL H 153 13.98 35.18 4.98
CA VAL H 153 14.99 36.19 4.68
C VAL H 153 15.22 37.11 5.89
N TYR H 154 14.14 37.59 6.51
CA TYR H 154 14.24 38.58 7.57
C TYR H 154 13.72 38.06 8.92
N GLY H 155 13.61 36.74 9.09
CA GLY H 155 12.95 36.18 10.25
C GLY H 155 13.92 35.83 11.36
N LYS H 156 13.45 36.02 12.60
CA LYS H 156 14.26 35.82 13.80
C LYS H 156 13.40 35.16 14.86
N GLU H 157 13.80 33.97 15.31
CA GLU H 157 13.03 33.26 16.33
C GLU H 157 12.90 34.11 17.58
N THR H 158 11.73 34.03 18.21
CA THR H 158 11.39 34.91 19.33
C THR H 158 10.29 34.27 20.15
N PRO H 159 10.22 34.51 21.46
CA PRO H 159 9.12 33.95 22.25
C PRO H 159 7.73 34.32 21.76
N ASP H 160 7.59 35.42 21.02
CA ASP H 160 6.31 35.82 20.44
C ASP H 160 6.12 35.32 19.02
N GLY H 161 7.01 34.45 18.54
CA GLY H 161 6.93 33.92 17.19
C GLY H 161 8.16 34.25 16.37
N ILE H 162 8.02 34.23 15.04
CA ILE H 162 9.11 34.59 14.14
C ILE H 162 8.94 36.07 13.81
N LYS H 163 9.76 36.91 14.44
CA LYS H 163 9.70 38.34 14.20
C LYS H 163 10.29 38.67 12.84
N ILE H 164 9.53 39.40 12.03
CA ILE H 164 10.01 39.87 10.73
C ILE H 164 10.84 41.13 10.99
N THR H 165 12.16 41.00 10.95
CA THR H 165 13.06 42.11 11.27
C THR H 165 13.12 43.13 10.12
N LEU H 166 11.97 43.74 9.86
CA LEU H 166 11.87 44.84 8.91
C LEU H 166 11.20 46.02 9.61
N ASP H 167 11.71 47.22 9.36
CA ASP H 167 11.09 48.41 9.91
C ASP H 167 9.67 48.55 9.34
N ASN H 168 8.78 49.13 10.15
CA ASN H 168 7.36 49.16 9.80
C ASN H 168 7.11 49.77 8.43
N LEU H 169 7.94 50.75 8.03
CA LEU H 169 7.75 51.38 6.73
C LEU H 169 7.79 50.36 5.60
N THR H 170 8.90 49.61 5.52
CA THR H 170 9.02 48.59 4.49
C THR H 170 7.87 47.60 4.54
N MET H 171 7.44 47.22 5.73
CA MET H 171 6.35 46.25 5.87
C MET H 171 5.06 46.79 5.28
N GLN H 172 4.80 48.09 5.45
CA GLN H 172 3.56 48.66 4.91
C GLN H 172 3.61 48.79 3.40
N GLU H 173 4.78 49.09 2.83
CA GLU H 173 4.91 49.11 1.39
C GLU H 173 4.59 47.74 0.80
N LEU H 174 5.10 46.68 1.41
CA LEU H 174 4.79 45.33 0.97
C LEU H 174 3.34 44.94 1.22
N GLY H 175 2.58 45.76 1.93
CA GLY H 175 1.16 45.54 2.09
C GLY H 175 0.77 45.05 3.48
N TYR H 176 1.49 45.51 4.50
CA TYR H 176 1.20 45.13 5.88
C TYR H 176 1.28 46.33 6.81
N SER H 184 -7.90 44.55 -2.13
CA SER H 184 -9.29 44.24 -1.77
C SER H 184 -9.43 42.78 -1.34
N ALA H 185 -9.37 41.88 -2.32
CA ALA H 185 -9.37 40.45 -2.00
C ALA H 185 -8.10 40.06 -1.24
N VAL H 186 -7.02 40.82 -1.43
CA VAL H 186 -5.82 40.62 -0.63
C VAL H 186 -6.10 40.95 0.83
N SER H 187 -6.78 42.07 1.07
CA SER H 187 -7.05 42.48 2.44
C SER H 187 -7.80 41.40 3.20
N ARG H 188 -8.80 40.78 2.58
CA ARG H 188 -9.56 39.74 3.25
C ARG H 188 -8.67 38.56 3.64
N ILE H 189 -7.67 38.24 2.82
CA ILE H 189 -6.75 37.16 3.14
C ILE H 189 -5.87 37.53 4.33
N ILE H 190 -5.35 38.77 4.33
CA ILE H 190 -4.55 39.23 5.45
C ILE H 190 -5.35 39.15 6.75
N SER H 191 -6.55 39.72 6.75
CA SER H 191 -7.41 39.66 7.93
C SER H 191 -7.65 38.22 8.35
N LYS H 192 -7.83 37.31 7.39
CA LYS H 192 -8.00 35.90 7.72
C LYS H 192 -6.79 35.36 8.47
N LEU H 193 -5.58 35.64 7.96
CA LEU H 193 -4.37 35.11 8.59
C LEU H 193 -4.24 35.62 10.02
N LYS H 194 -4.58 36.89 10.26
CA LYS H 194 -4.58 37.41 11.62
C LYS H 194 -5.60 36.67 12.48
N GLN H 195 -6.80 36.44 11.95
CA GLN H 195 -7.81 35.68 12.68
C GLN H 195 -7.31 34.28 12.99
N GLU H 196 -6.83 33.57 11.97
CA GLU H 196 -6.26 32.24 12.17
C GLU H 196 -4.96 32.24 12.96
N LYS H 197 -4.50 33.40 13.42
CA LYS H 197 -3.27 33.50 14.21
C LYS H 197 -2.06 32.95 13.46
N VAL H 198 -2.09 33.04 12.13
CA VAL H 198 -0.90 32.71 11.34
C VAL H 198 0.13 33.82 11.48
N ILE H 199 -0.32 35.07 11.43
CA ILE H 199 0.51 36.24 11.67
C ILE H 199 -0.17 37.09 12.73
N VAL H 200 0.62 37.89 13.42
CA VAL H 200 0.10 38.74 14.50
C VAL H 200 0.90 40.03 14.51
N TYR H 201 0.19 41.14 14.70
CA TYR H 201 0.80 42.46 14.83
C TYR H 201 0.88 42.80 16.31
N LYS H 202 2.09 42.80 16.86
CA LYS H 202 2.29 42.89 18.30
C LYS H 202 3.50 43.75 18.61
N ASN H 203 3.38 44.62 19.61
CA ASN H 203 4.49 45.45 20.07
C ASN H 203 5.11 46.23 18.92
N SER H 204 4.26 46.67 18.00
CA SER H 204 4.70 47.40 16.81
C SER H 204 5.59 46.54 15.91
N CYS H 205 5.53 45.22 16.04
CA CYS H 205 6.29 44.30 15.22
C CYS H 205 5.36 43.23 14.65
N PHE H 206 5.83 42.56 13.61
CA PHE H 206 5.09 41.50 12.95
C PHE H 206 5.72 40.14 13.29
N TYR H 207 4.89 39.17 13.66
CA TYR H 207 5.35 37.85 14.04
C TYR H 207 4.56 36.80 13.27
N VAL H 208 5.27 35.85 12.66
CA VAL H 208 4.65 34.68 12.06
C VAL H 208 4.55 33.60 13.13
N GLN H 209 3.32 33.22 13.48
CA GLN H 209 3.08 32.26 14.56
C GLN H 209 2.68 30.89 14.05
N ASN H 210 2.50 30.70 12.74
CA ASN H 210 2.17 29.39 12.17
C ASN H 210 2.92 29.26 10.85
N LEU H 211 4.16 28.79 10.93
CA LEU H 211 4.96 28.58 9.73
C LEU H 211 4.47 27.39 8.93
N ASP H 212 3.90 26.37 9.60
CA ASP H 212 3.34 25.23 8.89
C ASP H 212 2.27 25.68 7.90
N TYR H 213 1.42 26.62 8.31
CA TYR H 213 0.37 27.13 7.42
C TYR H 213 0.98 27.77 6.19
N LEU H 214 2.02 28.59 6.36
CA LEU H 214 2.67 29.21 5.22
C LEU H 214 3.31 28.15 4.33
N LYS H 215 4.04 27.21 4.93
CA LYS H 215 4.58 26.10 4.17
C LYS H 215 3.52 25.36 3.37
N ARG H 216 2.30 25.29 3.92
CA ARG H 216 1.27 24.44 3.33
C ARG H 216 0.82 24.98 1.98
N TYR H 217 0.58 26.28 1.89
CA TYR H 217 0.09 26.90 0.66
C TYR H 217 1.20 27.53 -0.17
N ALA H 218 2.46 27.40 0.26
CA ALA H 218 3.62 27.77 -0.55
C ALA H 218 4.67 26.68 -0.42
N PRO H 219 4.36 25.46 -0.88
CA PRO H 219 5.29 24.35 -0.66
C PRO H 219 6.53 24.38 -1.55
N LYS H 220 6.41 24.88 -2.78
CA LYS H 220 7.57 24.88 -3.67
C LYS H 220 8.68 25.77 -3.13
N LEU H 221 8.32 26.98 -2.67
CA LEU H 221 9.33 27.85 -2.07
C LEU H 221 9.92 27.23 -0.81
N ASP H 222 9.08 26.64 0.03
CA ASP H 222 9.58 25.96 1.22
C ASP H 222 10.62 24.91 0.84
N GLU H 223 10.35 24.15 -0.23
CA GLU H 223 11.31 23.17 -0.72
C GLU H 223 12.62 23.84 -1.15
N TRP H 224 12.52 25.02 -1.77
CA TRP H 224 13.72 25.72 -2.25
C TRP H 224 14.58 26.19 -1.08
N PHE H 225 13.97 26.84 -0.09
CA PHE H 225 14.74 27.32 1.05
C PHE H 225 15.41 26.18 1.81
N TYR H 226 14.81 24.98 1.77
CA TYR H 226 15.48 23.81 2.33
C TYR H 226 16.60 23.33 1.43
N LEU H 227 16.40 23.39 0.11
CA LEU H 227 17.30 22.80 -0.85
C LEU H 227 18.38 23.76 -1.37
N ALA H 228 18.31 25.04 -1.00
CA ALA H 228 19.24 26.02 -1.54
C ALA H 228 19.82 26.92 -0.45
N CYS H 229 19.07 27.12 0.63
CA CYS H 229 19.52 27.93 1.76
C CYS H 229 19.21 27.24 3.09
N PRO H 230 19.57 25.96 3.22
CA PRO H 230 19.29 25.25 4.48
C PRO H 230 19.96 25.85 5.70
N ALA H 231 20.87 26.82 5.52
CA ALA H 231 21.47 27.48 6.66
C ALA H 231 20.41 28.06 7.58
N THR H 232 19.46 28.82 7.02
CA THR H 232 18.41 29.45 7.80
C THR H 232 17.17 28.58 7.93
N TRP H 233 16.96 27.63 7.01
CA TRP H 233 15.78 26.78 7.08
C TRP H 233 15.68 26.10 8.44
N GLY H 234 16.81 25.62 8.97
CA GLY H 234 16.80 24.99 10.28
C GLY H 234 16.67 26.00 11.42
N LYS H 235 17.12 27.24 11.20
CA LYS H 235 17.00 28.26 12.22
C LYS H 235 15.56 28.38 12.71
N LEU H 236 14.59 28.28 11.80
CA LEU H 236 13.18 28.46 12.12
C LEU H 236 12.43 27.15 12.27
N ASN H 237 13.07 26.01 11.97
CA ASN H 237 12.47 24.70 12.18
C ASN H 237 13.28 23.92 13.21
N1 GSH I . -20.11 9.38 11.34
CA1 GSH I . -21.45 9.96 11.35
C1 GSH I . -22.41 9.02 10.63
O11 GSH I . -23.64 9.24 10.70
O12 GSH I . -21.93 8.06 9.97
CB1 GSH I . -21.40 11.31 10.63
CG1 GSH I . -20.99 11.24 9.17
CD1 GSH I . -21.06 12.63 8.53
OE1 GSH I . -20.17 13.45 8.78
N2 GSH I . -22.11 12.87 7.73
CA2 GSH I . -22.27 14.17 7.10
C2 GSH I . -22.68 15.18 8.16
O2 GSH I . -23.49 14.86 9.03
CB2 GSH I . -23.35 14.12 6.03
SG2 GSH I . -22.84 13.26 4.53
N3 GSH I . -22.13 16.39 8.08
CA3 GSH I . -22.47 17.41 9.06
C3 GSH I . -21.97 18.80 8.70
O31 GSH I . -21.93 19.12 7.47
O32 GSH I . -21.63 19.56 9.64
HN11 GSH I . -19.89 9.13 12.17
HN12 GSH I . -20.10 8.66 10.81
HA1 GSH I . -21.74 10.08 12.26
HB12 GSH I . -22.29 11.71 10.68
HB13 GSH I . -20.79 11.89 11.10
HG12 GSH I . -21.58 10.64 8.68
HG13 GSH I . -20.07 10.90 9.11
HN2 GSH I . -22.69 12.26 7.60
HA2 GSH I . -21.43 14.44 6.69
HB22 GSH I . -23.59 15.04 5.80
HB23 GSH I . -24.14 13.69 6.40
HSG GSH I . -21.68 12.96 4.62
HN3 GSH I . -21.57 16.57 7.46
HA31 GSH I . -23.44 17.44 9.14
HA32 GSH I . -22.10 17.16 9.92
NA NA J . -7.17 13.99 -3.95
P PI K . -17.59 42.09 6.22
O1 PI K . -17.42 42.57 4.79
O2 PI K . -18.85 42.69 6.79
O3 PI K . -16.40 42.52 7.03
O4 PI K . -17.69 40.59 6.23
N1 GSH L . -27.50 9.88 -18.75
CA1 GSH L . -26.59 11.00 -18.55
C1 GSH L . -25.27 10.50 -17.95
O11 GSH L . -24.30 11.30 -17.93
O12 GSH L . -25.23 9.35 -17.47
CB1 GSH L . -27.21 12.02 -17.60
CG1 GSH L . -27.57 11.46 -16.23
CD1 GSH L . -28.07 12.58 -15.33
OE1 GSH L . -29.25 12.92 -15.36
N2 GSH L . -27.15 13.14 -14.52
CA2 GSH L . -27.54 14.23 -13.66
C2 GSH L . -27.75 15.44 -14.56
O2 GSH L . -27.00 15.62 -15.52
CB2 GSH L . -26.48 14.54 -12.61
SG2 GSH L . -26.46 13.33 -11.26
N3 GSH L . -28.76 16.27 -14.28
CA3 GSH L . -28.96 17.42 -15.14
C3 GSH L . -30.08 18.33 -14.66
O31 GSH L . -30.86 18.77 -15.54
O32 GSH L . -30.16 18.58 -13.43
HN11 GSH L . -27.49 9.37 -18.02
HN12 GSH L . -28.33 10.19 -18.87
HA1 GSH L . -26.42 11.42 -19.41
HB12 GSH L . -28.03 12.36 -18.01
HB13 GSH L . -26.60 12.75 -17.49
HG12 GSH L . -28.26 10.79 -16.32
HG13 GSH L . -26.78 11.05 -15.83
HN2 GSH L . -26.33 12.87 -14.54
HA2 GSH L . -28.38 14.01 -13.22
HB22 GSH L . -26.65 15.42 -12.24
HB23 GSH L . -25.61 14.55 -13.04
HSG GSH L . -26.83 13.86 -10.25
HN3 GSH L . -29.27 16.13 -13.61
HA31 GSH L . -28.14 17.93 -15.18
HA32 GSH L . -29.17 17.10 -16.03
P PI M . -45.43 34.65 -9.24
O1 PI M . -44.68 35.80 -9.89
O2 PI M . -46.82 34.57 -9.83
O3 PI M . -44.70 33.35 -9.49
O4 PI M . -45.53 34.88 -7.76
P PI N . -27.68 38.13 -3.52
O1 PI N . -27.06 38.85 -4.70
O2 PI N . -26.58 37.58 -2.65
O3 PI N . -28.55 37.00 -4.04
O4 PI N . -28.52 39.09 -2.72
N1 GSH O . 20.80 -19.08 -14.49
CA1 GSH O . 20.14 -19.94 -13.52
C1 GSH O . 19.15 -19.12 -12.71
O11 GSH O . 19.14 -17.86 -12.84
O12 GSH O . 18.37 -19.71 -11.91
CB1 GSH O . 21.19 -20.54 -12.58
CG1 GSH O . 22.09 -19.49 -11.92
CD1 GSH O . 22.99 -20.10 -10.86
OE1 GSH O . 24.09 -20.54 -11.15
N2 GSH O . 22.49 -20.10 -9.61
CA2 GSH O . 23.26 -20.66 -8.52
C2 GSH O . 23.25 -22.18 -8.68
O2 GSH O . 22.20 -22.77 -8.89
CB2 GSH O . 22.66 -20.31 -7.16
SG2 GSH O . 23.01 -18.60 -6.65
N3 GSH O . 24.43 -22.80 -8.58
CA3 GSH O . 24.49 -24.24 -8.72
C3 GSH O . 25.79 -24.79 -8.17
O31 GSH O . 26.29 -24.22 -7.16
O32 GSH O . 26.30 -25.79 -8.76
HN11 GSH O . 20.29 -19.03 -15.22
HN12 GSH O . 20.92 -18.27 -14.15
HA1 GSH O . 19.67 -20.65 -13.97
HB12 GSH O . 20.73 -21.04 -11.89
HB13 GSH O . 21.75 -21.15 -13.09
HG12 GSH O . 22.63 -19.07 -12.60
HG13 GSH O . 21.53 -18.82 -11.51
HN2 GSH O . 21.70 -19.78 -9.46
HA2 GSH O . 24.17 -20.34 -8.57
HB22 GSH O . 23.02 -20.91 -6.50
HB23 GSH O . 21.70 -20.42 -7.20
HSG GSH O . 23.75 -18.09 -7.46
HN3 GSH O . 25.14 -22.34 -8.43
HA31 GSH O . 24.41 -24.47 -9.67
HA32 GSH O . 23.75 -24.64 -8.24
N1 GSH P . 25.32 -3.71 11.99
CA1 GSH P . 26.62 -4.26 11.61
C1 GSH P . 26.97 -3.79 10.19
O11 GSH P . 26.06 -3.36 9.44
O12 GSH P . 28.18 -3.85 9.83
CB1 GSH P . 26.57 -5.79 11.65
CG1 GSH P . 25.54 -6.41 10.73
CD1 GSH P . 25.43 -7.92 10.91
OE1 GSH P . 24.65 -8.41 11.73
N2 GSH P . 26.22 -8.67 10.12
CA2 GSH P . 26.20 -10.12 10.22
C2 GSH P . 26.99 -10.53 11.45
O2 GSH P . 28.05 -9.96 11.74
CB2 GSH P . 26.83 -10.76 8.98
SG2 GSH P . 25.86 -10.53 7.46
N3 GSH P . 26.51 -11.53 12.17
CA3 GSH P . 27.21 -11.99 13.35
C3 GSH P . 26.79 -13.39 13.78
O31 GSH P . 26.34 -14.18 12.91
O32 GSH P . 26.90 -13.68 15.01
HN11 GSH P . 24.76 -3.80 11.31
HN12 GSH P . 25.01 -4.16 12.70
HA1 GSH P . 27.29 -3.94 12.22
HB12 GSH P . 27.45 -6.13 11.42
HB13 GSH P . 26.37 -6.06 12.56
HG12 GSH P . 25.78 -6.22 9.81
HG13 GSH P . 24.66 -6.01 10.91
HN2 GSH P . 26.75 -8.28 9.57
HA2 GSH P . 25.28 -10.41 10.31
HB22 GSH P . 26.93 -11.71 9.14
HB23 GSH P . 27.71 -10.37 8.85
HSG GSH P . 24.73 -10.24 7.75
HN3 GSH P . 25.77 -11.91 11.93
HA31 GSH P . 28.16 -12.00 13.16
HA32 GSH P . 27.03 -11.37 14.08
NA NA Q . 8.31 -14.03 6.77
N1 GSH R . -22.44 -35.20 2.47
CA1 GSH R . -21.30 -35.97 2.00
C1 GSH R . -21.06 -37.13 2.98
O11 GSH R . -21.03 -36.88 4.22
O12 GSH R . -20.90 -38.29 2.51
CB1 GSH R . -20.06 -35.07 1.93
CG1 GSH R . -20.01 -34.01 3.02
CD1 GSH R . -18.65 -33.34 3.20
OE1 GSH R . -18.51 -32.15 2.96
N2 GSH R . -17.64 -34.14 3.63
CA2 GSH R . -16.31 -33.61 3.83
C2 GSH R . -15.34 -34.24 2.83
O2 GSH R . -15.11 -35.45 2.87
CB2 GSH R . -15.83 -33.89 5.26
SG2 GSH R . -17.10 -33.61 6.52
N3 GSH R . -14.78 -33.42 1.95
CA3 GSH R . -13.86 -33.93 0.95
C3 GSH R . -13.42 -32.88 -0.07
O31 GSH R . -14.32 -32.44 -0.85
O32 GSH R . -12.22 -32.53 -0.08
HN11 GSH R . -22.84 -35.63 3.14
HN12 GSH R . -23.02 -35.11 1.80
HA1 GSH R . -21.49 -36.33 1.13
HB12 GSH R . -19.27 -35.63 2.01
HB13 GSH R . -20.05 -34.63 1.07
HG12 GSH R . -20.26 -34.41 3.87
HG13 GSH R . -20.65 -33.31 2.80
HN2 GSH R . -17.81 -34.98 3.78
HA2 GSH R . -16.33 -32.65 3.70
HB22 GSH R . -15.07 -33.31 5.44
HB23 GSH R . -15.53 -34.81 5.30
HSG GSH R . -16.89 -32.58 7.08
HN3 GSH R . -14.97 -32.57 1.96
HA31 GSH R . -13.06 -34.26 1.40
HA32 GSH R . -14.27 -34.67 0.49
NA NA S . -20.00 -13.87 9.75
N1 GSH T . -17.27 -28.25 30.75
CA1 GSH T . -16.56 -27.31 29.90
C1 GSH T . -17.53 -26.65 28.93
O11 GSH T . -17.09 -25.77 28.14
O12 GSH T . -18.74 -27.01 28.93
CB1 GSH T . -15.47 -28.05 29.13
CG1 GSH T . -15.98 -29.01 28.06
CD1 GSH T . -14.82 -29.70 27.34
OE1 GSH T . -14.15 -30.55 27.93
N2 GSH T . -14.59 -29.33 26.08
CA2 GSH T . -13.50 -29.93 25.34
C2 GSH T . -12.20 -29.54 26.04
O2 GSH T . -12.05 -28.39 26.44
CB2 GSH T . -13.43 -29.44 23.89
SG2 GSH T . -14.96 -29.66 22.95
N3 GSH T . -11.29 -30.51 26.18
CA3 GSH T . -10.03 -30.21 26.84
C3 GSH T . -8.87 -31.04 26.30
O31 GSH T . -8.77 -31.16 25.05
O32 GSH T . -8.06 -31.54 27.13
HN11 GSH T . -17.80 -27.81 31.32
HN12 GSH T . -16.69 -28.74 31.21
HA1 GSH T . -16.16 -26.62 30.47
HB12 GSH T . -14.90 -27.38 28.70
HB13 GSH T . -14.93 -28.54 29.76
HG12 GSH T . -16.50 -28.52 27.41
HG13 GSH T . -16.54 -29.67 28.48
HN2 GSH T . -15.08 -28.73 25.70
HA2 GSH T . -13.60 -30.90 25.35
HB22 GSH T . -12.72 -29.93 23.44
HB23 GSH T . -13.19 -28.51 23.90
HSG GSH T . -15.11 -30.82 22.69
HN3 GSH T . -11.44 -31.29 25.88
HA31 GSH T . -9.83 -29.27 26.72
HA32 GSH T . -10.12 -30.39 27.79
NA NA U . -21.37 -46.76 22.62
N1 GSH V . 18.75 28.04 -29.01
CA1 GSH V . 17.33 27.72 -29.12
C1 GSH V . 16.51 29.00 -29.32
O11 GSH V . 17.08 29.99 -29.82
O12 GSH V . 15.30 29.00 -28.98
CB1 GSH V . 16.89 27.00 -27.83
CG1 GSH V . 17.00 27.81 -26.54
CD1 GSH V . 15.84 27.53 -25.59
OE1 GSH V . 15.35 26.39 -25.55
N2 GSH V . 15.41 28.55 -24.84
CA2 GSH V . 14.32 28.34 -23.91
C2 GSH V . 12.99 28.42 -24.67
O2 GSH V . 12.89 29.17 -25.65
CB2 GSH V . 14.28 29.40 -22.79
SG2 GSH V . 15.93 29.90 -22.23
N3 GSH V . 12.02 27.65 -24.21
CA3 GSH V . 10.71 27.63 -24.86
C3 GSH V . 9.57 27.61 -23.85
O31 GSH V . 8.40 27.81 -24.27
O32 GSH V . 9.88 27.39 -22.64
HN11 GSH V . 18.91 28.78 -29.48
HN12 GSH V . 19.23 27.37 -29.34
HA1 GSH V . 17.20 27.13 -29.87
HB12 GSH V . 15.95 26.73 -27.95
HB13 GSH V . 17.42 26.19 -27.74
HG12 GSH V . 16.99 28.76 -26.77
HG13 GSH V . 17.83 27.60 -26.11
HN2 GSH V . 15.79 29.32 -24.90
HA2 GSH V . 14.39 27.47 -23.50
HB22 GSH V . 13.79 29.03 -22.04
HB23 GSH V . 13.83 30.18 -23.12
HSG GSH V . 16.49 28.96 -21.70
HN3 GSH V . 12.16 27.15 -23.53
HA31 GSH V . 10.63 28.42 -25.42
HA32 GSH V . 10.65 26.85 -25.42
N1 GSH W . 21.89 37.97 0.21
CA1 GSH W . 20.98 36.88 0.47
C1 GSH W . 21.54 35.58 -0.08
O11 GSH W . 22.66 35.60 -0.67
O12 GSH W . 20.86 34.53 0.04
CB1 GSH W . 19.65 37.18 -0.21
CG1 GSH W . 19.75 37.35 -1.73
CD1 GSH W . 18.39 37.62 -2.35
OE1 GSH W . 17.85 38.72 -2.23
N2 GSH W . 17.84 36.61 -3.04
CA2 GSH W . 16.54 36.77 -3.66
C2 GSH W . 15.53 36.91 -2.52
O2 GSH W . 15.61 36.17 -1.55
CB2 GSH W . 16.16 35.57 -4.52
SG2 GSH W . 17.06 35.48 -6.09
N3 GSH W . 14.61 37.85 -2.66
CA3 GSH W . 13.60 38.06 -1.62
C3 GSH W . 12.20 38.28 -2.19
O31 GSH W . 11.45 39.08 -1.57
O32 GSH W . 11.88 37.67 -3.24
HN11 GSH W . 22.54 37.97 0.84
HN12 GSH W . 21.45 38.75 0.25
HA1 GSH W . 20.84 36.79 1.43
HB12 GSH W . 19.03 36.45 -0.02
HB13 GSH W . 19.28 38.00 0.17
HG12 GSH W . 20.12 36.53 -2.11
HG13 GSH W . 20.35 38.08 -1.93
HN2 GSH W . 18.26 35.85 -3.10
HA2 GSH W . 16.54 37.58 -4.19
HB22 GSH W . 15.21 35.61 -4.70
HB23 GSH W . 16.34 34.76 -4.01
HSG GSH W . 16.31 35.18 -6.97
HN3 GSH W . 14.60 38.35 -3.36
HA31 GSH W . 13.59 37.28 -1.05
HA32 GSH W . 13.85 38.83 -1.09
NA NA X . 18.98 49.62 -19.08
#